data_1ELR
# 
_entry.id   1ELR 
# 
_audit_conform.dict_name       mmcif_pdbx.dic 
_audit_conform.dict_version    5.398 
_audit_conform.dict_location   http://mmcif.pdb.org/dictionaries/ascii/mmcif_pdbx.dic 
# 
loop_
_database_2.database_id 
_database_2.database_code 
_database_2.pdbx_database_accession 
_database_2.pdbx_DOI 
PDB   1ELR         pdb_00001elr 10.2210/pdb1elr/pdb 
RCSB  RCSB010709   ?            ?                   
WWPDB D_1000010709 ?            ?                   
# 
loop_
_pdbx_audit_revision_history.ordinal 
_pdbx_audit_revision_history.data_content_type 
_pdbx_audit_revision_history.major_revision 
_pdbx_audit_revision_history.minor_revision 
_pdbx_audit_revision_history.revision_date 
1 'Structure model' 1 0 2000-04-26 
2 'Structure model' 1 1 2008-04-27 
3 'Structure model' 1 2 2011-07-13 
4 'Structure model' 1 3 2017-10-04 
5 'Structure model' 1 4 2024-11-13 
# 
_pdbx_audit_revision_details.ordinal             1 
_pdbx_audit_revision_details.revision_ordinal    1 
_pdbx_audit_revision_details.data_content_type   'Structure model' 
_pdbx_audit_revision_details.provider            repository 
_pdbx_audit_revision_details.type                'Initial release' 
_pdbx_audit_revision_details.description         ? 
_pdbx_audit_revision_details.details             ? 
# 
loop_
_pdbx_audit_revision_group.ordinal 
_pdbx_audit_revision_group.revision_ordinal 
_pdbx_audit_revision_group.data_content_type 
_pdbx_audit_revision_group.group 
1 2 'Structure model' 'Version format compliance' 
2 3 'Structure model' 'Version format compliance' 
3 4 'Structure model' 'Refinement description'    
4 5 'Structure model' 'Data collection'           
5 5 'Structure model' 'Database references'       
6 5 'Structure model' 'Derived calculations'      
7 5 'Structure model' 'Structure summary'         
# 
loop_
_pdbx_audit_revision_category.ordinal 
_pdbx_audit_revision_category.revision_ordinal 
_pdbx_audit_revision_category.data_content_type 
_pdbx_audit_revision_category.category 
1  4 'Structure model' software                  
2  5 'Structure model' chem_comp_atom            
3  5 'Structure model' chem_comp_bond            
4  5 'Structure model' database_2                
5  5 'Structure model' pdbx_entry_details        
6  5 'Structure model' pdbx_modification_feature 
7  5 'Structure model' pdbx_struct_conn_angle    
8  5 'Structure model' struct_conn               
9  5 'Structure model' struct_ref_seq_dif        
10 5 'Structure model' struct_site               
# 
loop_
_pdbx_audit_revision_item.ordinal 
_pdbx_audit_revision_item.revision_ordinal 
_pdbx_audit_revision_item.data_content_type 
_pdbx_audit_revision_item.item 
1  5 'Structure model' '_database_2.pdbx_DOI'                        
2  5 'Structure model' '_database_2.pdbx_database_accession'         
3  5 'Structure model' '_pdbx_struct_conn_angle.ptnr1_auth_comp_id'  
4  5 'Structure model' '_pdbx_struct_conn_angle.ptnr1_auth_seq_id'   
5  5 'Structure model' '_pdbx_struct_conn_angle.ptnr1_label_asym_id' 
6  5 'Structure model' '_pdbx_struct_conn_angle.ptnr1_label_atom_id' 
7  5 'Structure model' '_pdbx_struct_conn_angle.ptnr1_label_comp_id' 
8  5 'Structure model' '_pdbx_struct_conn_angle.ptnr1_label_seq_id'  
9  5 'Structure model' '_pdbx_struct_conn_angle.ptnr3_auth_comp_id'  
10 5 'Structure model' '_pdbx_struct_conn_angle.ptnr3_auth_seq_id'   
11 5 'Structure model' '_pdbx_struct_conn_angle.ptnr3_label_asym_id' 
12 5 'Structure model' '_pdbx_struct_conn_angle.ptnr3_label_atom_id' 
13 5 'Structure model' '_pdbx_struct_conn_angle.ptnr3_label_comp_id' 
14 5 'Structure model' '_pdbx_struct_conn_angle.ptnr3_label_seq_id'  
15 5 'Structure model' '_pdbx_struct_conn_angle.value'               
16 5 'Structure model' '_struct_conn.pdbx_dist_value'                
17 5 'Structure model' '_struct_conn.pdbx_leaving_atom_flag'         
18 5 'Structure model' '_struct_conn.ptnr1_auth_comp_id'             
19 5 'Structure model' '_struct_conn.ptnr1_auth_seq_id'              
20 5 'Structure model' '_struct_conn.ptnr1_label_asym_id'            
21 5 'Structure model' '_struct_conn.ptnr1_label_atom_id'            
22 5 'Structure model' '_struct_conn.ptnr1_label_comp_id'            
23 5 'Structure model' '_struct_conn.ptnr2_auth_comp_id'             
24 5 'Structure model' '_struct_conn.ptnr2_auth_seq_id'              
25 5 'Structure model' '_struct_conn.ptnr2_label_asym_id'            
26 5 'Structure model' '_struct_conn.ptnr2_label_atom_id'            
27 5 'Structure model' '_struct_conn.ptnr2_label_comp_id'            
28 5 'Structure model' '_struct_conn.ptnr2_label_seq_id'             
29 5 'Structure model' '_struct_ref_seq_dif.details'                 
30 5 'Structure model' '_struct_site.pdbx_auth_asym_id'              
31 5 'Structure model' '_struct_site.pdbx_auth_comp_id'              
32 5 'Structure model' '_struct_site.pdbx_auth_seq_id'               
# 
_pdbx_database_status.status_code                     REL 
_pdbx_database_status.entry_id                        1ELR 
_pdbx_database_status.recvd_initial_deposition_date   2000-03-14 
_pdbx_database_status.deposit_site                    RCSB 
_pdbx_database_status.process_site                    RCSB 
_pdbx_database_status.status_code_sf                  REL 
_pdbx_database_status.status_code_mr                  ? 
_pdbx_database_status.SG_entry                        ? 
_pdbx_database_status.pdb_format_compatible           Y 
_pdbx_database_status.status_code_cs                  ? 
_pdbx_database_status.methods_development_category    ? 
_pdbx_database_status.status_code_nmr_data            ? 
# 
_pdbx_database_related.db_name        PDB 
_pdbx_database_related.db_id          1ELW 
_pdbx_database_related.details        . 
_pdbx_database_related.content_type   unspecified 
# 
loop_
_audit_author.name 
_audit_author.pdbx_ordinal 
'Scheufler, C.' 1 
'Brinker, A.'   2 
'Hartl, F.U.'   3 
'Moarefi, I.'   4 
# 
_citation.id                        primary 
_citation.title                     
'Structure of TPR domain-peptide complexes: critical elements in the assembly of the Hsp70-Hsp90 multichaperone machine.' 
_citation.journal_abbrev            'Cell(Cambridge,Mass.)' 
_citation.journal_volume            101 
_citation.page_first                199 
_citation.page_last                 210 
_citation.year                      2000 
_citation.journal_id_ASTM           CELLB5 
_citation.country                   US 
_citation.journal_id_ISSN           0092-8674 
_citation.journal_id_CSD            0998 
_citation.book_publisher            ? 
_citation.pdbx_database_id_PubMed   10786835 
_citation.pdbx_database_id_DOI      '10.1016/S0092-8674(00)80830-2' 
# 
loop_
_citation_author.citation_id 
_citation_author.name 
_citation_author.ordinal 
_citation_author.identifier_ORCID 
primary 'Scheufler, C.' 1 ? 
primary 'Brinker, A.'   2 ? 
primary 'Bourenkov, G.' 3 ? 
primary 'Pegoraro, S.'  4 ? 
primary 'Moroder, L.'   5 ? 
primary 'Bartunik, H.'  6 ? 
primary 'Hartl, F.U.'   7 ? 
primary 'Moarefi, I.'   8 ? 
# 
loop_
_entity.id 
_entity.type 
_entity.src_method 
_entity.pdbx_description 
_entity.formula_weight 
_entity.pdbx_number_of_molecules 
_entity.pdbx_ec 
_entity.pdbx_mutation 
_entity.pdbx_fragment 
_entity.details 
1 polymer     man 'TPR2A-DOMAIN OF HOP' 15524.575 1   ? ? 'MIDDLE DOMAIN'           ? 
2 polymer     syn 'HSP90-PEPTIDE MEEVD' 647.695   1   ? ? 'C-TERMINAL PENTAPEPTIDE' ? 
3 non-polymer syn 'NICKEL (II) ION'     58.693    1   ? ? ?                         ? 
4 water       nat water                 18.015    151 ? ? ?                         ? 
# 
loop_
_entity_poly.entity_id 
_entity_poly.type 
_entity_poly.nstd_linkage 
_entity_poly.nstd_monomer 
_entity_poly.pdbx_seq_one_letter_code 
_entity_poly.pdbx_seq_one_letter_code_can 
_entity_poly.pdbx_strand_id 
_entity_poly.pdbx_target_identifier 
1 'polypeptide(L)' no no  
;GKQALKEKELGNDAYKKKDFDTALKHYDKAKELDPTNMTYITNQAAVYFEKGDYNKCRELCEKAIEVGRENREDYRQIAK
AYARIGNSYFKEEKYKDAIHFYNKSLAEHRTPDVLKKCQQAEKILKEQERL
;
;GKQALKEKELGNDAYKKKDFDTALKHYDKAKELDPTNMTYITNQAAVYFEKGDYNKCRELCEKAIEVGRENREDYRQIAK
AYARIGNSYFKEEKYKDAIHFYNKSLAEHRTPDVLKKCQQAEKILKEQERL
;
A ? 
2 'polypeptide(L)' no yes '(ACE)MEEVD' XMEEVD B ? 
# 
loop_
_pdbx_entity_nonpoly.entity_id 
_pdbx_entity_nonpoly.name 
_pdbx_entity_nonpoly.comp_id 
3 'NICKEL (II) ION' NI  
4 water             HOH 
# 
loop_
_entity_poly_seq.entity_id 
_entity_poly_seq.num 
_entity_poly_seq.mon_id 
_entity_poly_seq.hetero 
1 1   GLY n 
1 2   LYS n 
1 3   GLN n 
1 4   ALA n 
1 5   LEU n 
1 6   LYS n 
1 7   GLU n 
1 8   LYS n 
1 9   GLU n 
1 10  LEU n 
1 11  GLY n 
1 12  ASN n 
1 13  ASP n 
1 14  ALA n 
1 15  TYR n 
1 16  LYS n 
1 17  LYS n 
1 18  LYS n 
1 19  ASP n 
1 20  PHE n 
1 21  ASP n 
1 22  THR n 
1 23  ALA n 
1 24  LEU n 
1 25  LYS n 
1 26  HIS n 
1 27  TYR n 
1 28  ASP n 
1 29  LYS n 
1 30  ALA n 
1 31  LYS n 
1 32  GLU n 
1 33  LEU n 
1 34  ASP n 
1 35  PRO n 
1 36  THR n 
1 37  ASN n 
1 38  MET n 
1 39  THR n 
1 40  TYR n 
1 41  ILE n 
1 42  THR n 
1 43  ASN n 
1 44  GLN n 
1 45  ALA n 
1 46  ALA n 
1 47  VAL n 
1 48  TYR n 
1 49  PHE n 
1 50  GLU n 
1 51  LYS n 
1 52  GLY n 
1 53  ASP n 
1 54  TYR n 
1 55  ASN n 
1 56  LYS n 
1 57  CYS n 
1 58  ARG n 
1 59  GLU n 
1 60  LEU n 
1 61  CYS n 
1 62  GLU n 
1 63  LYS n 
1 64  ALA n 
1 65  ILE n 
1 66  GLU n 
1 67  VAL n 
1 68  GLY n 
1 69  ARG n 
1 70  GLU n 
1 71  ASN n 
1 72  ARG n 
1 73  GLU n 
1 74  ASP n 
1 75  TYR n 
1 76  ARG n 
1 77  GLN n 
1 78  ILE n 
1 79  ALA n 
1 80  LYS n 
1 81  ALA n 
1 82  TYR n 
1 83  ALA n 
1 84  ARG n 
1 85  ILE n 
1 86  GLY n 
1 87  ASN n 
1 88  SER n 
1 89  TYR n 
1 90  PHE n 
1 91  LYS n 
1 92  GLU n 
1 93  GLU n 
1 94  LYS n 
1 95  TYR n 
1 96  LYS n 
1 97  ASP n 
1 98  ALA n 
1 99  ILE n 
1 100 HIS n 
1 101 PHE n 
1 102 TYR n 
1 103 ASN n 
1 104 LYS n 
1 105 SER n 
1 106 LEU n 
1 107 ALA n 
1 108 GLU n 
1 109 HIS n 
1 110 ARG n 
1 111 THR n 
1 112 PRO n 
1 113 ASP n 
1 114 VAL n 
1 115 LEU n 
1 116 LYS n 
1 117 LYS n 
1 118 CYS n 
1 119 GLN n 
1 120 GLN n 
1 121 ALA n 
1 122 GLU n 
1 123 LYS n 
1 124 ILE n 
1 125 LEU n 
1 126 LYS n 
1 127 GLU n 
1 128 GLN n 
1 129 GLU n 
1 130 ARG n 
1 131 LEU n 
2 1   ACE n 
2 2   MET n 
2 3   GLU n 
2 4   GLU n 
2 5   VAL n 
2 6   ASP n 
# 
_entity_src_gen.entity_id                          1 
_entity_src_gen.pdbx_src_id                        1 
_entity_src_gen.pdbx_alt_source_flag               sample 
_entity_src_gen.pdbx_seq_type                      ? 
_entity_src_gen.pdbx_beg_seq_num                   ? 
_entity_src_gen.pdbx_end_seq_num                   ? 
_entity_src_gen.gene_src_common_name               human 
_entity_src_gen.gene_src_genus                     Homo 
_entity_src_gen.pdbx_gene_src_gene                 ? 
_entity_src_gen.gene_src_species                   ? 
_entity_src_gen.gene_src_strain                    ? 
_entity_src_gen.gene_src_tissue                    ? 
_entity_src_gen.gene_src_tissue_fraction           ? 
_entity_src_gen.gene_src_details                   ? 
_entity_src_gen.pdbx_gene_src_fragment             ? 
_entity_src_gen.pdbx_gene_src_scientific_name      'Homo sapiens' 
_entity_src_gen.pdbx_gene_src_ncbi_taxonomy_id     9606 
_entity_src_gen.pdbx_gene_src_variant              ? 
_entity_src_gen.pdbx_gene_src_cell_line            ? 
_entity_src_gen.pdbx_gene_src_atcc                 ? 
_entity_src_gen.pdbx_gene_src_organ                ? 
_entity_src_gen.pdbx_gene_src_organelle            ? 
_entity_src_gen.pdbx_gene_src_cell                 ? 
_entity_src_gen.pdbx_gene_src_cellular_location    ? 
_entity_src_gen.host_org_common_name               ? 
_entity_src_gen.pdbx_host_org_scientific_name      'Escherichia coli' 
_entity_src_gen.pdbx_host_org_ncbi_taxonomy_id     562 
_entity_src_gen.host_org_genus                     Escherichia 
_entity_src_gen.pdbx_host_org_gene                 ? 
_entity_src_gen.pdbx_host_org_organ                ? 
_entity_src_gen.host_org_species                   ? 
_entity_src_gen.pdbx_host_org_tissue               ? 
_entity_src_gen.pdbx_host_org_tissue_fraction      ? 
_entity_src_gen.pdbx_host_org_strain               ? 
_entity_src_gen.pdbx_host_org_variant              ? 
_entity_src_gen.pdbx_host_org_cell_line            ? 
_entity_src_gen.pdbx_host_org_atcc                 ? 
_entity_src_gen.pdbx_host_org_culture_collection   ? 
_entity_src_gen.pdbx_host_org_cell                 ? 
_entity_src_gen.pdbx_host_org_organelle            ? 
_entity_src_gen.pdbx_host_org_cellular_location    ? 
_entity_src_gen.pdbx_host_org_vector_type          ? 
_entity_src_gen.pdbx_host_org_vector               ? 
_entity_src_gen.host_org_details                   ? 
_entity_src_gen.expression_system_id               ? 
_entity_src_gen.plasmid_name                       'PPRO EX HTA' 
_entity_src_gen.plasmid_details                    ? 
_entity_src_gen.pdbx_description                   ? 
# 
_pdbx_entity_src_syn.entity_id              2 
_pdbx_entity_src_syn.pdbx_src_id            1 
_pdbx_entity_src_syn.pdbx_alt_source_flag   sample 
_pdbx_entity_src_syn.pdbx_beg_seq_num       ? 
_pdbx_entity_src_syn.pdbx_end_seq_num       ? 
_pdbx_entity_src_syn.organism_scientific    ? 
_pdbx_entity_src_syn.organism_common_name   ? 
_pdbx_entity_src_syn.ncbi_taxonomy_id       ? 
_pdbx_entity_src_syn.details                'This sequence occurs naturally in humans' 
# 
loop_
_chem_comp.id 
_chem_comp.type 
_chem_comp.mon_nstd_flag 
_chem_comp.name 
_chem_comp.pdbx_synonyms 
_chem_comp.formula 
_chem_comp.formula_weight 
ACE non-polymer         . 'ACETYL GROUP'    ? 'C2 H4 O'        44.053  
ALA 'L-peptide linking' y ALANINE           ? 'C3 H7 N O2'     89.093  
ARG 'L-peptide linking' y ARGININE          ? 'C6 H15 N4 O2 1' 175.209 
ASN 'L-peptide linking' y ASPARAGINE        ? 'C4 H8 N2 O3'    132.118 
ASP 'L-peptide linking' y 'ASPARTIC ACID'   ? 'C4 H7 N O4'     133.103 
CYS 'L-peptide linking' y CYSTEINE          ? 'C3 H7 N O2 S'   121.158 
GLN 'L-peptide linking' y GLUTAMINE         ? 'C5 H10 N2 O3'   146.144 
GLU 'L-peptide linking' y 'GLUTAMIC ACID'   ? 'C5 H9 N O4'     147.129 
GLY 'peptide linking'   y GLYCINE           ? 'C2 H5 N O2'     75.067  
HIS 'L-peptide linking' y HISTIDINE         ? 'C6 H10 N3 O2 1' 156.162 
HOH non-polymer         . WATER             ? 'H2 O'           18.015  
ILE 'L-peptide linking' y ISOLEUCINE        ? 'C6 H13 N O2'    131.173 
LEU 'L-peptide linking' y LEUCINE           ? 'C6 H13 N O2'    131.173 
LYS 'L-peptide linking' y LYSINE            ? 'C6 H15 N2 O2 1' 147.195 
MET 'L-peptide linking' y METHIONINE        ? 'C5 H11 N O2 S'  149.211 
NI  non-polymer         . 'NICKEL (II) ION' ? 'Ni 2'           58.693  
PHE 'L-peptide linking' y PHENYLALANINE     ? 'C9 H11 N O2'    165.189 
PRO 'L-peptide linking' y PROLINE           ? 'C5 H9 N O2'     115.130 
SER 'L-peptide linking' y SERINE            ? 'C3 H7 N O3'     105.093 
THR 'L-peptide linking' y THREONINE         ? 'C4 H9 N O3'     119.119 
TYR 'L-peptide linking' y TYROSINE          ? 'C9 H11 N O3'    181.189 
VAL 'L-peptide linking' y VALINE            ? 'C5 H11 N O2'    117.146 
# 
loop_
_pdbx_poly_seq_scheme.asym_id 
_pdbx_poly_seq_scheme.entity_id 
_pdbx_poly_seq_scheme.seq_id 
_pdbx_poly_seq_scheme.mon_id 
_pdbx_poly_seq_scheme.ndb_seq_num 
_pdbx_poly_seq_scheme.pdb_seq_num 
_pdbx_poly_seq_scheme.auth_seq_num 
_pdbx_poly_seq_scheme.pdb_mon_id 
_pdbx_poly_seq_scheme.auth_mon_id 
_pdbx_poly_seq_scheme.pdb_strand_id 
_pdbx_poly_seq_scheme.pdb_ins_code 
_pdbx_poly_seq_scheme.hetero 
A 1 1   GLY 1   222 222 GLY GLY A . n 
A 1 2   LYS 2   223 223 LYS LYS A . n 
A 1 3   GLN 3   224 224 GLN GLN A . n 
A 1 4   ALA 4   225 225 ALA ALA A . n 
A 1 5   LEU 5   226 226 LEU LEU A . n 
A 1 6   LYS 6   227 227 LYS LYS A . n 
A 1 7   GLU 7   228 228 GLU GLU A . n 
A 1 8   LYS 8   229 229 LYS LYS A . n 
A 1 9   GLU 9   230 230 GLU GLU A . n 
A 1 10  LEU 10  231 231 LEU LEU A . n 
A 1 11  GLY 11  232 232 GLY GLY A . n 
A 1 12  ASN 12  233 233 ASN ASN A . n 
A 1 13  ASP 13  234 234 ASP ASP A . n 
A 1 14  ALA 14  235 235 ALA ALA A . n 
A 1 15  TYR 15  236 236 TYR TYR A . n 
A 1 16  LYS 16  237 237 LYS LYS A . n 
A 1 17  LYS 17  238 238 LYS LYS A . n 
A 1 18  LYS 18  239 239 LYS LYS A . n 
A 1 19  ASP 19  240 240 ASP ASP A . n 
A 1 20  PHE 20  241 241 PHE PHE A . n 
A 1 21  ASP 21  242 242 ASP ASP A . n 
A 1 22  THR 22  243 243 THR THR A . n 
A 1 23  ALA 23  244 244 ALA ALA A . n 
A 1 24  LEU 24  245 245 LEU LEU A . n 
A 1 25  LYS 25  246 246 LYS LYS A . n 
A 1 26  HIS 26  247 247 HIS HIS A . n 
A 1 27  TYR 27  248 248 TYR TYR A . n 
A 1 28  ASP 28  249 249 ASP ASP A . n 
A 1 29  LYS 29  250 250 LYS LYS A . n 
A 1 30  ALA 30  251 251 ALA ALA A . n 
A 1 31  LYS 31  252 252 LYS LYS A . n 
A 1 32  GLU 32  253 253 GLU GLU A . n 
A 1 33  LEU 33  254 254 LEU LEU A . n 
A 1 34  ASP 34  255 255 ASP ASP A . n 
A 1 35  PRO 35  256 256 PRO PRO A . n 
A 1 36  THR 36  257 257 THR THR A . n 
A 1 37  ASN 37  258 258 ASN ASN A . n 
A 1 38  MET 38  259 259 MET MET A . n 
A 1 39  THR 39  260 260 THR THR A . n 
A 1 40  TYR 40  261 261 TYR TYR A . n 
A 1 41  ILE 41  262 262 ILE ILE A . n 
A 1 42  THR 42  263 263 THR THR A . n 
A 1 43  ASN 43  264 264 ASN ASN A . n 
A 1 44  GLN 44  265 265 GLN GLN A . n 
A 1 45  ALA 45  266 266 ALA ALA A . n 
A 1 46  ALA 46  267 267 ALA ALA A . n 
A 1 47  VAL 47  268 268 VAL VAL A . n 
A 1 48  TYR 48  269 269 TYR TYR A . n 
A 1 49  PHE 49  270 270 PHE PHE A . n 
A 1 50  GLU 50  271 271 GLU GLU A . n 
A 1 51  LYS 51  272 272 LYS LYS A . n 
A 1 52  GLY 52  273 273 GLY GLY A . n 
A 1 53  ASP 53  274 274 ASP ASP A . n 
A 1 54  TYR 54  275 275 TYR TYR A . n 
A 1 55  ASN 55  276 276 ASN ASN A . n 
A 1 56  LYS 56  277 277 LYS LYS A . n 
A 1 57  CYS 57  278 278 CYS CYS A . n 
A 1 58  ARG 58  279 279 ARG ARG A . n 
A 1 59  GLU 59  280 280 GLU GLU A . n 
A 1 60  LEU 60  281 281 LEU LEU A . n 
A 1 61  CYS 61  282 282 CYS CYS A . n 
A 1 62  GLU 62  283 283 GLU GLU A . n 
A 1 63  LYS 63  284 284 LYS LYS A . n 
A 1 64  ALA 64  285 285 ALA ALA A . n 
A 1 65  ILE 65  286 286 ILE ILE A . n 
A 1 66  GLU 66  287 287 GLU GLU A . n 
A 1 67  VAL 67  288 288 VAL VAL A . n 
A 1 68  GLY 68  289 289 GLY GLY A . n 
A 1 69  ARG 69  290 290 ARG ARG A . n 
A 1 70  GLU 70  291 291 GLU GLU A . n 
A 1 71  ASN 71  292 292 ASN ASN A . n 
A 1 72  ARG 72  293 293 ARG ARG A . n 
A 1 73  GLU 73  294 294 GLU GLU A . n 
A 1 74  ASP 74  295 295 ASP ASP A . n 
A 1 75  TYR 75  296 296 TYR TYR A . n 
A 1 76  ARG 76  297 297 ARG ARG A . n 
A 1 77  GLN 77  298 298 GLN GLN A . n 
A 1 78  ILE 78  299 299 ILE ILE A . n 
A 1 79  ALA 79  300 300 ALA ALA A . n 
A 1 80  LYS 80  301 301 LYS LYS A . n 
A 1 81  ALA 81  302 302 ALA ALA A . n 
A 1 82  TYR 82  303 303 TYR TYR A . n 
A 1 83  ALA 83  304 304 ALA ALA A . n 
A 1 84  ARG 84  305 305 ARG ARG A . n 
A 1 85  ILE 85  306 306 ILE ILE A . n 
A 1 86  GLY 86  307 307 GLY GLY A . n 
A 1 87  ASN 87  308 308 ASN ASN A . n 
A 1 88  SER 88  309 309 SER SER A . n 
A 1 89  TYR 89  310 310 TYR TYR A . n 
A 1 90  PHE 90  311 311 PHE PHE A . n 
A 1 91  LYS 91  312 312 LYS LYS A . n 
A 1 92  GLU 92  313 313 GLU GLU A . n 
A 1 93  GLU 93  314 314 GLU GLU A . n 
A 1 94  LYS 94  315 315 LYS LYS A . n 
A 1 95  TYR 95  316 316 TYR TYR A . n 
A 1 96  LYS 96  317 317 LYS LYS A . n 
A 1 97  ASP 97  318 318 ASP ASP A . n 
A 1 98  ALA 98  319 319 ALA ALA A . n 
A 1 99  ILE 99  320 320 ILE ILE A . n 
A 1 100 HIS 100 321 321 HIS HIS A . n 
A 1 101 PHE 101 322 322 PHE PHE A . n 
A 1 102 TYR 102 323 323 TYR TYR A . n 
A 1 103 ASN 103 324 324 ASN ASN A . n 
A 1 104 LYS 104 325 325 LYS LYS A . n 
A 1 105 SER 105 326 326 SER SER A . n 
A 1 106 LEU 106 327 327 LEU LEU A . n 
A 1 107 ALA 107 328 328 ALA ALA A . n 
A 1 108 GLU 108 329 329 GLU GLU A . n 
A 1 109 HIS 109 330 330 HIS HIS A . n 
A 1 110 ARG 110 331 331 ARG ARG A . n 
A 1 111 THR 111 332 332 THR THR A . n 
A 1 112 PRO 112 333 333 PRO PRO A . n 
A 1 113 ASP 113 334 334 ASP ASP A . n 
A 1 114 VAL 114 335 335 VAL VAL A . n 
A 1 115 LEU 115 336 336 LEU LEU A . n 
A 1 116 LYS 116 337 337 LYS LYS A . n 
A 1 117 LYS 117 338 338 LYS LYS A . n 
A 1 118 CYS 118 339 339 CYS CYS A . n 
A 1 119 GLN 119 340 340 GLN GLN A . n 
A 1 120 GLN 120 341 341 GLN GLN A . n 
A 1 121 ALA 121 342 342 ALA ALA A . n 
A 1 122 GLU 122 343 343 GLU GLU A . n 
A 1 123 LYS 123 344 344 LYS LYS A . n 
A 1 124 ILE 124 345 345 ILE ILE A . n 
A 1 125 LEU 125 346 346 LEU LEU A . n 
A 1 126 LYS 126 347 347 LYS LYS A . n 
A 1 127 GLU 127 348 348 GLU GLU A . n 
A 1 128 GLN 128 349 349 GLN GLN A . n 
A 1 129 GLU 129 350 ?   ?   ?   A . n 
A 1 130 ARG 130 351 ?   ?   ?   A . n 
A 1 131 LEU 131 352 ?   ?   ?   A . n 
B 2 1   ACE 1   0   0   ACE ACE B . n 
B 2 2   MET 2   1   1   MET MET B . n 
B 2 3   GLU 3   2   2   GLU GLU B . n 
B 2 4   GLU 4   3   3   GLU GLU B . n 
B 2 5   VAL 5   4   4   VAL VAL B . n 
B 2 6   ASP 6   5   5   ASP ASP B . n 
# 
loop_
_pdbx_nonpoly_scheme.asym_id 
_pdbx_nonpoly_scheme.entity_id 
_pdbx_nonpoly_scheme.mon_id 
_pdbx_nonpoly_scheme.ndb_seq_num 
_pdbx_nonpoly_scheme.pdb_seq_num 
_pdbx_nonpoly_scheme.auth_seq_num 
_pdbx_nonpoly_scheme.pdb_mon_id 
_pdbx_nonpoly_scheme.auth_mon_id 
_pdbx_nonpoly_scheme.pdb_strand_id 
_pdbx_nonpoly_scheme.pdb_ins_code 
C 3 NI  1   200 1   NI  NI  A . 
D 4 HOH 1   1   1   HOH HOH A . 
D 4 HOH 2   2   2   HOH HOH A . 
D 4 HOH 3   3   3   HOH HOH A . 
D 4 HOH 4   4   4   HOH HOH A . 
D 4 HOH 5   5   5   HOH HOH A . 
D 4 HOH 6   6   6   HOH HOH A . 
D 4 HOH 7   7   7   HOH HOH A . 
D 4 HOH 8   8   8   HOH HOH A . 
D 4 HOH 9   9   9   HOH HOH A . 
D 4 HOH 10  10  10  HOH HOH A . 
D 4 HOH 11  11  11  HOH HOH A . 
D 4 HOH 12  12  12  HOH HOH A . 
D 4 HOH 13  13  13  HOH HOH A . 
D 4 HOH 14  14  14  HOH HOH A . 
D 4 HOH 15  15  15  HOH HOH A . 
D 4 HOH 16  16  16  HOH HOH A . 
D 4 HOH 17  18  18  HOH HOH A . 
D 4 HOH 18  19  19  HOH HOH A . 
D 4 HOH 19  20  20  HOH HOH A . 
D 4 HOH 20  21  21  HOH HOH A . 
D 4 HOH 21  22  22  HOH HOH A . 
D 4 HOH 22  23  23  HOH HOH A . 
D 4 HOH 23  24  24  HOH HOH A . 
D 4 HOH 24  26  26  HOH HOH A . 
D 4 HOH 25  27  27  HOH HOH A . 
D 4 HOH 26  28  28  HOH HOH A . 
D 4 HOH 27  29  29  HOH HOH A . 
D 4 HOH 28  30  30  HOH HOH A . 
D 4 HOH 29  31  31  HOH HOH A . 
D 4 HOH 30  32  32  HOH HOH A . 
D 4 HOH 31  33  33  HOH HOH A . 
D 4 HOH 32  35  35  HOH HOH A . 
D 4 HOH 33  36  36  HOH HOH A . 
D 4 HOH 34  37  37  HOH HOH A . 
D 4 HOH 35  39  39  HOH HOH A . 
D 4 HOH 36  40  40  HOH HOH A . 
D 4 HOH 37  41  41  HOH HOH A . 
D 4 HOH 38  42  42  HOH HOH A . 
D 4 HOH 39  43  43  HOH HOH A . 
D 4 HOH 40  44  44  HOH HOH A . 
D 4 HOH 41  45  45  HOH HOH A . 
D 4 HOH 42  46  46  HOH HOH A . 
D 4 HOH 43  47  47  HOH HOH A . 
D 4 HOH 44  48  48  HOH HOH A . 
D 4 HOH 45  49  49  HOH HOH A . 
D 4 HOH 46  50  50  HOH HOH A . 
D 4 HOH 47  51  51  HOH HOH A . 
D 4 HOH 48  52  52  HOH HOH A . 
D 4 HOH 49  53  53  HOH HOH A . 
D 4 HOH 50  54  54  HOH HOH A . 
D 4 HOH 51  55  55  HOH HOH A . 
D 4 HOH 52  56  56  HOH HOH A . 
D 4 HOH 53  57  57  HOH HOH A . 
D 4 HOH 54  58  58  HOH HOH A . 
D 4 HOH 55  59  59  HOH HOH A . 
D 4 HOH 56  60  60  HOH HOH A . 
D 4 HOH 57  61  61  HOH HOH A . 
D 4 HOH 58  62  62  HOH HOH A . 
D 4 HOH 59  63  63  HOH HOH A . 
D 4 HOH 60  64  64  HOH HOH A . 
D 4 HOH 61  65  65  HOH HOH A . 
D 4 HOH 62  66  66  HOH HOH A . 
D 4 HOH 63  67  67  HOH HOH A . 
D 4 HOH 64  68  68  HOH HOH A . 
D 4 HOH 65  69  69  HOH HOH A . 
D 4 HOH 66  70  70  HOH HOH A . 
D 4 HOH 67  71  71  HOH HOH A . 
D 4 HOH 68  72  72  HOH HOH A . 
D 4 HOH 69  73  73  HOH HOH A . 
D 4 HOH 70  74  74  HOH HOH A . 
D 4 HOH 71  75  75  HOH HOH A . 
D 4 HOH 72  76  76  HOH HOH A . 
D 4 HOH 73  77  77  HOH HOH A . 
D 4 HOH 74  79  79  HOH HOH A . 
D 4 HOH 75  81  81  HOH HOH A . 
D 4 HOH 76  82  82  HOH HOH A . 
D 4 HOH 77  83  83  HOH HOH A . 
D 4 HOH 78  84  84  HOH HOH A . 
D 4 HOH 79  85  85  HOH HOH A . 
D 4 HOH 80  86  86  HOH HOH A . 
D 4 HOH 81  87  87  HOH HOH A . 
D 4 HOH 82  88  88  HOH HOH A . 
D 4 HOH 83  90  90  HOH HOH A . 
D 4 HOH 84  91  91  HOH HOH A . 
D 4 HOH 85  92  92  HOH HOH A . 
D 4 HOH 86  93  93  HOH HOH A . 
D 4 HOH 87  94  94  HOH HOH A . 
D 4 HOH 88  95  95  HOH HOH A . 
D 4 HOH 89  96  96  HOH HOH A . 
D 4 HOH 90  97  97  HOH HOH A . 
D 4 HOH 91  98  98  HOH HOH A . 
D 4 HOH 92  99  99  HOH HOH A . 
D 4 HOH 93  100 100 HOH HOH A . 
D 4 HOH 94  101 101 HOH HOH A . 
D 4 HOH 95  102 102 HOH HOH A . 
D 4 HOH 96  103 103 HOH HOH A . 
D 4 HOH 97  104 104 HOH HOH A . 
D 4 HOH 98  106 106 HOH HOH A . 
D 4 HOH 99  107 107 HOH HOH A . 
D 4 HOH 100 108 108 HOH HOH A . 
D 4 HOH 101 109 109 HOH HOH A . 
D 4 HOH 102 110 110 HOH HOH A . 
D 4 HOH 103 111 111 HOH HOH A . 
D 4 HOH 104 112 112 HOH HOH A . 
D 4 HOH 105 114 114 HOH HOH A . 
D 4 HOH 106 115 115 HOH HOH A . 
D 4 HOH 107 116 116 HOH HOH A . 
D 4 HOH 108 117 117 HOH HOH A . 
D 4 HOH 109 118 118 HOH HOH A . 
D 4 HOH 110 119 119 HOH HOH A . 
D 4 HOH 111 120 120 HOH HOH A . 
D 4 HOH 112 121 121 HOH HOH A . 
D 4 HOH 113 122 122 HOH HOH A . 
D 4 HOH 114 123 123 HOH HOH A . 
D 4 HOH 115 125 125 HOH HOH A . 
D 4 HOH 116 128 128 HOH HOH A . 
D 4 HOH 117 129 129 HOH HOH A . 
D 4 HOH 118 130 130 HOH HOH A . 
D 4 HOH 119 131 131 HOH HOH A . 
D 4 HOH 120 132 132 HOH HOH A . 
D 4 HOH 121 133 133 HOH HOH A . 
D 4 HOH 122 134 134 HOH HOH A . 
D 4 HOH 123 135 135 HOH HOH A . 
D 4 HOH 124 136 136 HOH HOH A . 
D 4 HOH 125 137 137 HOH HOH A . 
D 4 HOH 126 138 138 HOH HOH A . 
D 4 HOH 127 139 139 HOH HOH A . 
D 4 HOH 128 140 140 HOH HOH A . 
D 4 HOH 129 142 142 HOH HOH A . 
D 4 HOH 130 143 143 HOH HOH A . 
D 4 HOH 131 144 144 HOH HOH A . 
D 4 HOH 132 145 145 HOH HOH A . 
D 4 HOH 133 146 146 HOH HOH A . 
D 4 HOH 134 148 148 HOH HOH A . 
D 4 HOH 135 149 149 HOH HOH A . 
D 4 HOH 136 150 150 HOH HOH A . 
D 4 HOH 137 151 151 HOH HOH A . 
D 4 HOH 138 152 152 HOH HOH A . 
E 4 HOH 1   17  17  HOH HOH B . 
E 4 HOH 2   25  25  HOH HOH B . 
E 4 HOH 3   34  34  HOH HOH B . 
E 4 HOH 4   38  38  HOH HOH B . 
E 4 HOH 5   78  78  HOH HOH B . 
E 4 HOH 6   80  80  HOH HOH B . 
E 4 HOH 7   89  89  HOH HOH B . 
E 4 HOH 8   105 105 HOH HOH B . 
E 4 HOH 9   124 124 HOH HOH B . 
E 4 HOH 10  126 126 HOH HOH B . 
E 4 HOH 11  127 127 HOH HOH B . 
E 4 HOH 12  141 141 HOH HOH B . 
E 4 HOH 13  147 147 HOH HOH B . 
# 
loop_
_pdbx_unobs_or_zero_occ_atoms.id 
_pdbx_unobs_or_zero_occ_atoms.PDB_model_num 
_pdbx_unobs_or_zero_occ_atoms.polymer_flag 
_pdbx_unobs_or_zero_occ_atoms.occupancy_flag 
_pdbx_unobs_or_zero_occ_atoms.auth_asym_id 
_pdbx_unobs_or_zero_occ_atoms.auth_comp_id 
_pdbx_unobs_or_zero_occ_atoms.auth_seq_id 
_pdbx_unobs_or_zero_occ_atoms.PDB_ins_code 
_pdbx_unobs_or_zero_occ_atoms.auth_atom_id 
_pdbx_unobs_or_zero_occ_atoms.label_alt_id 
_pdbx_unobs_or_zero_occ_atoms.label_asym_id 
_pdbx_unobs_or_zero_occ_atoms.label_comp_id 
_pdbx_unobs_or_zero_occ_atoms.label_seq_id 
_pdbx_unobs_or_zero_occ_atoms.label_atom_id 
1  1 Y 1 A GLU 291 ? CG  ? A GLU 70  CG  
2  1 Y 1 A GLU 291 ? CD  ? A GLU 70  CD  
3  1 Y 1 A GLU 291 ? OE1 ? A GLU 70  OE1 
4  1 Y 1 A GLU 291 ? OE2 ? A GLU 70  OE2 
5  1 Y 1 A ASN 292 ? CG  ? A ASN 71  CG  
6  1 Y 1 A ASN 292 ? OD1 ? A ASN 71  OD1 
7  1 Y 1 A ASN 292 ? ND2 ? A ASN 71  ND2 
8  1 Y 1 A ARG 293 ? CG  ? A ARG 72  CG  
9  1 Y 1 A ARG 293 ? CD  ? A ARG 72  CD  
10 1 Y 1 A ARG 293 ? NE  ? A ARG 72  NE  
11 1 Y 1 A ARG 293 ? CZ  ? A ARG 72  CZ  
12 1 Y 1 A ARG 293 ? NH1 ? A ARG 72  NH1 
13 1 Y 1 A ARG 293 ? NH2 ? A ARG 72  NH2 
14 1 Y 1 A GLU 294 ? CG  ? A GLU 73  CG  
15 1 Y 1 A GLU 294 ? CD  ? A GLU 73  CD  
16 1 Y 1 A GLU 294 ? OE1 ? A GLU 73  OE1 
17 1 Y 1 A GLU 294 ? OE2 ? A GLU 73  OE2 
18 1 Y 1 A GLU 348 ? CG  ? A GLU 127 CG  
19 1 Y 1 A GLU 348 ? CD  ? A GLU 127 CD  
20 1 Y 1 A GLU 348 ? OE1 ? A GLU 127 OE1 
21 1 Y 1 A GLU 348 ? OE2 ? A GLU 127 OE2 
# 
loop_
_software.name 
_software.classification 
_software.version 
_software.citation_id 
_software.pdbx_ordinal 
MAR345  'data collection' .   ? 1 
XDS     'data reduction'  .   ? 2 
MLPHARE phasing           .   ? 3 
CNS     refinement        1.0 ? 4 
XDS     'data scaling'    .   ? 5 
# 
_cell.entry_id           1ELR 
_cell.length_a           73.280 
_cell.length_b           48.270 
_cell.length_c           38.060 
_cell.angle_alpha        90.00 
_cell.angle_beta         91.30 
_cell.angle_gamma        90.00 
_cell.Z_PDB              4 
_cell.pdbx_unique_axis   ? 
# 
_symmetry.entry_id                         1ELR 
_symmetry.space_group_name_H-M             'C 1 2 1' 
_symmetry.pdbx_full_space_group_name_H-M   ? 
_symmetry.cell_setting                     ? 
_symmetry.Int_Tables_number                5 
_symmetry.space_group_name_Hall            ? 
# 
_exptl.entry_id          1ELR 
_exptl.method            'X-RAY DIFFRACTION' 
_exptl.crystals_number   1 
# 
_exptl_crystal.id                    1 
_exptl_crystal.density_meas          ? 
_exptl_crystal.density_percent_sol   40.88 
_exptl_crystal.density_Matthews      2.08 
_exptl_crystal.description           ? 
_exptl_crystal.F_000                 ? 
_exptl_crystal.preparation           ? 
# 
_exptl_crystal_grow.crystal_id      1 
_exptl_crystal_grow.method          'VAPOR DIFFUSION, HANGING DROP' 
_exptl_crystal_grow.pH              8.5 
_exptl_crystal_grow.temp            293 
_exptl_crystal_grow.temp_details    ? 
_exptl_crystal_grow.pdbx_details    
'PEG MME 2000, TRIS, Nickel chloride, Xylitol, pH 8.5, VAPOR DIFFUSION, HANGING DROP, temperature 293K' 
_exptl_crystal_grow.pdbx_pH_range   . 
# 
_diffrn.id                     1 
_diffrn.ambient_temp           100 
_diffrn.ambient_temp_details   ? 
_diffrn.crystal_id             1 
# 
_diffrn_detector.diffrn_id              1 
_diffrn_detector.detector               CCD 
_diffrn_detector.type                   MARRESEARCH 
_diffrn_detector.pdbx_collection_date   1999-10-05 
_diffrn_detector.details                ? 
# 
_diffrn_radiation.diffrn_id                        1 
_diffrn_radiation.wavelength_id                    1 
_diffrn_radiation.monochromator                    ? 
_diffrn_radiation.pdbx_monochromatic_or_laue_m_l   M 
_diffrn_radiation.pdbx_diffrn_protocol             'SINGLE WAVELENGTH' 
_diffrn_radiation.pdbx_scattering_type             x-ray 
# 
_diffrn_radiation_wavelength.id           1 
_diffrn_radiation_wavelength.wavelength   0.9402 
_diffrn_radiation_wavelength.wt           1.0 
# 
_diffrn_source.diffrn_id                   1 
_diffrn_source.source                      SYNCHROTRON 
_diffrn_source.type                        'ESRF BEAMLINE ID14-3' 
_diffrn_source.pdbx_wavelength             0.9402 
_diffrn_source.pdbx_synchrotron_site       ESRF 
_diffrn_source.pdbx_synchrotron_beamline   ID14-3 
_diffrn_source.pdbx_wavelength_list        ? 
# 
_reflns.entry_id                     1ELR 
_reflns.observed_criterion_sigma_I   0 
_reflns.observed_criterion_sigma_F   0 
_reflns.d_resolution_low             15.0 
_reflns.d_resolution_high            1.9 
_reflns.number_obs                   ? 
_reflns.number_all                   ? 
_reflns.percent_possible_obs         97.1 
_reflns.pdbx_Rmerge_I_obs            0.038 
_reflns.pdbx_Rsym_value              ? 
_reflns.pdbx_netI_over_sigmaI        22.8 
_reflns.B_iso_Wilson_estimate        15.3 
_reflns.pdbx_redundancy              ? 
_reflns.R_free_details               ? 
_reflns.limit_h_max                  ? 
_reflns.limit_h_min                  ? 
_reflns.limit_k_max                  ? 
_reflns.limit_k_min                  ? 
_reflns.limit_l_max                  ? 
_reflns.limit_l_min                  ? 
_reflns.observed_criterion_F_max     ? 
_reflns.observed_criterion_F_min     ? 
_reflns.pdbx_chi_squared             ? 
_reflns.pdbx_scaling_rejects         ? 
_reflns.pdbx_diffrn_id               1 
_reflns.pdbx_ordinal                 1 
# 
_reflns_shell.d_res_high             1.90 
_reflns_shell.d_res_low              1.95 
_reflns_shell.percent_possible_obs   ? 
_reflns_shell.percent_possible_all   91.7 
_reflns_shell.Rmerge_I_obs           0.068 
_reflns_shell.meanI_over_sigI_obs    ? 
_reflns_shell.pdbx_Rsym_value        ? 
_reflns_shell.pdbx_redundancy        ? 
_reflns_shell.number_unique_all      ? 
_reflns_shell.number_measured_all    ? 
_reflns_shell.number_measured_obs    ? 
_reflns_shell.number_unique_obs      ? 
_reflns_shell.pdbx_chi_squared       ? 
_reflns_shell.pdbx_diffrn_id         ? 
_reflns_shell.pdbx_ordinal           1 
# 
_refine.entry_id                                 1ELR 
_refine.ls_number_reflns_obs                     10220 
_refine.ls_number_reflns_all                     0 
_refine.pdbx_ls_sigma_I                          0 
_refine.pdbx_ls_sigma_F                          0.0 
_refine.pdbx_data_cutoff_high_absF               ? 
_refine.pdbx_data_cutoff_low_absF                0.0 
_refine.ls_d_res_low                             9.93 
_refine.ls_d_res_high                            1.90 
_refine.ls_percent_reflns_obs                    97.5 
_refine.ls_R_factor_obs                          0.181 
_refine.ls_R_factor_all                          ? 
_refine.ls_R_factor_R_work                       0.181 
_refine.ls_R_factor_R_free                       0.219 
_refine.ls_R_factor_R_free_error                 0.007 
_refine.ls_R_factor_R_free_error_details         ? 
_refine.ls_percent_reflns_R_free                 9.8 
_refine.ls_number_reflns_R_free                  1003 
_refine.ls_number_parameters                     ? 
_refine.ls_number_restraints                     ? 
_refine.occupancy_min                            ? 
_refine.occupancy_max                            ? 
_refine.B_iso_mean                               19.2 
_refine.aniso_B[1][1]                            1.96 
_refine.aniso_B[2][2]                            3.43 
_refine.aniso_B[3][3]                            -5.39 
_refine.aniso_B[1][2]                            0.00 
_refine.aniso_B[1][3]                            0.46 
_refine.aniso_B[2][3]                            0.00 
_refine.solvent_model_details                    'FLAT MODEL' 
_refine.solvent_model_param_ksol                 0.420 
_refine.solvent_model_param_bsol                 47.21 
_refine.pdbx_ls_cross_valid_method               THROUGHOUT 
_refine.details                                  ? 
_refine.pdbx_starting_model                      ? 
_refine.pdbx_method_to_determine_struct          ? 
_refine.pdbx_isotropic_thermal_model             RESTRAINED 
_refine.pdbx_stereochemistry_target_values       'Engh & Huber' 
_refine.pdbx_stereochem_target_val_spec_case     ? 
_refine.pdbx_R_Free_selection_details            RANDOM 
_refine.pdbx_overall_ESU_R_Free                  ? 
_refine.overall_SU_B                             ? 
_refine.ls_redundancy_reflns_obs                 ? 
_refine.B_iso_min                                ? 
_refine.B_iso_max                                ? 
_refine.overall_SU_ML                            ? 
_refine.pdbx_overall_ESU_R                       ? 
_refine.pdbx_data_cutoff_high_rms_absF           ? 
_refine.correlation_coeff_Fo_to_Fc               ? 
_refine.correlation_coeff_Fo_to_Fc_free          ? 
_refine.pdbx_solvent_vdw_probe_radii             ? 
_refine.pdbx_solvent_ion_probe_radii             ? 
_refine.pdbx_solvent_shrinkage_radii             ? 
_refine.overall_SU_R_Cruickshank_DPI             ? 
_refine.overall_SU_R_free                        ? 
_refine.ls_wR_factor_R_free                      ? 
_refine.ls_wR_factor_R_work                      ? 
_refine.overall_FOM_free_R_set                   ? 
_refine.overall_FOM_work_R_set                   ? 
_refine.pdbx_refine_id                           'X-RAY DIFFRACTION' 
_refine.pdbx_diffrn_id                           1 
_refine.pdbx_TLS_residual_ADP_flag               ? 
_refine.pdbx_overall_phase_error                 ? 
_refine.pdbx_overall_SU_R_free_Cruickshank_DPI   ? 
_refine.pdbx_overall_SU_R_Blow_DPI               ? 
_refine.pdbx_overall_SU_R_free_Blow_DPI          ? 
# 
_refine_analyze.entry_id                        1ELR 
_refine_analyze.Luzzati_coordinate_error_obs    0.19 
_refine_analyze.Luzzati_sigma_a_obs             0.12 
_refine_analyze.Luzzati_d_res_low_obs           5.00 
_refine_analyze.Luzzati_coordinate_error_free   0.23 
_refine_analyze.Luzzati_sigma_a_free            0.17 
_refine_analyze.Luzzati_d_res_low_free          ? 
_refine_analyze.number_disordered_residues      ? 
_refine_analyze.occupancy_sum_hydrogen          ? 
_refine_analyze.occupancy_sum_non_hydrogen      ? 
_refine_analyze.pdbx_Luzzati_d_res_high_obs     ? 
_refine_analyze.pdbx_refine_id                  'X-RAY DIFFRACTION' 
# 
_refine_hist.pdbx_refine_id                   'X-RAY DIFFRACTION' 
_refine_hist.cycle_id                         LAST 
_refine_hist.pdbx_number_atoms_protein        1086 
_refine_hist.pdbx_number_atoms_nucleic_acid   0 
_refine_hist.pdbx_number_atoms_ligand         1 
_refine_hist.number_atoms_solvent             151 
_refine_hist.number_atoms_total               1238 
_refine_hist.d_res_high                       1.90 
_refine_hist.d_res_low                        9.93 
# 
loop_
_refine_ls_restr.type 
_refine_ls_restr.dev_ideal 
_refine_ls_restr.dev_ideal_target 
_refine_ls_restr.weight 
_refine_ls_restr.number 
_refine_ls_restr.pdbx_refine_id 
_refine_ls_restr.pdbx_restraint_function 
c_bond_d           0.008 ?    ? ? 'X-RAY DIFFRACTION' ? 
c_angle_deg        1.2   ?    ? ? 'X-RAY DIFFRACTION' ? 
c_dihedral_angle_d 17.8  ?    ? ? 'X-RAY DIFFRACTION' ? 
c_improper_angle_d 0.77  ?    ? ? 'X-RAY DIFFRACTION' ? 
c_mcbond_it        1.18  1.50 ? ? 'X-RAY DIFFRACTION' ? 
c_mcangle_it       1.81  2.00 ? ? 'X-RAY DIFFRACTION' ? 
c_scbond_it        1.92  2.00 ? ? 'X-RAY DIFFRACTION' ? 
c_scangle_it       2.98  2.50 ? ? 'X-RAY DIFFRACTION' ? 
# 
_refine_ls_shell.pdbx_total_number_of_bins_used   6 
_refine_ls_shell.d_res_high                       1.90 
_refine_ls_shell.d_res_low                        2.02 
_refine_ls_shell.number_reflns_R_work             1453 
_refine_ls_shell.R_factor_R_work                  0.222 
_refine_ls_shell.percent_reflns_obs               93.8 
_refine_ls_shell.R_factor_R_free                  0.294 
_refine_ls_shell.R_factor_R_free_error            0.023 
_refine_ls_shell.percent_reflns_R_free            9.9 
_refine_ls_shell.number_reflns_R_free             160 
_refine_ls_shell.redundancy_reflns_obs            ? 
_refine_ls_shell.number_reflns_all                ? 
_refine_ls_shell.number_reflns_obs                ? 
_refine_ls_shell.pdbx_refine_id                   'X-RAY DIFFRACTION' 
_refine_ls_shell.R_factor_all                     ? 
# 
loop_
_pdbx_xplor_file.serial_no 
_pdbx_xplor_file.param_file 
_pdbx_xplor_file.topol_file 
_pdbx_xplor_file.pdbx_refine_id 
1 PROTEIN_REP.PA PROTEIN.TOP 'X-RAY DIFFRACTION' 
2 WATER_REP.PARA ION.TOPM    'X-RAY DIFFRACTION' 
3 ION.PARAM      CAPPING.TOP 'X-RAY DIFFRACTION' 
4 CAPPING.PARAM  ?           'X-RAY DIFFRACTION' 
# 
_struct.entry_id                  1ELR 
_struct.title                     'Crystal structure of the TPR2A domain of HOP in complex with the HSP90 peptide MEEVD' 
_struct.pdbx_model_details        ? 
_struct.pdbx_CASP_flag            ? 
_struct.pdbx_model_type_details   ? 
# 
_struct_keywords.entry_id        1ELR 
_struct_keywords.pdbx_keywords   CHAPERONE 
_struct_keywords.text            'Hop, Tpr-Domain, Peptide-Complex, Helical Repeat, Hsp90, Protein Binding, CHAPERONE' 
# 
loop_
_struct_asym.id 
_struct_asym.pdbx_blank_PDB_chainid_flag 
_struct_asym.pdbx_modified 
_struct_asym.entity_id 
_struct_asym.details 
A N N 1 ? 
B N N 2 ? 
C N N 3 ? 
D N N 4 ? 
E N N 4 ? 
# 
loop_
_struct_ref.id 
_struct_ref.db_code 
_struct_ref.db_name 
_struct_ref.entity_id 
_struct_ref.pdbx_db_accession 
_struct_ref.pdbx_align_begin 
_struct_ref.pdbx_seq_one_letter_code 
_struct_ref.pdbx_db_isoform 
1 STIP1_HUMAN UNP 1 P31948 ? ? ? 
2 1ELR        PDB 2 1ELR   ? ? ? 
# 
loop_
_struct_ref_seq.align_id 
_struct_ref_seq.ref_id 
_struct_ref_seq.pdbx_PDB_id_code 
_struct_ref_seq.pdbx_strand_id 
_struct_ref_seq.seq_align_beg 
_struct_ref_seq.pdbx_seq_align_beg_ins_code 
_struct_ref_seq.seq_align_end 
_struct_ref_seq.pdbx_seq_align_end_ins_code 
_struct_ref_seq.pdbx_db_accession 
_struct_ref_seq.db_align_beg 
_struct_ref_seq.pdbx_db_align_beg_ins_code 
_struct_ref_seq.db_align_end 
_struct_ref_seq.pdbx_db_align_end_ins_code 
_struct_ref_seq.pdbx_auth_seq_align_beg 
_struct_ref_seq.pdbx_auth_seq_align_end 
1 1 1ELR A 1 ? 131 ? P31948 222 ? 352 ? 222 352 
2 2 1ELR B 1 ? 6   ? 1ELR   0   ? 5   ? 0   5   
# 
_struct_ref_seq_dif.align_id                     1 
_struct_ref_seq_dif.pdbx_pdb_id_code             1ELR 
_struct_ref_seq_dif.mon_id                       GLY 
_struct_ref_seq_dif.pdbx_pdb_strand_id           A 
_struct_ref_seq_dif.seq_num                      1 
_struct_ref_seq_dif.pdbx_pdb_ins_code            ? 
_struct_ref_seq_dif.pdbx_seq_db_name             UNP 
_struct_ref_seq_dif.pdbx_seq_db_accession_code   P31948 
_struct_ref_seq_dif.db_mon_id                    LYS 
_struct_ref_seq_dif.pdbx_seq_db_seq_num          222 
_struct_ref_seq_dif.details                      conflict 
_struct_ref_seq_dif.pdbx_auth_seq_num            222 
_struct_ref_seq_dif.pdbx_ordinal                 1 
# 
_pdbx_struct_assembly.id                   1 
_pdbx_struct_assembly.details              author_and_software_defined_assembly 
_pdbx_struct_assembly.method_details       PISA 
_pdbx_struct_assembly.oligomeric_details   dimeric 
_pdbx_struct_assembly.oligomeric_count     2 
# 
loop_
_pdbx_struct_assembly_prop.biol_id 
_pdbx_struct_assembly_prop.type 
_pdbx_struct_assembly_prop.value 
_pdbx_struct_assembly_prop.details 
1 'ABSA (A^2)' 1180 ? 
1 MORE         -8   ? 
1 'SSA (A^2)'  7670 ? 
# 
_pdbx_struct_assembly_gen.assembly_id       1 
_pdbx_struct_assembly_gen.oper_expression   1 
_pdbx_struct_assembly_gen.asym_id_list      A,B,C,D,E 
# 
_pdbx_struct_oper_list.id                   1 
_pdbx_struct_oper_list.type                 'identity operation' 
_pdbx_struct_oper_list.name                 1_555 
_pdbx_struct_oper_list.symmetry_operation   x,y,z 
_pdbx_struct_oper_list.matrix[1][1]         1.0000000000 
_pdbx_struct_oper_list.matrix[1][2]         0.0000000000 
_pdbx_struct_oper_list.matrix[1][3]         0.0000000000 
_pdbx_struct_oper_list.vector[1]            0.0000000000 
_pdbx_struct_oper_list.matrix[2][1]         0.0000000000 
_pdbx_struct_oper_list.matrix[2][2]         1.0000000000 
_pdbx_struct_oper_list.matrix[2][3]         0.0000000000 
_pdbx_struct_oper_list.vector[2]            0.0000000000 
_pdbx_struct_oper_list.matrix[3][1]         0.0000000000 
_pdbx_struct_oper_list.matrix[3][2]         0.0000000000 
_pdbx_struct_oper_list.matrix[3][3]         1.0000000000 
_pdbx_struct_oper_list.vector[3]            0.0000000000 
# 
_struct_biol.id                    1 
_struct_biol.pdbx_parent_biol_id   ? 
_struct_biol.details               ? 
# 
loop_
_struct_conf.conf_type_id 
_struct_conf.id 
_struct_conf.pdbx_PDB_helix_id 
_struct_conf.beg_label_comp_id 
_struct_conf.beg_label_asym_id 
_struct_conf.beg_label_seq_id 
_struct_conf.pdbx_beg_PDB_ins_code 
_struct_conf.end_label_comp_id 
_struct_conf.end_label_asym_id 
_struct_conf.end_label_seq_id 
_struct_conf.pdbx_end_PDB_ins_code 
_struct_conf.beg_auth_comp_id 
_struct_conf.beg_auth_asym_id 
_struct_conf.beg_auth_seq_id 
_struct_conf.end_auth_comp_id 
_struct_conf.end_auth_asym_id 
_struct_conf.end_auth_seq_id 
_struct_conf.pdbx_PDB_helix_class 
_struct_conf.details 
_struct_conf.pdbx_PDB_helix_length 
HELX_P HELX_P1 1 GLY A 1   ? LYS A 17  ? GLY A 222 LYS A 238 1 ? 17 
HELX_P HELX_P2 2 ASP A 19  ? ASP A 34  ? ASP A 240 ASP A 255 1 ? 16 
HELX_P HELX_P3 3 ASN A 37  ? GLY A 52  ? ASN A 258 GLY A 273 1 ? 16 
HELX_P HELX_P4 4 ASP A 53  ? ASN A 71  ? ASP A 274 ASN A 292 1 ? 19 
HELX_P HELX_P5 5 ASP A 74  ? GLU A 92  ? ASP A 295 GLU A 313 1 ? 19 
HELX_P HELX_P6 6 LYS A 94  ? HIS A 109 ? LYS A 315 HIS A 330 1 ? 16 
HELX_P HELX_P7 7 THR A 111 ? GLN A 128 ? THR A 332 GLN A 349 1 ? 18 
# 
_struct_conf_type.id          HELX_P 
_struct_conf_type.criteria    ? 
_struct_conf_type.reference   ? 
# 
loop_
_struct_conn.id 
_struct_conn.conn_type_id 
_struct_conn.pdbx_leaving_atom_flag 
_struct_conn.pdbx_PDB_id 
_struct_conn.ptnr1_label_asym_id 
_struct_conn.ptnr1_label_comp_id 
_struct_conn.ptnr1_label_seq_id 
_struct_conn.ptnr1_label_atom_id 
_struct_conn.pdbx_ptnr1_label_alt_id 
_struct_conn.pdbx_ptnr1_PDB_ins_code 
_struct_conn.pdbx_ptnr1_standard_comp_id 
_struct_conn.ptnr1_symmetry 
_struct_conn.ptnr2_label_asym_id 
_struct_conn.ptnr2_label_comp_id 
_struct_conn.ptnr2_label_seq_id 
_struct_conn.ptnr2_label_atom_id 
_struct_conn.pdbx_ptnr2_label_alt_id 
_struct_conn.pdbx_ptnr2_PDB_ins_code 
_struct_conn.ptnr1_auth_asym_id 
_struct_conn.ptnr1_auth_comp_id 
_struct_conn.ptnr1_auth_seq_id 
_struct_conn.ptnr2_auth_asym_id 
_struct_conn.ptnr2_auth_comp_id 
_struct_conn.ptnr2_auth_seq_id 
_struct_conn.ptnr2_symmetry 
_struct_conn.pdbx_ptnr3_label_atom_id 
_struct_conn.pdbx_ptnr3_label_seq_id 
_struct_conn.pdbx_ptnr3_label_comp_id 
_struct_conn.pdbx_ptnr3_label_asym_id 
_struct_conn.pdbx_ptnr3_label_alt_id 
_struct_conn.pdbx_ptnr3_PDB_ins_code 
_struct_conn.details 
_struct_conn.pdbx_dist_value 
_struct_conn.pdbx_value_order 
_struct_conn.pdbx_role 
covale1 covale both ? B ACE 1 C  ? ? ? 1_555 B MET 2   N   ? ? B ACE 0   B MET 1   1_555 ? ? ? ? ? ? ? 1.327 ? ? 
metalc1 metalc ?    ? D HOH . O  ? ? ? 1_555 C NI  .   NI  ? ? A HOH 14  A NI  200 1_555 ? ? ? ? ? ? ? 2.362 ? ? 
metalc2 metalc ?    ? D HOH . O  ? ? ? 1_555 C NI  .   NI  ? ? A HOH 59  A NI  200 1_555 ? ? ? ? ? ? ? 2.421 ? ? 
metalc3 metalc ?    ? D HOH . O  ? ? ? 1_555 C NI  .   NI  ? ? A HOH 60  A NI  200 1_555 ? ? ? ? ? ? ? 2.416 ? ? 
metalc4 metalc ?    ? C NI  . NI ? ? ? 1_555 A HIS 26  NE2 ? ? A NI  200 A HIS 247 1_555 ? ? ? ? ? ? ? 2.282 ? ? 
metalc5 metalc ?    ? C NI  . NI ? ? ? 1_555 A HIS 100 NE2 ? ? A NI  200 A HIS 321 1_556 ? ? ? ? ? ? ? 2.233 ? ? 
metalc6 metalc ?    ? C NI  . NI ? ? ? 1_555 A LYS 104 NZ  ? ? A NI  200 A LYS 325 1_556 ? ? ? ? ? ? ? 2.467 ? ? 
# 
loop_
_struct_conn_type.id 
_struct_conn_type.criteria 
_struct_conn_type.reference 
covale ? ? 
metalc ? ? 
# 
loop_
_pdbx_struct_conn_angle.id 
_pdbx_struct_conn_angle.ptnr1_label_atom_id 
_pdbx_struct_conn_angle.ptnr1_label_alt_id 
_pdbx_struct_conn_angle.ptnr1_label_asym_id 
_pdbx_struct_conn_angle.ptnr1_label_comp_id 
_pdbx_struct_conn_angle.ptnr1_label_seq_id 
_pdbx_struct_conn_angle.ptnr1_auth_atom_id 
_pdbx_struct_conn_angle.ptnr1_auth_asym_id 
_pdbx_struct_conn_angle.ptnr1_auth_comp_id 
_pdbx_struct_conn_angle.ptnr1_auth_seq_id 
_pdbx_struct_conn_angle.ptnr1_PDB_ins_code 
_pdbx_struct_conn_angle.ptnr1_symmetry 
_pdbx_struct_conn_angle.ptnr2_label_atom_id 
_pdbx_struct_conn_angle.ptnr2_label_alt_id 
_pdbx_struct_conn_angle.ptnr2_label_asym_id 
_pdbx_struct_conn_angle.ptnr2_label_comp_id 
_pdbx_struct_conn_angle.ptnr2_label_seq_id 
_pdbx_struct_conn_angle.ptnr2_auth_atom_id 
_pdbx_struct_conn_angle.ptnr2_auth_asym_id 
_pdbx_struct_conn_angle.ptnr2_auth_comp_id 
_pdbx_struct_conn_angle.ptnr2_auth_seq_id 
_pdbx_struct_conn_angle.ptnr2_PDB_ins_code 
_pdbx_struct_conn_angle.ptnr2_symmetry 
_pdbx_struct_conn_angle.ptnr3_label_atom_id 
_pdbx_struct_conn_angle.ptnr3_label_alt_id 
_pdbx_struct_conn_angle.ptnr3_label_asym_id 
_pdbx_struct_conn_angle.ptnr3_label_comp_id 
_pdbx_struct_conn_angle.ptnr3_label_seq_id 
_pdbx_struct_conn_angle.ptnr3_auth_atom_id 
_pdbx_struct_conn_angle.ptnr3_auth_asym_id 
_pdbx_struct_conn_angle.ptnr3_auth_comp_id 
_pdbx_struct_conn_angle.ptnr3_auth_seq_id 
_pdbx_struct_conn_angle.ptnr3_PDB_ins_code 
_pdbx_struct_conn_angle.ptnr3_symmetry 
_pdbx_struct_conn_angle.value 
_pdbx_struct_conn_angle.value_esd 
1  O   ? D HOH .   ? A HOH 14  ? 1_555 NI ? C NI . ? A NI 200 ? 1_555 O   ? D HOH .   ? A HOH 59  ? 1_555 80.8  ? 
2  O   ? D HOH .   ? A HOH 14  ? 1_555 NI ? C NI . ? A NI 200 ? 1_555 O   ? D HOH .   ? A HOH 60  ? 1_555 88.2  ? 
3  O   ? D HOH .   ? A HOH 59  ? 1_555 NI ? C NI . ? A NI 200 ? 1_555 O   ? D HOH .   ? A HOH 60  ? 1_555 87.2  ? 
4  O   ? D HOH .   ? A HOH 14  ? 1_555 NI ? C NI . ? A NI 200 ? 1_555 NE2 ? A HIS 26  ? A HIS 247 ? 1_555 88.7  ? 
5  O   ? D HOH .   ? A HOH 59  ? 1_555 NI ? C NI . ? A NI 200 ? 1_555 NE2 ? A HIS 26  ? A HIS 247 ? 1_555 90.2  ? 
6  O   ? D HOH .   ? A HOH 60  ? 1_555 NI ? C NI . ? A NI 200 ? 1_555 NE2 ? A HIS 26  ? A HIS 247 ? 1_555 176.2 ? 
7  O   ? D HOH .   ? A HOH 14  ? 1_555 NI ? C NI . ? A NI 200 ? 1_555 NE2 ? A HIS 100 ? A HIS 321 ? 1_556 177.2 ? 
8  O   ? D HOH .   ? A HOH 59  ? 1_555 NI ? C NI . ? A NI 200 ? 1_555 NE2 ? A HIS 100 ? A HIS 321 ? 1_556 96.4  ? 
9  O   ? D HOH .   ? A HOH 60  ? 1_555 NI ? C NI . ? A NI 200 ? 1_555 NE2 ? A HIS 100 ? A HIS 321 ? 1_556 91.5  ? 
10 NE2 ? A HIS 26  ? A HIS 247 ? 1_555 NI ? C NI . ? A NI 200 ? 1_555 NE2 ? A HIS 100 ? A HIS 321 ? 1_556 91.5  ? 
11 O   ? D HOH .   ? A HOH 14  ? 1_555 NI ? C NI . ? A NI 200 ? 1_555 NZ  ? A LYS 104 ? A LYS 325 ? 1_556 94.9  ? 
12 O   ? D HOH .   ? A HOH 59  ? 1_555 NI ? C NI . ? A NI 200 ? 1_555 NZ  ? A LYS 104 ? A LYS 325 ? 1_556 174.5 ? 
13 O   ? D HOH .   ? A HOH 60  ? 1_555 NI ? C NI . ? A NI 200 ? 1_555 NZ  ? A LYS 104 ? A LYS 325 ? 1_556 96.1  ? 
14 NE2 ? A HIS 26  ? A HIS 247 ? 1_555 NI ? C NI . ? A NI 200 ? 1_555 NZ  ? A LYS 104 ? A LYS 325 ? 1_556 86.3  ? 
15 NE2 ? A HIS 100 ? A HIS 321 ? 1_556 NI ? C NI . ? A NI 200 ? 1_555 NZ  ? A LYS 104 ? A LYS 325 ? 1_556 87.9  ? 
# 
_pdbx_modification_feature.ordinal                            1 
_pdbx_modification_feature.label_comp_id                      ACE 
_pdbx_modification_feature.label_asym_id                      B 
_pdbx_modification_feature.label_seq_id                       1 
_pdbx_modification_feature.label_alt_id                       ? 
_pdbx_modification_feature.modified_residue_label_comp_id     MET 
_pdbx_modification_feature.modified_residue_label_asym_id     B 
_pdbx_modification_feature.modified_residue_label_seq_id      2 
_pdbx_modification_feature.modified_residue_label_alt_id      ? 
_pdbx_modification_feature.auth_comp_id                       ACE 
_pdbx_modification_feature.auth_asym_id                       B 
_pdbx_modification_feature.auth_seq_id                        0 
_pdbx_modification_feature.PDB_ins_code                       ? 
_pdbx_modification_feature.symmetry                           1_555 
_pdbx_modification_feature.modified_residue_auth_comp_id      MET 
_pdbx_modification_feature.modified_residue_auth_asym_id      B 
_pdbx_modification_feature.modified_residue_auth_seq_id       1 
_pdbx_modification_feature.modified_residue_PDB_ins_code      ? 
_pdbx_modification_feature.modified_residue_symmetry          1_555 
_pdbx_modification_feature.comp_id_linking_atom               . 
_pdbx_modification_feature.modified_residue_id_linking_atom   . 
_pdbx_modification_feature.modified_residue_id                MET 
_pdbx_modification_feature.ref_pcm_id                         4 
_pdbx_modification_feature.ref_comp_id                        ACE 
_pdbx_modification_feature.type                               None 
_pdbx_modification_feature.category                           'Terminal acetylation' 
# 
_struct_site.id                   AC1 
_struct_site.pdbx_evidence_code   Software 
_struct_site.pdbx_auth_asym_id    A 
_struct_site.pdbx_auth_comp_id    NI 
_struct_site.pdbx_auth_seq_id     200 
_struct_site.pdbx_auth_ins_code   ? 
_struct_site.pdbx_num_residues    6 
_struct_site.details              'BINDING SITE FOR RESIDUE NI A 200' 
# 
loop_
_struct_site_gen.id 
_struct_site_gen.site_id 
_struct_site_gen.pdbx_num_res 
_struct_site_gen.label_comp_id 
_struct_site_gen.label_asym_id 
_struct_site_gen.label_seq_id 
_struct_site_gen.pdbx_auth_ins_code 
_struct_site_gen.auth_comp_id 
_struct_site_gen.auth_asym_id 
_struct_site_gen.auth_seq_id 
_struct_site_gen.label_atom_id 
_struct_site_gen.label_alt_id 
_struct_site_gen.symmetry 
_struct_site_gen.details 
1 AC1 6 HOH D .   ? HOH A 14  . ? 1_555 ? 
2 AC1 6 HOH D .   ? HOH A 59  . ? 1_555 ? 
3 AC1 6 HOH D .   ? HOH A 60  . ? 1_555 ? 
4 AC1 6 HIS A 26  ? HIS A 247 . ? 1_555 ? 
5 AC1 6 HIS A 100 ? HIS A 321 . ? 1_556 ? 
6 AC1 6 LYS A 104 ? LYS A 325 . ? 1_556 ? 
# 
_pdbx_entry_details.entry_id                   1ELR 
_pdbx_entry_details.compound_details           ? 
_pdbx_entry_details.source_details             ? 
_pdbx_entry_details.nonpolymer_details         ? 
_pdbx_entry_details.sequence_details           ? 
_pdbx_entry_details.has_ligand_of_interest     ? 
_pdbx_entry_details.has_protein_modification   Y 
# 
loop_
_pdbx_validate_torsion.id 
_pdbx_validate_torsion.PDB_model_num 
_pdbx_validate_torsion.auth_comp_id 
_pdbx_validate_torsion.auth_asym_id 
_pdbx_validate_torsion.auth_seq_id 
_pdbx_validate_torsion.PDB_ins_code 
_pdbx_validate_torsion.label_alt_id 
_pdbx_validate_torsion.phi 
_pdbx_validate_torsion.psi 
1 1 ARG A 293 ? ? -63.08  30.02 
2 1 ASP A 295 ? ? -91.51  31.07 
3 1 LYS A 315 ? ? -100.58 68.69 
# 
_pdbx_struct_special_symmetry.id              1 
_pdbx_struct_special_symmetry.PDB_model_num   1 
_pdbx_struct_special_symmetry.auth_asym_id    A 
_pdbx_struct_special_symmetry.auth_comp_id    HOH 
_pdbx_struct_special_symmetry.auth_seq_id     90 
_pdbx_struct_special_symmetry.PDB_ins_code    ? 
_pdbx_struct_special_symmetry.label_asym_id   D 
_pdbx_struct_special_symmetry.label_comp_id   HOH 
_pdbx_struct_special_symmetry.label_seq_id    . 
# 
loop_
_pdbx_unobs_or_zero_occ_residues.id 
_pdbx_unobs_or_zero_occ_residues.PDB_model_num 
_pdbx_unobs_or_zero_occ_residues.polymer_flag 
_pdbx_unobs_or_zero_occ_residues.occupancy_flag 
_pdbx_unobs_or_zero_occ_residues.auth_asym_id 
_pdbx_unobs_or_zero_occ_residues.auth_comp_id 
_pdbx_unobs_or_zero_occ_residues.auth_seq_id 
_pdbx_unobs_or_zero_occ_residues.PDB_ins_code 
_pdbx_unobs_or_zero_occ_residues.label_asym_id 
_pdbx_unobs_or_zero_occ_residues.label_comp_id 
_pdbx_unobs_or_zero_occ_residues.label_seq_id 
1 1 Y 1 A GLU 350 ? A GLU 129 
2 1 Y 1 A ARG 351 ? A ARG 130 
3 1 Y 1 A LEU 352 ? A LEU 131 
# 
loop_
_chem_comp_atom.comp_id 
_chem_comp_atom.atom_id 
_chem_comp_atom.type_symbol 
_chem_comp_atom.pdbx_aromatic_flag 
_chem_comp_atom.pdbx_stereo_config 
_chem_comp_atom.pdbx_ordinal 
ACE C    C  N N 1   
ACE O    O  N N 2   
ACE CH3  C  N N 3   
ACE H    H  N N 4   
ACE H1   H  N N 5   
ACE H2   H  N N 6   
ACE H3   H  N N 7   
ALA N    N  N N 8   
ALA CA   C  N S 9   
ALA C    C  N N 10  
ALA O    O  N N 11  
ALA CB   C  N N 12  
ALA OXT  O  N N 13  
ALA H    H  N N 14  
ALA H2   H  N N 15  
ALA HA   H  N N 16  
ALA HB1  H  N N 17  
ALA HB2  H  N N 18  
ALA HB3  H  N N 19  
ALA HXT  H  N N 20  
ARG N    N  N N 21  
ARG CA   C  N S 22  
ARG C    C  N N 23  
ARG O    O  N N 24  
ARG CB   C  N N 25  
ARG CG   C  N N 26  
ARG CD   C  N N 27  
ARG NE   N  N N 28  
ARG CZ   C  N N 29  
ARG NH1  N  N N 30  
ARG NH2  N  N N 31  
ARG OXT  O  N N 32  
ARG H    H  N N 33  
ARG H2   H  N N 34  
ARG HA   H  N N 35  
ARG HB2  H  N N 36  
ARG HB3  H  N N 37  
ARG HG2  H  N N 38  
ARG HG3  H  N N 39  
ARG HD2  H  N N 40  
ARG HD3  H  N N 41  
ARG HE   H  N N 42  
ARG HH11 H  N N 43  
ARG HH12 H  N N 44  
ARG HH21 H  N N 45  
ARG HH22 H  N N 46  
ARG HXT  H  N N 47  
ASN N    N  N N 48  
ASN CA   C  N S 49  
ASN C    C  N N 50  
ASN O    O  N N 51  
ASN CB   C  N N 52  
ASN CG   C  N N 53  
ASN OD1  O  N N 54  
ASN ND2  N  N N 55  
ASN OXT  O  N N 56  
ASN H    H  N N 57  
ASN H2   H  N N 58  
ASN HA   H  N N 59  
ASN HB2  H  N N 60  
ASN HB3  H  N N 61  
ASN HD21 H  N N 62  
ASN HD22 H  N N 63  
ASN HXT  H  N N 64  
ASP N    N  N N 65  
ASP CA   C  N S 66  
ASP C    C  N N 67  
ASP O    O  N N 68  
ASP CB   C  N N 69  
ASP CG   C  N N 70  
ASP OD1  O  N N 71  
ASP OD2  O  N N 72  
ASP OXT  O  N N 73  
ASP H    H  N N 74  
ASP H2   H  N N 75  
ASP HA   H  N N 76  
ASP HB2  H  N N 77  
ASP HB3  H  N N 78  
ASP HD2  H  N N 79  
ASP HXT  H  N N 80  
CYS N    N  N N 81  
CYS CA   C  N R 82  
CYS C    C  N N 83  
CYS O    O  N N 84  
CYS CB   C  N N 85  
CYS SG   S  N N 86  
CYS OXT  O  N N 87  
CYS H    H  N N 88  
CYS H2   H  N N 89  
CYS HA   H  N N 90  
CYS HB2  H  N N 91  
CYS HB3  H  N N 92  
CYS HG   H  N N 93  
CYS HXT  H  N N 94  
GLN N    N  N N 95  
GLN CA   C  N S 96  
GLN C    C  N N 97  
GLN O    O  N N 98  
GLN CB   C  N N 99  
GLN CG   C  N N 100 
GLN CD   C  N N 101 
GLN OE1  O  N N 102 
GLN NE2  N  N N 103 
GLN OXT  O  N N 104 
GLN H    H  N N 105 
GLN H2   H  N N 106 
GLN HA   H  N N 107 
GLN HB2  H  N N 108 
GLN HB3  H  N N 109 
GLN HG2  H  N N 110 
GLN HG3  H  N N 111 
GLN HE21 H  N N 112 
GLN HE22 H  N N 113 
GLN HXT  H  N N 114 
GLU N    N  N N 115 
GLU CA   C  N S 116 
GLU C    C  N N 117 
GLU O    O  N N 118 
GLU CB   C  N N 119 
GLU CG   C  N N 120 
GLU CD   C  N N 121 
GLU OE1  O  N N 122 
GLU OE2  O  N N 123 
GLU OXT  O  N N 124 
GLU H    H  N N 125 
GLU H2   H  N N 126 
GLU HA   H  N N 127 
GLU HB2  H  N N 128 
GLU HB3  H  N N 129 
GLU HG2  H  N N 130 
GLU HG3  H  N N 131 
GLU HE2  H  N N 132 
GLU HXT  H  N N 133 
GLY N    N  N N 134 
GLY CA   C  N N 135 
GLY C    C  N N 136 
GLY O    O  N N 137 
GLY OXT  O  N N 138 
GLY H    H  N N 139 
GLY H2   H  N N 140 
GLY HA2  H  N N 141 
GLY HA3  H  N N 142 
GLY HXT  H  N N 143 
HIS N    N  N N 144 
HIS CA   C  N S 145 
HIS C    C  N N 146 
HIS O    O  N N 147 
HIS CB   C  N N 148 
HIS CG   C  Y N 149 
HIS ND1  N  Y N 150 
HIS CD2  C  Y N 151 
HIS CE1  C  Y N 152 
HIS NE2  N  Y N 153 
HIS OXT  O  N N 154 
HIS H    H  N N 155 
HIS H2   H  N N 156 
HIS HA   H  N N 157 
HIS HB2  H  N N 158 
HIS HB3  H  N N 159 
HIS HD1  H  N N 160 
HIS HD2  H  N N 161 
HIS HE1  H  N N 162 
HIS HE2  H  N N 163 
HIS HXT  H  N N 164 
HOH O    O  N N 165 
HOH H1   H  N N 166 
HOH H2   H  N N 167 
ILE N    N  N N 168 
ILE CA   C  N S 169 
ILE C    C  N N 170 
ILE O    O  N N 171 
ILE CB   C  N S 172 
ILE CG1  C  N N 173 
ILE CG2  C  N N 174 
ILE CD1  C  N N 175 
ILE OXT  O  N N 176 
ILE H    H  N N 177 
ILE H2   H  N N 178 
ILE HA   H  N N 179 
ILE HB   H  N N 180 
ILE HG12 H  N N 181 
ILE HG13 H  N N 182 
ILE HG21 H  N N 183 
ILE HG22 H  N N 184 
ILE HG23 H  N N 185 
ILE HD11 H  N N 186 
ILE HD12 H  N N 187 
ILE HD13 H  N N 188 
ILE HXT  H  N N 189 
LEU N    N  N N 190 
LEU CA   C  N S 191 
LEU C    C  N N 192 
LEU O    O  N N 193 
LEU CB   C  N N 194 
LEU CG   C  N N 195 
LEU CD1  C  N N 196 
LEU CD2  C  N N 197 
LEU OXT  O  N N 198 
LEU H    H  N N 199 
LEU H2   H  N N 200 
LEU HA   H  N N 201 
LEU HB2  H  N N 202 
LEU HB3  H  N N 203 
LEU HG   H  N N 204 
LEU HD11 H  N N 205 
LEU HD12 H  N N 206 
LEU HD13 H  N N 207 
LEU HD21 H  N N 208 
LEU HD22 H  N N 209 
LEU HD23 H  N N 210 
LEU HXT  H  N N 211 
LYS N    N  N N 212 
LYS CA   C  N S 213 
LYS C    C  N N 214 
LYS O    O  N N 215 
LYS CB   C  N N 216 
LYS CG   C  N N 217 
LYS CD   C  N N 218 
LYS CE   C  N N 219 
LYS NZ   N  N N 220 
LYS OXT  O  N N 221 
LYS H    H  N N 222 
LYS H2   H  N N 223 
LYS HA   H  N N 224 
LYS HB2  H  N N 225 
LYS HB3  H  N N 226 
LYS HG2  H  N N 227 
LYS HG3  H  N N 228 
LYS HD2  H  N N 229 
LYS HD3  H  N N 230 
LYS HE2  H  N N 231 
LYS HE3  H  N N 232 
LYS HZ1  H  N N 233 
LYS HZ2  H  N N 234 
LYS HZ3  H  N N 235 
LYS HXT  H  N N 236 
MET N    N  N N 237 
MET CA   C  N S 238 
MET C    C  N N 239 
MET O    O  N N 240 
MET CB   C  N N 241 
MET CG   C  N N 242 
MET SD   S  N N 243 
MET CE   C  N N 244 
MET OXT  O  N N 245 
MET H    H  N N 246 
MET H2   H  N N 247 
MET HA   H  N N 248 
MET HB2  H  N N 249 
MET HB3  H  N N 250 
MET HG2  H  N N 251 
MET HG3  H  N N 252 
MET HE1  H  N N 253 
MET HE2  H  N N 254 
MET HE3  H  N N 255 
MET HXT  H  N N 256 
NI  NI   NI N N 257 
PHE N    N  N N 258 
PHE CA   C  N S 259 
PHE C    C  N N 260 
PHE O    O  N N 261 
PHE CB   C  N N 262 
PHE CG   C  Y N 263 
PHE CD1  C  Y N 264 
PHE CD2  C  Y N 265 
PHE CE1  C  Y N 266 
PHE CE2  C  Y N 267 
PHE CZ   C  Y N 268 
PHE OXT  O  N N 269 
PHE H    H  N N 270 
PHE H2   H  N N 271 
PHE HA   H  N N 272 
PHE HB2  H  N N 273 
PHE HB3  H  N N 274 
PHE HD1  H  N N 275 
PHE HD2  H  N N 276 
PHE HE1  H  N N 277 
PHE HE2  H  N N 278 
PHE HZ   H  N N 279 
PHE HXT  H  N N 280 
PRO N    N  N N 281 
PRO CA   C  N S 282 
PRO C    C  N N 283 
PRO O    O  N N 284 
PRO CB   C  N N 285 
PRO CG   C  N N 286 
PRO CD   C  N N 287 
PRO OXT  O  N N 288 
PRO H    H  N N 289 
PRO HA   H  N N 290 
PRO HB2  H  N N 291 
PRO HB3  H  N N 292 
PRO HG2  H  N N 293 
PRO HG3  H  N N 294 
PRO HD2  H  N N 295 
PRO HD3  H  N N 296 
PRO HXT  H  N N 297 
SER N    N  N N 298 
SER CA   C  N S 299 
SER C    C  N N 300 
SER O    O  N N 301 
SER CB   C  N N 302 
SER OG   O  N N 303 
SER OXT  O  N N 304 
SER H    H  N N 305 
SER H2   H  N N 306 
SER HA   H  N N 307 
SER HB2  H  N N 308 
SER HB3  H  N N 309 
SER HG   H  N N 310 
SER HXT  H  N N 311 
THR N    N  N N 312 
THR CA   C  N S 313 
THR C    C  N N 314 
THR O    O  N N 315 
THR CB   C  N R 316 
THR OG1  O  N N 317 
THR CG2  C  N N 318 
THR OXT  O  N N 319 
THR H    H  N N 320 
THR H2   H  N N 321 
THR HA   H  N N 322 
THR HB   H  N N 323 
THR HG1  H  N N 324 
THR HG21 H  N N 325 
THR HG22 H  N N 326 
THR HG23 H  N N 327 
THR HXT  H  N N 328 
TYR N    N  N N 329 
TYR CA   C  N S 330 
TYR C    C  N N 331 
TYR O    O  N N 332 
TYR CB   C  N N 333 
TYR CG   C  Y N 334 
TYR CD1  C  Y N 335 
TYR CD2  C  Y N 336 
TYR CE1  C  Y N 337 
TYR CE2  C  Y N 338 
TYR CZ   C  Y N 339 
TYR OH   O  N N 340 
TYR OXT  O  N N 341 
TYR H    H  N N 342 
TYR H2   H  N N 343 
TYR HA   H  N N 344 
TYR HB2  H  N N 345 
TYR HB3  H  N N 346 
TYR HD1  H  N N 347 
TYR HD2  H  N N 348 
TYR HE1  H  N N 349 
TYR HE2  H  N N 350 
TYR HH   H  N N 351 
TYR HXT  H  N N 352 
VAL N    N  N N 353 
VAL CA   C  N S 354 
VAL C    C  N N 355 
VAL O    O  N N 356 
VAL CB   C  N N 357 
VAL CG1  C  N N 358 
VAL CG2  C  N N 359 
VAL OXT  O  N N 360 
VAL H    H  N N 361 
VAL H2   H  N N 362 
VAL HA   H  N N 363 
VAL HB   H  N N 364 
VAL HG11 H  N N 365 
VAL HG12 H  N N 366 
VAL HG13 H  N N 367 
VAL HG21 H  N N 368 
VAL HG22 H  N N 369 
VAL HG23 H  N N 370 
VAL HXT  H  N N 371 
# 
loop_
_chem_comp_bond.comp_id 
_chem_comp_bond.atom_id_1 
_chem_comp_bond.atom_id_2 
_chem_comp_bond.value_order 
_chem_comp_bond.pdbx_aromatic_flag 
_chem_comp_bond.pdbx_stereo_config 
_chem_comp_bond.pdbx_ordinal 
ACE C   O    doub N N 1   
ACE C   CH3  sing N N 2   
ACE C   H    sing N N 3   
ACE CH3 H1   sing N N 4   
ACE CH3 H2   sing N N 5   
ACE CH3 H3   sing N N 6   
ALA N   CA   sing N N 7   
ALA N   H    sing N N 8   
ALA N   H2   sing N N 9   
ALA CA  C    sing N N 10  
ALA CA  CB   sing N N 11  
ALA CA  HA   sing N N 12  
ALA C   O    doub N N 13  
ALA C   OXT  sing N N 14  
ALA CB  HB1  sing N N 15  
ALA CB  HB2  sing N N 16  
ALA CB  HB3  sing N N 17  
ALA OXT HXT  sing N N 18  
ARG N   CA   sing N N 19  
ARG N   H    sing N N 20  
ARG N   H2   sing N N 21  
ARG CA  C    sing N N 22  
ARG CA  CB   sing N N 23  
ARG CA  HA   sing N N 24  
ARG C   O    doub N N 25  
ARG C   OXT  sing N N 26  
ARG CB  CG   sing N N 27  
ARG CB  HB2  sing N N 28  
ARG CB  HB3  sing N N 29  
ARG CG  CD   sing N N 30  
ARG CG  HG2  sing N N 31  
ARG CG  HG3  sing N N 32  
ARG CD  NE   sing N N 33  
ARG CD  HD2  sing N N 34  
ARG CD  HD3  sing N N 35  
ARG NE  CZ   sing N N 36  
ARG NE  HE   sing N N 37  
ARG CZ  NH1  sing N N 38  
ARG CZ  NH2  doub N N 39  
ARG NH1 HH11 sing N N 40  
ARG NH1 HH12 sing N N 41  
ARG NH2 HH21 sing N N 42  
ARG NH2 HH22 sing N N 43  
ARG OXT HXT  sing N N 44  
ASN N   CA   sing N N 45  
ASN N   H    sing N N 46  
ASN N   H2   sing N N 47  
ASN CA  C    sing N N 48  
ASN CA  CB   sing N N 49  
ASN CA  HA   sing N N 50  
ASN C   O    doub N N 51  
ASN C   OXT  sing N N 52  
ASN CB  CG   sing N N 53  
ASN CB  HB2  sing N N 54  
ASN CB  HB3  sing N N 55  
ASN CG  OD1  doub N N 56  
ASN CG  ND2  sing N N 57  
ASN ND2 HD21 sing N N 58  
ASN ND2 HD22 sing N N 59  
ASN OXT HXT  sing N N 60  
ASP N   CA   sing N N 61  
ASP N   H    sing N N 62  
ASP N   H2   sing N N 63  
ASP CA  C    sing N N 64  
ASP CA  CB   sing N N 65  
ASP CA  HA   sing N N 66  
ASP C   O    doub N N 67  
ASP C   OXT  sing N N 68  
ASP CB  CG   sing N N 69  
ASP CB  HB2  sing N N 70  
ASP CB  HB3  sing N N 71  
ASP CG  OD1  doub N N 72  
ASP CG  OD2  sing N N 73  
ASP OD2 HD2  sing N N 74  
ASP OXT HXT  sing N N 75  
CYS N   CA   sing N N 76  
CYS N   H    sing N N 77  
CYS N   H2   sing N N 78  
CYS CA  C    sing N N 79  
CYS CA  CB   sing N N 80  
CYS CA  HA   sing N N 81  
CYS C   O    doub N N 82  
CYS C   OXT  sing N N 83  
CYS CB  SG   sing N N 84  
CYS CB  HB2  sing N N 85  
CYS CB  HB3  sing N N 86  
CYS SG  HG   sing N N 87  
CYS OXT HXT  sing N N 88  
GLN N   CA   sing N N 89  
GLN N   H    sing N N 90  
GLN N   H2   sing N N 91  
GLN CA  C    sing N N 92  
GLN CA  CB   sing N N 93  
GLN CA  HA   sing N N 94  
GLN C   O    doub N N 95  
GLN C   OXT  sing N N 96  
GLN CB  CG   sing N N 97  
GLN CB  HB2  sing N N 98  
GLN CB  HB3  sing N N 99  
GLN CG  CD   sing N N 100 
GLN CG  HG2  sing N N 101 
GLN CG  HG3  sing N N 102 
GLN CD  OE1  doub N N 103 
GLN CD  NE2  sing N N 104 
GLN NE2 HE21 sing N N 105 
GLN NE2 HE22 sing N N 106 
GLN OXT HXT  sing N N 107 
GLU N   CA   sing N N 108 
GLU N   H    sing N N 109 
GLU N   H2   sing N N 110 
GLU CA  C    sing N N 111 
GLU CA  CB   sing N N 112 
GLU CA  HA   sing N N 113 
GLU C   O    doub N N 114 
GLU C   OXT  sing N N 115 
GLU CB  CG   sing N N 116 
GLU CB  HB2  sing N N 117 
GLU CB  HB3  sing N N 118 
GLU CG  CD   sing N N 119 
GLU CG  HG2  sing N N 120 
GLU CG  HG3  sing N N 121 
GLU CD  OE1  doub N N 122 
GLU CD  OE2  sing N N 123 
GLU OE2 HE2  sing N N 124 
GLU OXT HXT  sing N N 125 
GLY N   CA   sing N N 126 
GLY N   H    sing N N 127 
GLY N   H2   sing N N 128 
GLY CA  C    sing N N 129 
GLY CA  HA2  sing N N 130 
GLY CA  HA3  sing N N 131 
GLY C   O    doub N N 132 
GLY C   OXT  sing N N 133 
GLY OXT HXT  sing N N 134 
HIS N   CA   sing N N 135 
HIS N   H    sing N N 136 
HIS N   H2   sing N N 137 
HIS CA  C    sing N N 138 
HIS CA  CB   sing N N 139 
HIS CA  HA   sing N N 140 
HIS C   O    doub N N 141 
HIS C   OXT  sing N N 142 
HIS CB  CG   sing N N 143 
HIS CB  HB2  sing N N 144 
HIS CB  HB3  sing N N 145 
HIS CG  ND1  sing Y N 146 
HIS CG  CD2  doub Y N 147 
HIS ND1 CE1  doub Y N 148 
HIS ND1 HD1  sing N N 149 
HIS CD2 NE2  sing Y N 150 
HIS CD2 HD2  sing N N 151 
HIS CE1 NE2  sing Y N 152 
HIS CE1 HE1  sing N N 153 
HIS NE2 HE2  sing N N 154 
HIS OXT HXT  sing N N 155 
HOH O   H1   sing N N 156 
HOH O   H2   sing N N 157 
ILE N   CA   sing N N 158 
ILE N   H    sing N N 159 
ILE N   H2   sing N N 160 
ILE CA  C    sing N N 161 
ILE CA  CB   sing N N 162 
ILE CA  HA   sing N N 163 
ILE C   O    doub N N 164 
ILE C   OXT  sing N N 165 
ILE CB  CG1  sing N N 166 
ILE CB  CG2  sing N N 167 
ILE CB  HB   sing N N 168 
ILE CG1 CD1  sing N N 169 
ILE CG1 HG12 sing N N 170 
ILE CG1 HG13 sing N N 171 
ILE CG2 HG21 sing N N 172 
ILE CG2 HG22 sing N N 173 
ILE CG2 HG23 sing N N 174 
ILE CD1 HD11 sing N N 175 
ILE CD1 HD12 sing N N 176 
ILE CD1 HD13 sing N N 177 
ILE OXT HXT  sing N N 178 
LEU N   CA   sing N N 179 
LEU N   H    sing N N 180 
LEU N   H2   sing N N 181 
LEU CA  C    sing N N 182 
LEU CA  CB   sing N N 183 
LEU CA  HA   sing N N 184 
LEU C   O    doub N N 185 
LEU C   OXT  sing N N 186 
LEU CB  CG   sing N N 187 
LEU CB  HB2  sing N N 188 
LEU CB  HB3  sing N N 189 
LEU CG  CD1  sing N N 190 
LEU CG  CD2  sing N N 191 
LEU CG  HG   sing N N 192 
LEU CD1 HD11 sing N N 193 
LEU CD1 HD12 sing N N 194 
LEU CD1 HD13 sing N N 195 
LEU CD2 HD21 sing N N 196 
LEU CD2 HD22 sing N N 197 
LEU CD2 HD23 sing N N 198 
LEU OXT HXT  sing N N 199 
LYS N   CA   sing N N 200 
LYS N   H    sing N N 201 
LYS N   H2   sing N N 202 
LYS CA  C    sing N N 203 
LYS CA  CB   sing N N 204 
LYS CA  HA   sing N N 205 
LYS C   O    doub N N 206 
LYS C   OXT  sing N N 207 
LYS CB  CG   sing N N 208 
LYS CB  HB2  sing N N 209 
LYS CB  HB3  sing N N 210 
LYS CG  CD   sing N N 211 
LYS CG  HG2  sing N N 212 
LYS CG  HG3  sing N N 213 
LYS CD  CE   sing N N 214 
LYS CD  HD2  sing N N 215 
LYS CD  HD3  sing N N 216 
LYS CE  NZ   sing N N 217 
LYS CE  HE2  sing N N 218 
LYS CE  HE3  sing N N 219 
LYS NZ  HZ1  sing N N 220 
LYS NZ  HZ2  sing N N 221 
LYS NZ  HZ3  sing N N 222 
LYS OXT HXT  sing N N 223 
MET N   CA   sing N N 224 
MET N   H    sing N N 225 
MET N   H2   sing N N 226 
MET CA  C    sing N N 227 
MET CA  CB   sing N N 228 
MET CA  HA   sing N N 229 
MET C   O    doub N N 230 
MET C   OXT  sing N N 231 
MET CB  CG   sing N N 232 
MET CB  HB2  sing N N 233 
MET CB  HB3  sing N N 234 
MET CG  SD   sing N N 235 
MET CG  HG2  sing N N 236 
MET CG  HG3  sing N N 237 
MET SD  CE   sing N N 238 
MET CE  HE1  sing N N 239 
MET CE  HE2  sing N N 240 
MET CE  HE3  sing N N 241 
MET OXT HXT  sing N N 242 
PHE N   CA   sing N N 243 
PHE N   H    sing N N 244 
PHE N   H2   sing N N 245 
PHE CA  C    sing N N 246 
PHE CA  CB   sing N N 247 
PHE CA  HA   sing N N 248 
PHE C   O    doub N N 249 
PHE C   OXT  sing N N 250 
PHE CB  CG   sing N N 251 
PHE CB  HB2  sing N N 252 
PHE CB  HB3  sing N N 253 
PHE CG  CD1  doub Y N 254 
PHE CG  CD2  sing Y N 255 
PHE CD1 CE1  sing Y N 256 
PHE CD1 HD1  sing N N 257 
PHE CD2 CE2  doub Y N 258 
PHE CD2 HD2  sing N N 259 
PHE CE1 CZ   doub Y N 260 
PHE CE1 HE1  sing N N 261 
PHE CE2 CZ   sing Y N 262 
PHE CE2 HE2  sing N N 263 
PHE CZ  HZ   sing N N 264 
PHE OXT HXT  sing N N 265 
PRO N   CA   sing N N 266 
PRO N   CD   sing N N 267 
PRO N   H    sing N N 268 
PRO CA  C    sing N N 269 
PRO CA  CB   sing N N 270 
PRO CA  HA   sing N N 271 
PRO C   O    doub N N 272 
PRO C   OXT  sing N N 273 
PRO CB  CG   sing N N 274 
PRO CB  HB2  sing N N 275 
PRO CB  HB3  sing N N 276 
PRO CG  CD   sing N N 277 
PRO CG  HG2  sing N N 278 
PRO CG  HG3  sing N N 279 
PRO CD  HD2  sing N N 280 
PRO CD  HD3  sing N N 281 
PRO OXT HXT  sing N N 282 
SER N   CA   sing N N 283 
SER N   H    sing N N 284 
SER N   H2   sing N N 285 
SER CA  C    sing N N 286 
SER CA  CB   sing N N 287 
SER CA  HA   sing N N 288 
SER C   O    doub N N 289 
SER C   OXT  sing N N 290 
SER CB  OG   sing N N 291 
SER CB  HB2  sing N N 292 
SER CB  HB3  sing N N 293 
SER OG  HG   sing N N 294 
SER OXT HXT  sing N N 295 
THR N   CA   sing N N 296 
THR N   H    sing N N 297 
THR N   H2   sing N N 298 
THR CA  C    sing N N 299 
THR CA  CB   sing N N 300 
THR CA  HA   sing N N 301 
THR C   O    doub N N 302 
THR C   OXT  sing N N 303 
THR CB  OG1  sing N N 304 
THR CB  CG2  sing N N 305 
THR CB  HB   sing N N 306 
THR OG1 HG1  sing N N 307 
THR CG2 HG21 sing N N 308 
THR CG2 HG22 sing N N 309 
THR CG2 HG23 sing N N 310 
THR OXT HXT  sing N N 311 
TYR N   CA   sing N N 312 
TYR N   H    sing N N 313 
TYR N   H2   sing N N 314 
TYR CA  C    sing N N 315 
TYR CA  CB   sing N N 316 
TYR CA  HA   sing N N 317 
TYR C   O    doub N N 318 
TYR C   OXT  sing N N 319 
TYR CB  CG   sing N N 320 
TYR CB  HB2  sing N N 321 
TYR CB  HB3  sing N N 322 
TYR CG  CD1  doub Y N 323 
TYR CG  CD2  sing Y N 324 
TYR CD1 CE1  sing Y N 325 
TYR CD1 HD1  sing N N 326 
TYR CD2 CE2  doub Y N 327 
TYR CD2 HD2  sing N N 328 
TYR CE1 CZ   doub Y N 329 
TYR CE1 HE1  sing N N 330 
TYR CE2 CZ   sing Y N 331 
TYR CE2 HE2  sing N N 332 
TYR CZ  OH   sing N N 333 
TYR OH  HH   sing N N 334 
TYR OXT HXT  sing N N 335 
VAL N   CA   sing N N 336 
VAL N   H    sing N N 337 
VAL N   H2   sing N N 338 
VAL CA  C    sing N N 339 
VAL CA  CB   sing N N 340 
VAL CA  HA   sing N N 341 
VAL C   O    doub N N 342 
VAL C   OXT  sing N N 343 
VAL CB  CG1  sing N N 344 
VAL CB  CG2  sing N N 345 
VAL CB  HB   sing N N 346 
VAL CG1 HG11 sing N N 347 
VAL CG1 HG12 sing N N 348 
VAL CG1 HG13 sing N N 349 
VAL CG2 HG21 sing N N 350 
VAL CG2 HG22 sing N N 351 
VAL CG2 HG23 sing N N 352 
VAL OXT HXT  sing N N 353 
# 
_atom_sites.entry_id                    1ELR 
_atom_sites.fract_transf_matrix[1][1]   -0.00938423 
_atom_sites.fract_transf_matrix[1][2]   0.00510823 
_atom_sites.fract_transf_matrix[1][3]   -0.00849422 
_atom_sites.fract_transf_matrix[2][1]   -0.01503385 
_atom_sites.fract_transf_matrix[2][2]   -0.00667999 
_atom_sites.fract_transf_matrix[2][3]   0.01259187 
_atom_sites.fract_transf_matrix[3][1]   0.00029401 
_atom_sites.fract_transf_matrix[3][2]   0.02306798 
_atom_sites.fract_transf_matrix[3][3]   0.01258861 
_atom_sites.fract_transf_vector[1]      0.249207 
_atom_sites.fract_transf_vector[2]      0.085977 
_atom_sites.fract_transf_vector[3]      0.261147 
# 
loop_
_atom_type.symbol 
C  
N  
NI 
O  
S  
# 
loop_
_atom_site.group_PDB 
_atom_site.id 
_atom_site.type_symbol 
_atom_site.label_atom_id 
_atom_site.label_alt_id 
_atom_site.label_comp_id 
_atom_site.label_asym_id 
_atom_site.label_entity_id 
_atom_site.label_seq_id 
_atom_site.pdbx_PDB_ins_code 
_atom_site.Cartn_x 
_atom_site.Cartn_y 
_atom_site.Cartn_z 
_atom_site.occupancy 
_atom_site.B_iso_or_equiv 
_atom_site.pdbx_formal_charge 
_atom_site.auth_seq_id 
_atom_site.auth_comp_id 
_atom_site.auth_asym_id 
_atom_site.auth_atom_id 
_atom_site.pdbx_PDB_model_num 
ATOM   1    N  N   . GLY A 1 1   ? 6.744   4.149   21.832  1.00 40.84 ? 222 GLY A N   1 
ATOM   2    C  CA  . GLY A 1 1   ? 6.027   4.019   20.522  1.00 40.24 ? 222 GLY A CA  1 
ATOM   3    C  C   . GLY A 1 1   ? 5.013   5.125   20.290  1.00 39.66 ? 222 GLY A C   1 
ATOM   4    O  O   . GLY A 1 1   ? 4.616   5.383   19.153  1.00 41.35 ? 222 GLY A O   1 
ATOM   5    N  N   . LYS A 1 2   ? 4.600   5.776   21.372  1.00 37.97 ? 223 LYS A N   1 
ATOM   6    C  CA  . LYS A 1 2   ? 3.627   6.862   21.319  1.00 36.00 ? 223 LYS A CA  1 
ATOM   7    C  C   . LYS A 1 2   ? 3.886   7.943   20.270  1.00 33.36 ? 223 LYS A C   1 
ATOM   8    O  O   . LYS A 1 2   ? 3.016   8.227   19.441  1.00 33.00 ? 223 LYS A O   1 
ATOM   9    C  CB  . LYS A 1 2   ? 3.534   7.523   22.686  1.00 37.66 ? 223 LYS A CB  1 
ATOM   10   C  CG  . LYS A 1 2   ? 2.797   8.843   22.693  1.00 39.85 ? 223 LYS A CG  1 
ATOM   11   C  CD  . LYS A 1 2   ? 2.796   9.443   24.089  1.00 41.81 ? 223 LYS A CD  1 
ATOM   12   C  CE  . LYS A 1 2   ? 2.178   10.830  24.114  1.00 42.06 ? 223 LYS A CE  1 
ATOM   13   N  NZ  . LYS A 1 2   ? 2.135   11.280  25.520  1.00 44.15 ? 223 LYS A NZ  1 
ATOM   14   N  N   . GLN A 1 3   ? 5.061   8.563   20.310  1.00 31.03 ? 224 GLN A N   1 
ATOM   15   C  CA  . GLN A 1 3   ? 5.368   9.633   19.357  1.00 28.05 ? 224 GLN A CA  1 
ATOM   16   C  C   . GLN A 1 3   ? 5.217   9.206   17.889  1.00 24.92 ? 224 GLN A C   1 
ATOM   17   O  O   . GLN A 1 3   ? 4.668   9.949   17.087  1.00 23.61 ? 224 GLN A O   1 
ATOM   18   C  CB  . GLN A 1 3   ? 6.784   10.177  19.606  1.00 28.88 ? 224 GLN A CB  1 
ATOM   19   C  CG  . GLN A 1 3   ? 7.099   11.476  18.857  1.00 30.50 ? 224 GLN A CG  1 
ATOM   20   C  CD  . GLN A 1 3   ? 6.007   12.536  19.023  1.00 33.39 ? 224 GLN A CD  1 
ATOM   21   O  OE1 . GLN A 1 3   ? 5.558   12.823  20.140  1.00 34.47 ? 224 GLN A OE1 1 
ATOM   22   N  NE2 . GLN A 1 3   ? 5.578   13.122  17.908  1.00 31.65 ? 224 GLN A NE2 1 
ATOM   23   N  N   . ALA A 1 4   ? 5.691   8.012   17.543  1.00 23.38 ? 225 ALA A N   1 
ATOM   24   C  CA  . ALA A 1 4   ? 5.595   7.538   16.153  1.00 22.17 ? 225 ALA A CA  1 
ATOM   25   C  C   . ALA A 1 4   ? 4.160   7.561   15.638  1.00 21.18 ? 225 ALA A C   1 
ATOM   26   O  O   . ALA A 1 4   ? 3.900   7.914   14.486  1.00 20.40 ? 225 ALA A O   1 
ATOM   27   C  CB  . ALA A 1 4   ? 6.164   6.136   16.034  1.00 20.93 ? 225 ALA A CB  1 
ATOM   28   N  N   . LEU A 1 5   ? 3.214   7.175   16.484  1.00 21.57 ? 226 LEU A N   1 
ATOM   29   C  CA  . LEU A 1 5   ? 1.826   7.169   16.049  1.00 20.61 ? 226 LEU A CA  1 
ATOM   30   C  C   . LEU A 1 5   ? 1.343   8.601   15.838  1.00 20.17 ? 226 LEU A C   1 
ATOM   31   O  O   . LEU A 1 5   ? 0.546   8.859   14.948  1.00 18.07 ? 226 LEU A O   1 
ATOM   32   C  CB  . LEU A 1 5   ? 0.953   6.416   17.061  1.00 23.24 ? 226 LEU A CB  1 
ATOM   33   C  CG  . LEU A 1 5   ? 1.226   4.902   17.019  1.00 25.31 ? 226 LEU A CG  1 
ATOM   34   C  CD1 . LEU A 1 5   ? 0.614   4.199   18.223  1.00 26.56 ? 226 LEU A CD1 1 
ATOM   35   C  CD2 . LEU A 1 5   ? 0.680   4.328   15.719  1.00 27.28 ? 226 LEU A CD2 1 
ATOM   36   N  N   . LYS A 1 6   ? 1.827   9.531   16.657  1.00 18.41 ? 227 LYS A N   1 
ATOM   37   C  CA  . LYS A 1 6   ? 1.455   10.939  16.494  1.00 18.52 ? 227 LYS A CA  1 
ATOM   38   C  C   . LYS A 1 6   ? 2.006   11.456  15.164  1.00 16.86 ? 227 LYS A C   1 
ATOM   39   O  O   . LYS A 1 6   ? 1.344   12.210  14.459  1.00 15.00 ? 227 LYS A O   1 
ATOM   40   C  CB  . LYS A 1 6   ? 2.031   11.777  17.634  1.00 20.21 ? 227 LYS A CB  1 
ATOM   41   C  CG  . LYS A 1 6   ? 1.395   11.482  18.984  1.00 25.22 ? 227 LYS A CG  1 
ATOM   42   C  CD  . LYS A 1 6   ? 0.327   12.510  19.353  1.00 27.59 ? 227 LYS A CD  1 
ATOM   43   C  CE  . LYS A 1 6   ? 0.968   13.797  19.876  1.00 29.87 ? 227 LYS A CE  1 
ATOM   44   N  NZ  . LYS A 1 6   ? 0.000   14.777  20.465  1.00 29.96 ? 227 LYS A NZ  1 
ATOM   45   N  N   . GLU A 1 7   ? 3.237   11.073  14.843  1.00 14.66 ? 228 GLU A N   1 
ATOM   46   C  CA  . GLU A 1 7   ? 3.835   11.493  13.576  1.00 15.15 ? 228 GLU A CA  1 
ATOM   47   C  C   . GLU A 1 7   ? 3.035   10.879  12.409  1.00 13.46 ? 228 GLU A C   1 
ATOM   48   O  O   . GLU A 1 7   ? 2.753   11.554  11.421  1.00 11.83 ? 228 GLU A O   1 
ATOM   49   C  CB  . GLU A 1 7   ? 5.294   11.027  13.485  1.00 15.30 ? 228 GLU A CB  1 
ATOM   50   C  CG  . GLU A 1 7   ? 6.207   11.607  14.567  1.00 17.47 ? 228 GLU A CG  1 
ATOM   51   C  CD  . GLU A 1 7   ? 6.577   13.069  14.346  1.00 20.49 ? 228 GLU A CD  1 
ATOM   52   O  OE1 . GLU A 1 7   ? 6.997   13.718  15.329  1.00 20.67 ? 228 GLU A OE1 1 
ATOM   53   O  OE2 . GLU A 1 7   ? 6.463   13.566  13.206  1.00 19.22 ? 228 GLU A OE2 1 
ATOM   54   N  N   . LYS A 1 8   ? 2.683   9.600   12.521  1.00 10.86 ? 229 LYS A N   1 
ATOM   55   C  CA  . LYS A 1 8   ? 1.925   8.955   11.452  1.00 12.81 ? 229 LYS A CA  1 
ATOM   56   C  C   . LYS A 1 8   ? 0.602   9.666   11.192  1.00 12.38 ? 229 LYS A C   1 
ATOM   57   O  O   . LYS A 1 8   ? 0.217   9.877   10.040  1.00 11.31 ? 229 LYS A O   1 
ATOM   58   C  CB  . LYS A 1 8   ? 1.640   7.497   11.791  1.00 13.09 ? 229 LYS A CB  1 
ATOM   59   C  CG  . LYS A 1 8   ? 0.924   6.762   10.682  1.00 14.61 ? 229 LYS A CG  1 
ATOM   60   C  CD  . LYS A 1 8   ? 0.230   5.519   11.183  1.00 16.56 ? 229 LYS A CD  1 
ATOM   61   C  CE  . LYS A 1 8   ? -0.823  5.862   12.207  1.00 18.31 ? 229 LYS A CE  1 
ATOM   62   N  NZ  . LYS A 1 8   ? -1.724  4.708   12.391  1.00 21.48 ? 229 LYS A NZ  1 
ATOM   63   N  N   . GLU A 1 9   ? -0.099  10.040  12.261  1.00 12.71 ? 230 GLU A N   1 
ATOM   64   C  CA  . GLU A 1 9   ? -1.384  10.708  12.094  1.00 13.54 ? 230 GLU A CA  1 
ATOM   65   C  C   . GLU A 1 9   ? -1.276  12.091  11.459  1.00 13.04 ? 230 GLU A C   1 
ATOM   66   O  O   . GLU A 1 9   ? -2.156  12.504  10.693  1.00 12.44 ? 230 GLU A O   1 
ATOM   67   C  CB  . GLU A 1 9   ? -2.119  10.796  13.437  1.00 16.75 ? 230 GLU A CB  1 
ATOM   68   C  CG  . GLU A 1 9   ? -2.808  9.494   13.834  1.00 20.67 ? 230 GLU A CG  1 
ATOM   69   C  CD  . GLU A 1 9   ? -3.567  8.821   12.664  1.00 23.49 ? 230 GLU A CD  1 
ATOM   70   O  OE1 . GLU A 1 9   ? -4.303  9.500   11.906  1.00 23.86 ? 230 GLU A OE1 1 
ATOM   71   O  OE2 . GLU A 1 9   ? -3.431  7.589   12.516  1.00 27.03 ? 230 GLU A OE2 1 
ATOM   72   N  N   . LEU A 1 10  ? -0.217  12.823  11.790  1.00 10.97 ? 231 LEU A N   1 
ATOM   73   C  CA  . LEU A 1 10  ? -0.043  14.133  11.174  1.00 11.77 ? 231 LEU A CA  1 
ATOM   74   C  C   . LEU A 1 10  ? 0.238   13.900  9.697   1.00 10.32 ? 231 LEU A C   1 
ATOM   75   O  O   . LEU A 1 10  ? -0.147  14.703  8.850   1.00 10.48 ? 231 LEU A O   1 
ATOM   76   C  CB  . LEU A 1 10  ? 1.121   14.897  11.820  1.00 13.00 ? 231 LEU A CB  1 
ATOM   77   C  CG  . LEU A 1 10  ? 0.816   15.423  13.231  1.00 13.84 ? 231 LEU A CG  1 
ATOM   78   C  CD1 . LEU A 1 10  ? 2.075   16.072  13.836  1.00 15.02 ? 231 LEU A CD1 1 
ATOM   79   C  CD2 . LEU A 1 10  ? -0.335  16.434  13.148  1.00 11.38 ? 231 LEU A CD2 1 
ATOM   80   N  N   . GLY A 1 11  ? 0.914   12.797  9.390   1.00 10.29 ? 232 GLY A N   1 
ATOM   81   C  CA  . GLY A 1 11  ? 1.189   12.480  7.996   1.00 10.05 ? 232 GLY A CA  1 
ATOM   82   C  C   . GLY A 1 11  ? -0.098  12.121  7.259   1.00 10.94 ? 232 GLY A C   1 
ATOM   83   O  O   . GLY A 1 11  ? -0.337  12.578  6.131   1.00 9.27  ? 232 GLY A O   1 
ATOM   84   N  N   . ASN A 1 12  ? -0.939  11.305  7.897   1.00 11.09 ? 233 ASN A N   1 
ATOM   85   C  CA  . ASN A 1 12  ? -2.197  10.882  7.278   1.00 12.60 ? 233 ASN A CA  1 
ATOM   86   C  C   . ASN A 1 12  ? -3.077  12.085  6.957   1.00 13.14 ? 233 ASN A C   1 
ATOM   87   O  O   . ASN A 1 12  ? -3.653  12.152  5.874   1.00 10.89 ? 233 ASN A O   1 
ATOM   88   C  CB  . ASN A 1 12  ? -2.982  9.911   8.188   1.00 12.35 ? 233 ASN A CB  1 
ATOM   89   C  CG  . ASN A 1 12  ? -2.302  8.547   8.344   1.00 14.23 ? 233 ASN A CG  1 
ATOM   90   O  OD1 . ASN A 1 12  ? -1.435  8.169   7.553   1.00 13.22 ? 233 ASN A OD1 1 
ATOM   91   N  ND2 . ASN A 1 12  ? -2.720  7.791   9.364   1.00 13.95 ? 233 ASN A ND2 1 
ATOM   92   N  N   . ASP A 1 13  ? -3.184  13.014  7.905   1.00 13.19 ? 234 ASP A N   1 
ATOM   93   C  CA  . ASP A 1 13  ? -3.994  14.230  7.731   1.00 15.71 ? 234 ASP A CA  1 
ATOM   94   C  C   . ASP A 1 13  ? -3.478  14.999  6.514   1.00 14.90 ? 234 ASP A C   1 
ATOM   95   O  O   . ASP A 1 13  ? -4.256  15.474  5.682   1.00 16.24 ? 234 ASP A O   1 
ATOM   96   C  CB  . ASP A 1 13  ? -3.899  15.134  8.978   1.00 19.45 ? 234 ASP A CB  1 
ATOM   97   C  CG  . ASP A 1 13  ? -4.531  14.513  10.236  1.00 24.77 ? 234 ASP A CG  1 
ATOM   98   O  OD1 . ASP A 1 13  ? -4.082  14.852  11.373  1.00 24.99 ? 234 ASP A OD1 1 
ATOM   99   O  OD2 . ASP A 1 13  ? -5.479  13.704  10.106  1.00 27.20 ? 234 ASP A OD2 1 
ATOM   100  N  N   . ALA A 1 14  ? -2.155  15.097  6.382   1.00 14.59 ? 235 ALA A N   1 
ATOM   101  C  CA  . ALA A 1 14  ? -1.571  15.826  5.253   1.00 13.28 ? 235 ALA A CA  1 
ATOM   102  C  C   . ALA A 1 14  ? -1.826  15.113  3.926   1.00 13.68 ? 235 ALA A C   1 
ATOM   103  O  O   . ALA A 1 14  ? -2.184  15.744  2.927   1.00 14.70 ? 235 ALA A O   1 
ATOM   104  C  CB  . ALA A 1 14  ? -0.066  16.026  5.465   1.00 12.82 ? 235 ALA A CB  1 
ATOM   105  N  N   . TYR A 1 15  ? -1.613  13.799  3.918   1.00 13.89 ? 236 TYR A N   1 
ATOM   106  C  CA  . TYR A 1 15  ? -1.847  12.968  2.742   1.00 12.66 ? 236 TYR A CA  1 
ATOM   107  C  C   . TYR A 1 15  ? -3.270  13.193  2.187   1.00 14.89 ? 236 TYR A C   1 
ATOM   108  O  O   . TYR A 1 15  ? -3.471  13.366  0.985   1.00 15.49 ? 236 TYR A O   1 
ATOM   109  C  CB  . TYR A 1 15  ? -1.703  11.494  3.125   1.00 11.72 ? 236 TYR A CB  1 
ATOM   110  C  CG  . TYR A 1 15  ? -2.225  10.531  2.076   1.00 11.52 ? 236 TYR A CG  1 
ATOM   111  C  CD1 . TYR A 1 15  ? -1.488  10.262  0.920   1.00 11.02 ? 236 TYR A CD1 1 
ATOM   112  C  CD2 . TYR A 1 15  ? -3.453  9.880   2.246   1.00 9.76  ? 236 TYR A CD2 1 
ATOM   113  C  CE1 . TYR A 1 15  ? -1.953  9.363   -0.036  1.00 11.39 ? 236 TYR A CE1 1 
ATOM   114  C  CE2 . TYR A 1 15  ? -3.933  8.978   1.282   1.00 9.91  ? 236 TYR A CE2 1 
ATOM   115  C  CZ  . TYR A 1 15  ? -3.171  8.724   0.149   1.00 10.34 ? 236 TYR A CZ  1 
ATOM   116  O  OH  . TYR A 1 15  ? -3.591  7.795   -0.778  1.00 9.87  ? 236 TYR A OH  1 
ATOM   117  N  N   . LYS A 1 16  ? -4.252  13.178  3.071   1.00 15.04 ? 237 LYS A N   1 
ATOM   118  C  CA  . LYS A 1 16  ? -5.636  13.351  2.646   1.00 19.91 ? 237 LYS A CA  1 
ATOM   119  C  C   . LYS A 1 16  ? -5.940  14.689  1.980   1.00 21.07 ? 237 LYS A C   1 
ATOM   120  O  O   . LYS A 1 16  ? -6.870  14.782  1.169   1.00 21.79 ? 237 LYS A O   1 
ATOM   121  C  CB  . LYS A 1 16  ? -6.566  13.103  3.829   1.00 21.22 ? 237 LYS A CB  1 
ATOM   122  C  CG  . LYS A 1 16  ? -6.582  11.645  4.248   1.00 22.64 ? 237 LYS A CG  1 
ATOM   123  C  CD  . LYS A 1 16  ? -7.404  11.416  5.495   1.00 27.24 ? 237 LYS A CD  1 
ATOM   124  C  CE  . LYS A 1 16  ? -7.264  9.970   5.960   1.00 28.99 ? 237 LYS A CE  1 
ATOM   125  N  NZ  . LYS A 1 16  ? -7.781  9.769   7.344   1.00 31.56 ? 237 LYS A NZ  1 
ATOM   126  N  N   . LYS A 1 17  ? -5.160  15.718  2.296   1.00 21.48 ? 238 LYS A N   1 
ATOM   127  C  CA  . LYS A 1 17  ? -5.365  17.039  1.691   1.00 22.12 ? 238 LYS A CA  1 
ATOM   128  C  C   . LYS A 1 17  ? -4.458  17.180  0.481   1.00 21.06 ? 238 LYS A C   1 
ATOM   129  O  O   . LYS A 1 17  ? -4.323  18.260  -0.085  1.00 21.99 ? 238 LYS A O   1 
ATOM   130  C  CB  . LYS A 1 17  ? -5.030  18.150  2.687   1.00 25.20 ? 238 LYS A CB  1 
ATOM   131  C  CG  . LYS A 1 17  ? -5.747  18.043  4.011   1.00 28.10 ? 238 LYS A CG  1 
ATOM   132  C  CD  . LYS A 1 17  ? -7.238  18.098  3.835   1.00 29.87 ? 238 LYS A CD  1 
ATOM   133  C  CE  . LYS A 1 17  ? -7.954  17.781  5.129   1.00 32.55 ? 238 LYS A CE  1 
ATOM   134  N  NZ  . LYS A 1 17  ? -9.433  17.736  4.916   1.00 33.19 ? 238 LYS A NZ  1 
ATOM   135  N  N   . LYS A 1 18  ? -3.830  16.078  0.095   1.00 19.28 ? 239 LYS A N   1 
ATOM   136  C  CA  . LYS A 1 18  ? -2.924  16.062  -1.033  1.00 18.66 ? 239 LYS A CA  1 
ATOM   137  C  C   . LYS A 1 18  ? -1.632  16.838  -0.773  1.00 17.21 ? 239 LYS A C   1 
ATOM   138  O  O   . LYS A 1 18  ? -0.951  17.268  -1.698  1.00 15.56 ? 239 LYS A O   1 
ATOM   139  C  CB  . LYS A 1 18  ? -3.645  16.572  -2.292  1.00 22.63 ? 239 LYS A CB  1 
ATOM   140  C  CG  . LYS A 1 18  ? -4.844  15.695  -2.646  1.00 23.76 ? 239 LYS A CG  1 
ATOM   141  C  CD  . LYS A 1 18  ? -5.705  16.269  -3.758  1.00 26.21 ? 239 LYS A CD  1 
ATOM   142  C  CE  . LYS A 1 18  ? -6.646  15.195  -4.284  1.00 28.30 ? 239 LYS A CE  1 
ATOM   143  N  NZ  . LYS A 1 18  ? -7.384  14.508  -3.180  1.00 30.49 ? 239 LYS A NZ  1 
ATOM   144  N  N   . ASP A 1 19  ? -1.290  17.005  0.501   1.00 15.85 ? 240 ASP A N   1 
ATOM   145  C  CA  . ASP A 1 19  ? -0.032  17.668  0.865   1.00 14.22 ? 240 ASP A CA  1 
ATOM   146  C  C   . ASP A 1 19  ? 0.943   16.516  1.045   1.00 12.87 ? 240 ASP A C   1 
ATOM   147  O  O   . ASP A 1 19  ? 1.222   16.076  2.161   1.00 11.11 ? 240 ASP A O   1 
ATOM   148  C  CB  . ASP A 1 19  ? -0.168  18.457  2.175   1.00 13.15 ? 240 ASP A CB  1 
ATOM   149  C  CG  . ASP A 1 19  ? 1.130   19.146  2.571   1.00 15.24 ? 240 ASP A CG  1 
ATOM   150  O  OD1 . ASP A 1 19  ? 2.142   18.950  1.864   1.00 15.21 ? 240 ASP A OD1 1 
ATOM   151  O  OD2 . ASP A 1 19  ? 1.146   19.880  3.584   1.00 13.86 ? 240 ASP A OD2 1 
ATOM   152  N  N   . PHE A 1 20  ? 1.456   16.020  -0.081  1.00 13.59 ? 241 PHE A N   1 
ATOM   153  C  CA  . PHE A 1 20  ? 2.360   14.878  -0.099  1.00 13.71 ? 241 PHE A CA  1 
ATOM   154  C  C   . PHE A 1 20  ? 3.760   15.073  0.468   1.00 13.76 ? 241 PHE A C   1 
ATOM   155  O  O   . PHE A 1 20  ? 4.348   14.134  1.018   1.00 12.87 ? 241 PHE A O   1 
ATOM   156  C  CB  . PHE A 1 20  ? 2.431   14.342  -1.531  1.00 13.79 ? 241 PHE A CB  1 
ATOM   157  C  CG  . PHE A 1 20  ? 1.091   13.962  -2.088  1.00 13.70 ? 241 PHE A CG  1 
ATOM   158  C  CD1 . PHE A 1 20  ? 0.708   14.365  -3.366  1.00 16.65 ? 241 PHE A CD1 1 
ATOM   159  C  CD2 . PHE A 1 20  ? 0.204   13.206  -1.336  1.00 14.68 ? 241 PHE A CD2 1 
ATOM   160  C  CE1 . PHE A 1 20  ? -0.539  14.012  -3.874  1.00 15.77 ? 241 PHE A CE1 1 
ATOM   161  C  CE2 . PHE A 1 20  ? -1.042  12.854  -1.841  1.00 16.11 ? 241 PHE A CE2 1 
ATOM   162  C  CZ  . PHE A 1 20  ? -1.411  13.261  -3.117  1.00 16.68 ? 241 PHE A CZ  1 
ATOM   163  N  N   . ASP A 1 21  ? 4.324   16.264  0.325   1.00 14.20 ? 242 ASP A N   1 
ATOM   164  C  CA  . ASP A 1 21  ? 5.648   16.464  0.884   1.00 16.69 ? 242 ASP A CA  1 
ATOM   165  C  C   . ASP A 1 21  ? 5.578   16.350  2.407   1.00 15.06 ? 242 ASP A C   1 
ATOM   166  O  O   . ASP A 1 21  ? 6.416   15.709  3.033   1.00 11.61 ? 242 ASP A O   1 
ATOM   167  C  CB  . ASP A 1 21  ? 6.197   17.838  0.523   1.00 20.90 ? 242 ASP A CB  1 
ATOM   168  C  CG  . ASP A 1 21  ? 7.537   18.083  1.145   1.00 26.65 ? 242 ASP A CG  1 
ATOM   169  O  OD1 . ASP A 1 21  ? 8.506   17.386  0.755   1.00 30.89 ? 242 ASP A OD1 1 
ATOM   170  O  OD2 . ASP A 1 21  ? 7.628   18.953  2.040   1.00 30.33 ? 242 ASP A OD2 1 
ATOM   171  N  N   . THR A 1 22  ? 4.581   17.002  2.998   1.00 14.66 ? 243 THR A N   1 
ATOM   172  C  CA  . THR A 1 22  ? 4.409   16.969  4.448   1.00 12.61 ? 243 THR A CA  1 
ATOM   173  C  C   . THR A 1 22  ? 4.186   15.530  4.905   1.00 10.67 ? 243 THR A C   1 
ATOM   174  O  O   . THR A 1 22  ? 4.803   15.069  5.859   1.00 9.58  ? 243 THR A O   1 
ATOM   175  C  CB  . THR A 1 22  ? 3.200   17.842  4.881   1.00 14.37 ? 243 THR A CB  1 
ATOM   176  O  OG1 . THR A 1 22  ? 3.504   19.226  4.656   1.00 16.41 ? 243 THR A OG1 1 
ATOM   177  C  CG2 . THR A 1 22  ? 2.876   17.633  6.348   1.00 12.50 ? 243 THR A CG2 1 
ATOM   178  N  N   . ALA A 1 23  ? 3.300   14.818  4.218   1.00 10.88 ? 244 ALA A N   1 
ATOM   179  C  CA  . ALA A 1 23  ? 3.019   13.429  4.565   1.00 10.38 ? 244 ALA A CA  1 
ATOM   180  C  C   . ALA A 1 23  ? 4.299   12.584  4.578   1.00 10.61 ? 244 ALA A C   1 
ATOM   181  O  O   . ALA A 1 23  ? 4.549   11.856  5.529   1.00 9.79  ? 244 ALA A O   1 
ATOM   182  C  CB  . ALA A 1 23  ? 2.004   12.832  3.578   1.00 10.36 ? 244 ALA A CB  1 
ATOM   183  N  N   . LEU A 1 24  ? 5.116   12.673  3.531   1.00 10.96 ? 245 LEU A N   1 
ATOM   184  C  CA  . LEU A 1 24  ? 6.337   11.868  3.495   1.00 10.68 ? 245 LEU A CA  1 
ATOM   185  C  C   . LEU A 1 24  ? 7.283   12.189  4.639   1.00 10.65 ? 245 LEU A C   1 
ATOM   186  O  O   . LEU A 1 24  ? 7.849   11.292  5.251   1.00 9.54  ? 245 LEU A O   1 
ATOM   187  C  CB  . LEU A 1 24  ? 7.073   12.042  2.164   1.00 12.39 ? 245 LEU A CB  1 
ATOM   188  C  CG  . LEU A 1 24  ? 6.352   11.451  0.942   1.00 11.54 ? 245 LEU A CG  1 
ATOM   189  C  CD1 . LEU A 1 24  ? 7.072   11.891  -0.329  1.00 13.20 ? 245 LEU A CD1 1 
ATOM   190  C  CD2 . LEU A 1 24  ? 6.291   9.942   1.053   1.00 13.02 ? 245 LEU A CD2 1 
ATOM   191  N  N   . LYS A 1 25  ? 7.452   13.470  4.943   1.00 11.67 ? 246 LYS A N   1 
ATOM   192  C  CA  . LYS A 1 25  ? 8.347   13.847  6.032   1.00 11.96 ? 246 LYS A CA  1 
ATOM   193  C  C   . LYS A 1 25  ? 7.902   13.304  7.389   1.00 12.20 ? 246 LYS A C   1 
ATOM   194  O  O   . LYS A 1 25  ? 8.729   12.843  8.193   1.00 11.78 ? 246 LYS A O   1 
ATOM   195  C  CB  . LYS A 1 25  ? 8.499   15.371  6.060   1.00 13.42 ? 246 LYS A CB  1 
ATOM   196  C  CG  . LYS A 1 25  ? 9.357   15.869  4.887   1.00 15.71 ? 246 LYS A CG  1 
ATOM   197  C  CD  . LYS A 1 25  ? 9.370   17.384  4.802   1.00 18.91 ? 246 LYS A CD  1 
ATOM   198  C  CE  . LYS A 1 25  ? 10.118  17.864  3.551   1.00 20.65 ? 246 LYS A CE  1 
ATOM   199  N  NZ  . LYS A 1 25  ? 11.562  17.526  3.623   1.00 23.41 ? 246 LYS A NZ  1 
ATOM   200  N  N   . HIS A 1 26  ? 6.601   13.329  7.661   1.00 11.41 ? 247 HIS A N   1 
ATOM   201  C  CA  . HIS A 1 26  ? 6.146   12.783  8.939   1.00 9.71  ? 247 HIS A CA  1 
ATOM   202  C  C   . HIS A 1 26  ? 6.189   11.261  8.961   1.00 9.70  ? 247 HIS A C   1 
ATOM   203  O  O   . HIS A 1 26  ? 6.470   10.659  10.013  1.00 9.95  ? 247 HIS A O   1 
ATOM   204  C  CB  . HIS A 1 26  ? 4.765   13.318  9.283   1.00 10.49 ? 247 HIS A CB  1 
ATOM   205  C  CG  . HIS A 1 26  ? 4.819   14.642  9.962   1.00 8.52  ? 247 HIS A CG  1 
ATOM   206  N  ND1 . HIS A 1 26  ? 5.123   14.771  11.302  1.00 10.29 ? 247 HIS A ND1 1 
ATOM   207  C  CD2 . HIS A 1 26  ? 4.668   15.897  9.490   1.00 10.21 ? 247 HIS A CD2 1 
ATOM   208  C  CE1 . HIS A 1 26  ? 5.149   16.049  11.626  1.00 8.27  ? 247 HIS A CE1 1 
ATOM   209  N  NE2 . HIS A 1 26  ? 4.877   16.753  10.545  1.00 11.09 ? 247 HIS A NE2 1 
ATOM   210  N  N   . TYR A 1 27  ? 5.949   10.627  7.816   1.00 8.36  ? 248 TYR A N   1 
ATOM   211  C  CA  . TYR A 1 27  ? 6.041   9.168   7.788   1.00 10.17 ? 248 TYR A CA  1 
ATOM   212  C  C   . TYR A 1 27  ? 7.508   8.778   7.988   1.00 10.48 ? 248 TYR A C   1 
ATOM   213  O  O   . TYR A 1 27  ? 7.803   7.729   8.573   1.00 10.39 ? 248 TYR A O   1 
ATOM   214  C  CB  . TYR A 1 27  ? 5.551   8.591   6.460   1.00 8.99  ? 248 TYR A CB  1 
ATOM   215  C  CG  . TYR A 1 27  ? 4.073   8.723   6.225   1.00 8.42  ? 248 TYR A CG  1 
ATOM   216  C  CD1 . TYR A 1 27  ? 3.577   8.877   4.937   1.00 9.38  ? 248 TYR A CD1 1 
ATOM   217  C  CD2 . TYR A 1 27  ? 3.164   8.674   7.283   1.00 9.32  ? 248 TYR A CD2 1 
ATOM   218  C  CE1 . TYR A 1 27  ? 2.210   8.969   4.699   1.00 8.69  ? 248 TYR A CE1 1 
ATOM   219  C  CE2 . TYR A 1 27  ? 1.784   8.776   7.055   1.00 8.99  ? 248 TYR A CE2 1 
ATOM   220  C  CZ  . TYR A 1 27  ? 1.324   8.920   5.755   1.00 8.77  ? 248 TYR A CZ  1 
ATOM   221  O  OH  . TYR A 1 27  ? -0.032  9.025   5.503   1.00 9.95  ? 248 TYR A OH  1 
ATOM   222  N  N   . ASP A 1 28  ? 8.423   9.591   7.459   1.00 12.13 ? 249 ASP A N   1 
ATOM   223  C  CA  . ASP A 1 28  ? 9.858   9.330   7.632   1.00 14.28 ? 249 ASP A CA  1 
ATOM   224  C  C   . ASP A 1 28  ? 10.213  9.356   9.123   1.00 14.47 ? 249 ASP A C   1 
ATOM   225  O  O   . ASP A 1 28  ? 10.965  8.499   9.612   1.00 14.33 ? 249 ASP A O   1 
ATOM   226  C  CB  . ASP A 1 28  ? 10.717  10.376  6.892   1.00 15.11 ? 249 ASP A CB  1 
ATOM   227  C  CG  . ASP A 1 28  ? 10.953  10.025  5.416   1.00 17.26 ? 249 ASP A CG  1 
ATOM   228  O  OD1 . ASP A 1 28  ? 10.725  8.874   5.007   1.00 18.60 ? 249 ASP A OD1 1 
ATOM   229  O  OD2 . ASP A 1 28  ? 11.398  10.904  4.661   1.00 19.44 ? 249 ASP A OD2 1 
ATOM   230  N  N   . LYS A 1 29  ? 9.679   10.329  9.856   1.00 15.03 ? 250 LYS A N   1 
ATOM   231  C  CA  . LYS A 1 29  ? 9.974   10.404  11.292  1.00 16.47 ? 250 LYS A CA  1 
ATOM   232  C  C   . LYS A 1 29  ? 9.355   9.223   12.043  1.00 15.64 ? 250 LYS A C   1 
ATOM   233  O  O   . LYS A 1 29  ? 9.927   8.720   13.008  1.00 15.19 ? 250 LYS A O   1 
ATOM   234  C  CB  . LYS A 1 29  ? 9.464   11.708  11.918  1.00 17.72 ? 250 LYS A CB  1 
ATOM   235  C  CG  . LYS A 1 29  ? 9.864   11.826  13.389  1.00 21.60 ? 250 LYS A CG  1 
ATOM   236  C  CD  . LYS A 1 29  ? 11.365  11.520  13.562  1.00 24.48 ? 250 LYS A CD  1 
ATOM   237  C  CE  . LYS A 1 29  ? 11.747  11.275  15.005  1.00 26.00 ? 250 LYS A CE  1 
ATOM   238  N  NZ  . LYS A 1 29  ? 11.569  12.499  15.833  1.00 29.12 ? 250 LYS A NZ  1 
ATOM   239  N  N   . ALA A 1 30  ? 8.183   8.781   11.603  1.00 14.98 ? 251 ALA A N   1 
ATOM   240  C  CA  . ALA A 1 30  ? 7.549   7.644   12.249  1.00 14.73 ? 251 ALA A CA  1 
ATOM   241  C  C   . ALA A 1 30  ? 8.390   6.386   12.023  1.00 15.78 ? 251 ALA A C   1 
ATOM   242  O  O   . ALA A 1 30  ? 8.579   5.591   12.955  1.00 16.16 ? 251 ALA A O   1 
ATOM   243  C  CB  . ALA A 1 30  ? 6.124   7.451   11.710  1.00 14.48 ? 251 ALA A CB  1 
ATOM   244  N  N   . LYS A 1 31  ? 8.916   6.213   10.807  1.00 15.89 ? 252 LYS A N   1 
ATOM   245  C  CA  . LYS A 1 31  ? 9.752   5.038   10.486  1.00 18.51 ? 252 LYS A CA  1 
ATOM   246  C  C   . LYS A 1 31  ? 11.053  5.049   11.273  1.00 19.54 ? 252 LYS A C   1 
ATOM   247  O  O   . LYS A 1 31  ? 11.561  4.002   11.681  1.00 19.43 ? 252 LYS A O   1 
ATOM   248  C  CB  . LYS A 1 31  ? 10.134  4.991   9.005   1.00 19.23 ? 252 LYS A CB  1 
ATOM   249  C  CG  . LYS A 1 31  ? 9.034   4.579   8.065   1.00 23.76 ? 252 LYS A CG  1 
ATOM   250  C  CD  . LYS A 1 31  ? 9.607   4.109   6.725   1.00 25.61 ? 252 LYS A CD  1 
ATOM   251  C  CE  . LYS A 1 31  ? 10.342  5.220   5.990   1.00 25.70 ? 252 LYS A CE  1 
ATOM   252  N  NZ  . LYS A 1 31  ? 10.736  4.766   4.622   1.00 23.62 ? 252 LYS A NZ  1 
ATOM   253  N  N   . GLU A 1 32  ? 11.606  6.241   11.454  1.00 20.07 ? 253 GLU A N   1 
ATOM   254  C  CA  . GLU A 1 32  ? 12.840  6.397   12.197  1.00 20.75 ? 253 GLU A CA  1 
ATOM   255  C  C   . GLU A 1 32  ? 12.629  5.909   13.635  1.00 20.42 ? 253 GLU A C   1 
ATOM   256  O  O   . GLU A 1 32  ? 13.491  5.258   14.207  1.00 20.12 ? 253 GLU A O   1 
ATOM   257  C  CB  . GLU A 1 32  ? 13.251  7.869   12.186  1.00 23.44 ? 253 GLU A CB  1 
ATOM   258  C  CG  . GLU A 1 32  ? 14.553  8.178   12.900  1.00 27.71 ? 253 GLU A CG  1 
ATOM   259  C  CD  . GLU A 1 32  ? 14.690  9.658   13.191  1.00 29.61 ? 253 GLU A CD  1 
ATOM   260  O  OE1 . GLU A 1 32  ? 14.666  10.454  12.228  1.00 30.62 ? 253 GLU A OE1 1 
ATOM   261  O  OE2 . GLU A 1 32  ? 14.804  10.025  14.383  1.00 32.53 ? 253 GLU A OE2 1 
ATOM   262  N  N   . LEU A 1 33  ? 11.472  6.222   14.208  1.00 20.02 ? 254 LEU A N   1 
ATOM   263  C  CA  . LEU A 1 33  ? 11.145  5.834   15.582  1.00 19.24 ? 254 LEU A CA  1 
ATOM   264  C  C   . LEU A 1 33  ? 10.659  4.398   15.774  1.00 19.84 ? 254 LEU A C   1 
ATOM   265  O  O   . LEU A 1 33  ? 10.885  3.800   16.828  1.00 19.28 ? 254 LEU A O   1 
ATOM   266  C  CB  . LEU A 1 33  ? 10.066  6.766   16.137  1.00 19.19 ? 254 LEU A CB  1 
ATOM   267  C  CG  . LEU A 1 33  ? 10.412  8.243   16.325  1.00 18.05 ? 254 LEU A CG  1 
ATOM   268  C  CD1 . LEU A 1 33  ? 9.139   9.040   16.478  1.00 20.04 ? 254 LEU A CD1 1 
ATOM   269  C  CD2 . LEU A 1 33  ? 11.305  8.410   17.553  1.00 20.12 ? 254 LEU A CD2 1 
ATOM   270  N  N   . ASP A 1 34  ? 10.003  3.847   14.755  1.00 18.88 ? 255 ASP A N   1 
ATOM   271  C  CA  . ASP A 1 34  ? 9.414   2.507   14.835  1.00 19.61 ? 255 ASP A CA  1 
ATOM   272  C  C   . ASP A 1 34  ? 9.705   1.781   13.521  1.00 18.93 ? 255 ASP A C   1 
ATOM   273  O  O   . ASP A 1 34  ? 8.800   1.509   12.737  1.00 18.73 ? 255 ASP A O   1 
ATOM   274  C  CB  . ASP A 1 34  ? 7.903   2.704   15.049  1.00 20.32 ? 255 ASP A CB  1 
ATOM   275  C  CG  . ASP A 1 34  ? 7.155   1.424   15.354  1.00 22.76 ? 255 ASP A CG  1 
ATOM   276  O  OD1 . ASP A 1 34  ? 7.793   0.402   15.642  1.00 22.87 ? 255 ASP A OD1 1 
ATOM   277  O  OD2 . ASP A 1 34  ? 5.898   1.463   15.317  1.00 24.30 ? 255 ASP A OD2 1 
ATOM   278  N  N   . PRO A 1 35  ? 10.979  1.433   13.279  1.00 18.05 ? 256 PRO A N   1 
ATOM   279  C  CA  . PRO A 1 35  ? 11.395  0.750   12.053  1.00 17.12 ? 256 PRO A CA  1 
ATOM   280  C  C   . PRO A 1 35  ? 10.844  -0.645  11.728  1.00 17.27 ? 256 PRO A C   1 
ATOM   281  O  O   . PRO A 1 35  ? 11.022  -1.127  10.618  1.00 16.27 ? 256 PRO A O   1 
ATOM   282  C  CB  . PRO A 1 35  ? 12.919  0.778   12.146  1.00 18.37 ? 256 PRO A CB  1 
ATOM   283  C  CG  . PRO A 1 35  ? 13.183  0.732   13.617  1.00 18.61 ? 256 PRO A CG  1 
ATOM   284  C  CD  . PRO A 1 35  ? 12.122  1.637   14.195  1.00 18.53 ? 256 PRO A CD  1 
ATOM   285  N  N   . THR A 1 36  ? 10.185  -1.299  12.677  1.00 16.22 ? 257 THR A N   1 
ATOM   286  C  CA  . THR A 1 36  ? 9.638   -2.623  12.396  1.00 16.54 ? 257 THR A CA  1 
ATOM   287  C  C   . THR A 1 36  ? 8.146   -2.557  12.033  1.00 17.15 ? 257 THR A C   1 
ATOM   288  O  O   . THR A 1 36  ? 7.510   -3.599  11.848  1.00 16.71 ? 257 THR A O   1 
ATOM   289  C  CB  . THR A 1 36  ? 9.788   -3.560  13.606  1.00 16.72 ? 257 THR A CB  1 
ATOM   290  O  OG1 . THR A 1 36  ? 9.037   -3.030  14.702  1.00 16.92 ? 257 THR A OG1 1 
ATOM   291  C  CG2 . THR A 1 36  ? 11.252  -3.686  14.009  1.00 17.27 ? 257 THR A CG2 1 
ATOM   292  N  N   . ASN A 1 37  ? 7.602   -1.345  11.932  1.00 15.93 ? 258 ASN A N   1 
ATOM   293  C  CA  . ASN A 1 37  ? 6.179   -1.154  11.617  1.00 17.57 ? 258 ASN A CA  1 
ATOM   294  C  C   . ASN A 1 37  ? 6.008   -0.961  10.116  1.00 16.65 ? 258 ASN A C   1 
ATOM   295  O  O   . ASN A 1 37  ? 6.357   0.090   9.581   1.00 15.85 ? 258 ASN A O   1 
ATOM   296  C  CB  . ASN A 1 37  ? 5.631   0.076   12.352  1.00 19.29 ? 258 ASN A CB  1 
ATOM   297  C  CG  . ASN A 1 37  ? 4.114   0.192   12.256  1.00 22.26 ? 258 ASN A CG  1 
ATOM   298  O  OD1 . ASN A 1 37  ? 3.525   -0.032  11.195  1.00 23.22 ? 258 ASN A OD1 1 
ATOM   299  N  ND2 . ASN A 1 37  ? 3.478   0.554   13.364  1.00 22.91 ? 258 ASN A ND2 1 
ATOM   300  N  N   . MET A 1 38  ? 5.439   -1.953  9.437   1.00 15.07 ? 259 MET A N   1 
ATOM   301  C  CA  . MET A 1 38  ? 5.292   -1.854  7.987   1.00 14.81 ? 259 MET A CA  1 
ATOM   302  C  C   . MET A 1 38  ? 4.232   -0.856  7.522   1.00 14.33 ? 259 MET A C   1 
ATOM   303  O  O   . MET A 1 38  ? 4.228   -0.457  6.357   1.00 13.68 ? 259 MET A O   1 
ATOM   304  C  CB  . MET A 1 38  ? 5.028   -3.245  7.382   1.00 16.06 ? 259 MET A CB  1 
ATOM   305  C  CG  . MET A 1 38  ? 3.622   -3.801  7.573   1.00 17.61 ? 259 MET A CG  1 
ATOM   306  S  SD  . MET A 1 38  ? 3.491   -5.464  6.806   1.00 18.47 ? 259 MET A SD  1 
ATOM   307  C  CE  . MET A 1 38  ? 3.288   -5.073  5.082   1.00 17.96 ? 259 MET A CE  1 
ATOM   308  N  N   . THR A 1 39  ? 3.351   -0.428  8.427   1.00 13.04 ? 260 THR A N   1 
ATOM   309  C  CA  . THR A 1 39  ? 2.309   0.526   8.059   1.00 13.61 ? 260 THR A CA  1 
ATOM   310  C  C   . THR A 1 39  ? 2.844   1.886   7.573   1.00 11.92 ? 260 THR A C   1 
ATOM   311  O  O   . THR A 1 39  ? 2.288   2.463   6.653   1.00 10.39 ? 260 THR A O   1 
ATOM   312  C  CB  . THR A 1 39  ? 1.328   0.776   9.229   1.00 14.84 ? 260 THR A CB  1 
ATOM   313  O  OG1 . THR A 1 39  ? 0.673   -0.448  9.573   1.00 19.41 ? 260 THR A OG1 1 
ATOM   314  C  CG2 . THR A 1 39  ? 0.266   1.787   8.827   1.00 16.40 ? 260 THR A CG2 1 
ATOM   315  N  N   . TYR A 1 40  ? 3.917   2.401   8.170   1.00 11.57 ? 261 TYR A N   1 
ATOM   316  C  CA  . TYR A 1 40  ? 4.446   3.703   7.721   1.00 11.12 ? 261 TYR A CA  1 
ATOM   317  C  C   . TYR A 1 40  ? 4.993   3.603   6.299   1.00 10.73 ? 261 TYR A C   1 
ATOM   318  O  O   . TYR A 1 40  ? 4.960   4.576   5.537   1.00 8.66  ? 261 TYR A O   1 
ATOM   319  C  CB  . TYR A 1 40  ? 5.578   4.186   8.635   1.00 12.66 ? 261 TYR A CB  1 
ATOM   320  C  CG  . TYR A 1 40  ? 5.244   4.108   10.092  1.00 14.27 ? 261 TYR A CG  1 
ATOM   321  C  CD1 . TYR A 1 40  ? 6.182   3.657   11.015  1.00 16.00 ? 261 TYR A CD1 1 
ATOM   322  C  CD2 . TYR A 1 40  ? 3.979   4.481   10.555  1.00 16.45 ? 261 TYR A CD2 1 
ATOM   323  C  CE1 . TYR A 1 40  ? 5.872   3.579   12.364  1.00 18.04 ? 261 TYR A CE1 1 
ATOM   324  C  CE2 . TYR A 1 40  ? 3.663   4.409   11.893  1.00 16.91 ? 261 TYR A CE2 1 
ATOM   325  C  CZ  . TYR A 1 40  ? 4.611   3.958   12.795  1.00 17.47 ? 261 TYR A CZ  1 
ATOM   326  O  OH  . TYR A 1 40  ? 4.283   3.893   14.130  1.00 19.98 ? 261 TYR A OH  1 
ATOM   327  N  N   . ILE A 1 41  ? 5.523   2.431   5.967   1.00 10.62 ? 262 ILE A N   1 
ATOM   328  C  CA  . ILE A 1 41  ? 6.081   2.172   4.642   1.00 9.74  ? 262 ILE A CA  1 
ATOM   329  C  C   . ILE A 1 41  ? 4.939   2.042   3.623   1.00 9.62  ? 262 ILE A C   1 
ATOM   330  O  O   . ILE A 1 41  ? 4.994   2.647   2.542   1.00 10.05 ? 262 ILE A O   1 
ATOM   331  C  CB  . ILE A 1 41  ? 6.890   0.862   4.643   1.00 10.63 ? 262 ILE A CB  1 
ATOM   332  C  CG1 . ILE A 1 41  ? 7.987   0.944   5.708   1.00 12.48 ? 262 ILE A CG1 1 
ATOM   333  C  CG2 . ILE A 1 41  ? 7.466   0.587   3.243   1.00 9.57  ? 262 ILE A CG2 1 
ATOM   334  C  CD1 . ILE A 1 41  ? 8.730   -0.350  5.908   1.00 14.22 ? 262 ILE A CD1 1 
ATOM   335  N  N   . THR A 1 42  ? 3.907   1.262   3.947   1.00 8.73  ? 263 THR A N   1 
ATOM   336  C  CA  . THR A 1 42  ? 2.799   1.142   3.005   1.00 9.20  ? 263 THR A CA  1 
ATOM   337  C  C   . THR A 1 42  ? 2.115   2.504   2.831   1.00 8.56  ? 263 THR A C   1 
ATOM   338  O  O   . THR A 1 42  ? 1.581   2.801   1.751   1.00 9.57  ? 263 THR A O   1 
ATOM   339  C  CB  . THR A 1 42  ? 1.750   0.061   3.435   1.00 11.83 ? 263 THR A CB  1 
ATOM   340  O  OG1 . THR A 1 42  ? 1.215   0.358   4.737   1.00 11.16 ? 263 THR A OG1 1 
ATOM   341  C  CG2 . THR A 1 42  ? 2.409   -1.316  3.451   1.00 11.59 ? 263 THR A CG2 1 
ATOM   342  N  N   . ASN A 1 43  ? 2.126   3.328   3.882   1.00 9.13  ? 264 ASN A N   1 
ATOM   343  C  CA  . ASN A 1 43  ? 1.526   4.670   3.799   1.00 9.21  ? 264 ASN A CA  1 
ATOM   344  C  C   . ASN A 1 43  ? 2.349   5.523   2.834   1.00 9.78  ? 264 ASN A C   1 
ATOM   345  O  O   . ASN A 1 43  ? 1.794   6.305   2.052   1.00 8.96  ? 264 ASN A O   1 
ATOM   346  C  CB  . ASN A 1 43  ? 1.469   5.348   5.183   1.00 9.57  ? 264 ASN A CB  1 
ATOM   347  C  CG  . ASN A 1 43  ? 0.270   4.903   6.010   1.00 11.01 ? 264 ASN A CG  1 
ATOM   348  O  OD1 . ASN A 1 43  ? -0.515  4.049   5.578   1.00 10.76 ? 264 ASN A OD1 1 
ATOM   349  N  ND2 . ASN A 1 43  ? 0.111   5.494   7.206   1.00 8.53  ? 264 ASN A ND2 1 
ATOM   350  N  N   . GLN A 1 44  ? 3.677   5.406   2.893   1.00 10.36 ? 265 GLN A N   1 
ATOM   351  C  CA  . GLN A 1 44  ? 4.499   6.168   1.956   1.00 10.99 ? 265 GLN A CA  1 
ATOM   352  C  C   . GLN A 1 44  ? 4.227   5.677   0.535   1.00 11.02 ? 265 GLN A C   1 
ATOM   353  O  O   . GLN A 1 44  ? 4.284   6.457   -0.416  1.00 9.38  ? 265 GLN A O   1 
ATOM   354  C  CB  . GLN A 1 44  ? 5.980   6.001   2.269   1.00 13.55 ? 265 GLN A CB  1 
ATOM   355  C  CG  . GLN A 1 44  ? 6.371   6.653   3.571   1.00 15.34 ? 265 GLN A CG  1 
ATOM   356  C  CD  . GLN A 1 44  ? 7.850   6.801   3.697   1.00 18.92 ? 265 GLN A CD  1 
ATOM   357  O  OE1 . GLN A 1 44  ? 8.588   5.821   3.583   1.00 19.62 ? 265 GLN A OE1 1 
ATOM   358  N  NE2 . GLN A 1 44  ? 8.310   8.032   3.938   1.00 19.17 ? 265 GLN A NE2 1 
ATOM   359  N  N   . ALA A 1 45  ? 3.932   4.383   0.401   1.00 9.31  ? 266 ALA A N   1 
ATOM   360  C  CA  . ALA A 1 45  ? 3.634   3.805   -0.918  1.00 10.21 ? 266 ALA A CA  1 
ATOM   361  C  C   . ALA A 1 45  ? 2.366   4.463   -1.484  1.00 10.07 ? 266 ALA A C   1 
ATOM   362  O  O   . ALA A 1 45  ? 2.248   4.693   -2.689  1.00 8.92  ? 266 ALA A O   1 
ATOM   363  C  CB  . ALA A 1 45  ? 3.433   2.299   -0.789  1.00 9.02  ? 266 ALA A CB  1 
ATOM   364  N  N   . ALA A 1 46  ? 1.421   4.767   -0.598  1.00 9.32  ? 267 ALA A N   1 
ATOM   365  C  CA  . ALA A 1 46  ? 0.175   5.397   -1.012  1.00 10.16 ? 267 ALA A CA  1 
ATOM   366  C  C   . ALA A 1 46  ? 0.466   6.789   -1.532  1.00 9.86  ? 267 ALA A C   1 
ATOM   367  O  O   . ALA A 1 46  ? -0.120  7.226   -2.516  1.00 10.35 ? 267 ALA A O   1 
ATOM   368  C  CB  . ALA A 1 46  ? -0.820  5.459   0.171   1.00 10.25 ? 267 ALA A CB  1 
ATOM   369  N  N   . VAL A 1 47  ? 1.382   7.488   -0.875  1.00 10.71 ? 268 VAL A N   1 
ATOM   370  C  CA  . VAL A 1 47  ? 1.736   8.832   -1.319  1.00 11.30 ? 268 VAL A CA  1 
ATOM   371  C  C   . VAL A 1 47  ? 2.315   8.791   -2.740  1.00 10.52 ? 268 VAL A C   1 
ATOM   372  O  O   . VAL A 1 47  ? 1.888   9.552   -3.602  1.00 10.52 ? 268 VAL A O   1 
ATOM   373  C  CB  . VAL A 1 47  ? 2.763   9.488   -0.369  1.00 11.25 ? 268 VAL A CB  1 
ATOM   374  C  CG1 . VAL A 1 47  ? 3.223   10.826  -0.952  1.00 9.91  ? 268 VAL A CG1 1 
ATOM   375  C  CG2 . VAL A 1 47  ? 2.112   9.705   1.006   1.00 9.61  ? 268 VAL A CG2 1 
ATOM   376  N  N   . TYR A 1 48  ? 3.283   7.911   -2.989  1.00 9.84  ? 269 TYR A N   1 
ATOM   377  C  CA  . TYR A 1 48  ? 3.844   7.840   -4.335  1.00 10.71 ? 269 TYR A CA  1 
ATOM   378  C  C   . TYR A 1 48  ? 2.808   7.399   -5.351  1.00 10.82 ? 269 TYR A C   1 
ATOM   379  O  O   . TYR A 1 48  ? 2.797   7.872   -6.487  1.00 10.80 ? 269 TYR A O   1 
ATOM   380  C  CB  . TYR A 1 48  ? 5.079   6.930   -4.371  1.00 11.10 ? 269 TYR A CB  1 
ATOM   381  C  CG  . TYR A 1 48  ? 6.276   7.605   -3.757  1.00 12.32 ? 269 TYR A CG  1 
ATOM   382  C  CD1 . TYR A 1 48  ? 6.648   7.363   -2.438  1.00 14.00 ? 269 TYR A CD1 1 
ATOM   383  C  CD2 . TYR A 1 48  ? 7.009   8.546   -4.482  1.00 15.11 ? 269 TYR A CD2 1 
ATOM   384  C  CE1 . TYR A 1 48  ? 7.720   8.047   -1.854  1.00 13.55 ? 269 TYR A CE1 1 
ATOM   385  C  CE2 . TYR A 1 48  ? 8.075   9.230   -3.905  1.00 14.69 ? 269 TYR A CE2 1 
ATOM   386  C  CZ  . TYR A 1 48  ? 8.421   8.979   -2.597  1.00 14.70 ? 269 TYR A CZ  1 
ATOM   387  O  OH  . TYR A 1 48  ? 9.458   9.680   -2.025  1.00 16.56 ? 269 TYR A OH  1 
ATOM   388  N  N   . PHE A 1 49  ? 1.925   6.494   -4.950  1.00 11.01 ? 270 PHE A N   1 
ATOM   389  C  CA  . PHE A 1 49  ? 0.862   6.062   -5.856  1.00 12.81 ? 270 PHE A CA  1 
ATOM   390  C  C   . PHE A 1 49  ? 0.073   7.302   -6.319  1.00 13.37 ? 270 PHE A C   1 
ATOM   391  O  O   . PHE A 1 49  ? -0.184  7.485   -7.522  1.00 13.18 ? 270 PHE A O   1 
ATOM   392  C  CB  . PHE A 1 49  ? -0.087  5.105   -5.114  1.00 13.59 ? 270 PHE A CB  1 
ATOM   393  C  CG  . PHE A 1 49  ? -1.229  4.600   -5.952  1.00 14.22 ? 270 PHE A CG  1 
ATOM   394  C  CD1 . PHE A 1 49  ? -1.209  3.305   -6.455  1.00 14.86 ? 270 PHE A CD1 1 
ATOM   395  C  CD2 . PHE A 1 49  ? -2.329  5.409   -6.216  1.00 13.34 ? 270 PHE A CD2 1 
ATOM   396  C  CE1 . PHE A 1 49  ? -2.276  2.821   -7.211  1.00 16.98 ? 270 PHE A CE1 1 
ATOM   397  C  CE2 . PHE A 1 49  ? -3.402  4.942   -6.965  1.00 15.12 ? 270 PHE A CE2 1 
ATOM   398  C  CZ  . PHE A 1 49  ? -3.377  3.645   -7.464  1.00 15.38 ? 270 PHE A CZ  1 
ATOM   399  N  N   . GLU A 1 50  ? -0.312  8.145   -5.359  1.00 12.93 ? 271 GLU A N   1 
ATOM   400  C  CA  . GLU A 1 50  ? -1.105  9.341   -5.660  1.00 14.90 ? 271 GLU A CA  1 
ATOM   401  C  C   . GLU A 1 50  ? -0.324  10.424  -6.406  1.00 15.09 ? 271 GLU A C   1 
ATOM   402  O  O   . GLU A 1 50  ? -0.913  11.297  -7.035  1.00 14.60 ? 271 GLU A O   1 
ATOM   403  C  CB  . GLU A 1 50  ? -1.745  9.905   -4.382  1.00 14.98 ? 271 GLU A CB  1 
ATOM   404  C  CG  . GLU A 1 50  ? -2.791  8.975   -3.717  1.00 15.65 ? 271 GLU A CG  1 
ATOM   405  C  CD  . GLU A 1 50  ? -3.992  8.666   -4.602  1.00 18.14 ? 271 GLU A CD  1 
ATOM   406  O  OE1 . GLU A 1 50  ? -4.428  9.556   -5.352  1.00 16.76 ? 271 GLU A OE1 1 
ATOM   407  O  OE2 . GLU A 1 50  ? -4.525  7.534   -4.537  1.00 17.41 ? 271 GLU A OE2 1 
ATOM   408  N  N   . LYS A 1 51  ? 0.999   10.370  -6.342  1.00 14.84 ? 272 LYS A N   1 
ATOM   409  C  CA  . LYS A 1 51  ? 1.814   11.317  -7.099  1.00 15.51 ? 272 LYS A CA  1 
ATOM   410  C  C   . LYS A 1 51  ? 1.976   10.748  -8.521  1.00 16.45 ? 272 LYS A C   1 
ATOM   411  O  O   . LYS A 1 51  ? 2.514   11.415  -9.398  1.00 14.12 ? 272 LYS A O   1 
ATOM   412  C  CB  . LYS A 1 51  ? 3.204   11.475  -6.477  1.00 15.05 ? 272 LYS A CB  1 
ATOM   413  C  CG  . LYS A 1 51  ? 3.228   12.227  -5.159  1.00 16.40 ? 272 LYS A CG  1 
ATOM   414  C  CD  . LYS A 1 51  ? 4.625   12.281  -4.553  1.00 15.93 ? 272 LYS A CD  1 
ATOM   415  C  CE  . LYS A 1 51  ? 5.545   13.244  -5.289  1.00 19.54 ? 272 LYS A CE  1 
ATOM   416  N  NZ  . LYS A 1 51  ? 6.888   13.288  -4.629  1.00 18.94 ? 272 LYS A NZ  1 
ATOM   417  N  N   . GLY A 1 52  ? 1.537   9.503   -8.736  1.00 16.27 ? 273 GLY A N   1 
ATOM   418  C  CA  . GLY A 1 52  ? 1.673   8.892   -10.054 1.00 16.46 ? 273 GLY A CA  1 
ATOM   419  C  C   . GLY A 1 52  ? 2.971   8.124   -10.257 1.00 16.77 ? 273 GLY A C   1 
ATOM   420  O  O   . GLY A 1 52  ? 3.253   7.633   -11.365 1.00 18.16 ? 273 GLY A O   1 
ATOM   421  N  N   . ASP A 1 53  ? 3.775   8.014   -9.200  1.00 15.44 ? 274 ASP A N   1 
ATOM   422  C  CA  . ASP A 1 53  ? 5.048   7.302   -9.263  1.00 15.36 ? 274 ASP A CA  1 
ATOM   423  C  C   . ASP A 1 53  ? 4.781   5.846   -8.879  1.00 15.30 ? 274 ASP A C   1 
ATOM   424  O  O   . ASP A 1 53  ? 5.150   5.405   -7.795  1.00 13.97 ? 274 ASP A O   1 
ATOM   425  C  CB  . ASP A 1 53  ? 6.038   7.915   -8.271  1.00 17.15 ? 274 ASP A CB  1 
ATOM   426  C  CG  . ASP A 1 53  ? 7.469   7.417   -8.467  1.00 18.52 ? 274 ASP A CG  1 
ATOM   427  O  OD1 . ASP A 1 53  ? 7.687   6.332   -9.059  1.00 18.00 ? 274 ASP A OD1 1 
ATOM   428  O  OD2 . ASP A 1 53  ? 8.389   8.123   -7.998  1.00 19.04 ? 274 ASP A OD2 1 
ATOM   429  N  N   . TYR A 1 54  ? 4.123   5.112   -9.771  1.00 14.30 ? 275 TYR A N   1 
ATOM   430  C  CA  . TYR A 1 54  ? 3.793   3.706   -9.516  1.00 14.52 ? 275 TYR A CA  1 
ATOM   431  C  C   . TYR A 1 54  ? 4.990   2.815   -9.228  1.00 14.27 ? 275 TYR A C   1 
ATOM   432  O  O   . TYR A 1 54  ? 4.915   1.916   -8.395  1.00 14.04 ? 275 TYR A O   1 
ATOM   433  C  CB  . TYR A 1 54  ? 2.993   3.158   -10.694 1.00 14.14 ? 275 TYR A CB  1 
ATOM   434  C  CG  . TYR A 1 54  ? 1.759   3.983   -10.922 1.00 15.31 ? 275 TYR A CG  1 
ATOM   435  C  CD1 . TYR A 1 54  ? 1.535   4.613   -12.142 1.00 17.19 ? 275 TYR A CD1 1 
ATOM   436  C  CD2 . TYR A 1 54  ? 0.849   4.205   -9.878  1.00 14.09 ? 275 TYR A CD2 1 
ATOM   437  C  CE1 . TYR A 1 54  ? 0.443   5.456   -12.325 1.00 16.26 ? 275 TYR A CE1 1 
ATOM   438  C  CE2 . TYR A 1 54  ? -0.248  5.048   -10.048 1.00 12.94 ? 275 TYR A CE2 1 
ATOM   439  C  CZ  . TYR A 1 54  ? -0.441  5.672   -11.268 1.00 16.43 ? 275 TYR A CZ  1 
ATOM   440  O  OH  . TYR A 1 54  ? -1.490  6.541   -11.433 1.00 16.59 ? 275 TYR A OH  1 
ATOM   441  N  N   . ASN A 1 55  ? 6.102   3.047   -9.916  1.00 14.90 ? 276 ASN A N   1 
ATOM   442  C  CA  . ASN A 1 55  ? 7.272   2.234   -9.649  1.00 15.02 ? 276 ASN A CA  1 
ATOM   443  C  C   . ASN A 1 55  ? 7.764   2.388   -8.208  1.00 14.77 ? 276 ASN A C   1 
ATOM   444  O  O   . ASN A 1 55  ? 8.100   1.405   -7.555  1.00 13.73 ? 276 ASN A O   1 
ATOM   445  C  CB  . ASN A 1 55  ? 8.429   2.590   -10.576 1.00 15.48 ? 276 ASN A CB  1 
ATOM   446  C  CG  . ASN A 1 55  ? 9.664   1.764   -10.278 1.00 17.88 ? 276 ASN A CG  1 
ATOM   447  O  OD1 . ASN A 1 55  ? 9.669   0.542   -10.460 1.00 17.20 ? 276 ASN A OD1 1 
ATOM   448  N  ND2 . ASN A 1 55  ? 10.718  2.422   -9.798  1.00 22.05 ? 276 ASN A ND2 1 
ATOM   449  N  N   . LYS A 1 56  ? 7.846   3.622   -7.719  1.00 14.12 ? 277 LYS A N   1 
ATOM   450  C  CA  . LYS A 1 56  ? 8.326   3.827   -6.353  1.00 13.21 ? 277 LYS A CA  1 
ATOM   451  C  C   . LYS A 1 56  ? 7.335   3.217   -5.365  1.00 12.74 ? 277 LYS A C   1 
ATOM   452  O  O   . LYS A 1 56  ? 7.729   2.660   -4.338  1.00 11.76 ? 277 LYS A O   1 
ATOM   453  C  CB  . LYS A 1 56  ? 8.508   5.325   -6.061  1.00 14.56 ? 277 LYS A CB  1 
ATOM   454  C  CG  . LYS A 1 56  ? 9.068   5.635   -4.657  1.00 14.51 ? 277 LYS A CG  1 
ATOM   455  C  CD  . LYS A 1 56  ? 10.469  5.061   -4.433  1.00 16.80 ? 277 LYS A CD  1 
ATOM   456  C  CE  . LYS A 1 56  ? 11.034  5.454   -3.061  1.00 17.71 ? 277 LYS A CE  1 
ATOM   457  N  NZ  . LYS A 1 56  ? 12.418  4.913   -2.816  1.00 19.61 ? 277 LYS A NZ  1 
ATOM   458  N  N   . CYS A 1 57  ? 6.050   3.347   -5.669  1.00 12.66 ? 278 CYS A N   1 
ATOM   459  C  CA  . CYS A 1 57  ? 5.013   2.773   -4.813  1.00 12.41 ? 278 CYS A CA  1 
ATOM   460  C  C   . CYS A 1 57  ? 5.286   1.269   -4.665  1.00 12.48 ? 278 CYS A C   1 
ATOM   461  O  O   . CYS A 1 57  ? 5.328   0.744   -3.552  1.00 12.32 ? 278 CYS A O   1 
ATOM   462  C  CB  . CYS A 1 57  ? 3.634   3.005   -5.440  1.00 12.89 ? 278 CYS A CB  1 
ATOM   463  S  SG  . CYS A 1 57  ? 2.283   1.986   -4.752  1.00 13.87 ? 278 CYS A SG  1 
ATOM   464  N  N   . ARG A 1 58  ? 5.496   0.577   -5.782  1.00 12.45 ? 279 ARG A N   1 
ATOM   465  C  CA  . ARG A 1 58  ? 5.753   -0.866  -5.724  1.00 12.24 ? 279 ARG A CA  1 
ATOM   466  C  C   . ARG A 1 58  ? 7.037   -1.216  -4.987  1.00 14.14 ? 279 ARG A C   1 
ATOM   467  O  O   . ARG A 1 58  ? 7.104   -2.224  -4.276  1.00 12.89 ? 279 ARG A O   1 
ATOM   468  C  CB  . ARG A 1 58  ? 5.782   -1.462  -7.132  1.00 13.20 ? 279 ARG A CB  1 
ATOM   469  C  CG  . ARG A 1 58  ? 4.469   -1.339  -7.877  1.00 9.43  ? 279 ARG A CG  1 
ATOM   470  C  CD  . ARG A 1 58  ? 4.529   -2.087  -9.231  1.00 11.01 ? 279 ARG A CD  1 
ATOM   471  N  NE  . ARG A 1 58  ? 5.094   -1.287  -10.324 1.00 12.18 ? 279 ARG A NE  1 
ATOM   472  C  CZ  . ARG A 1 58  ? 4.366   -0.612  -11.216 1.00 13.16 ? 279 ARG A CZ  1 
ATOM   473  N  NH1 . ARG A 1 58  ? 3.039   -0.626  -11.157 1.00 11.48 ? 279 ARG A NH1 1 
ATOM   474  N  NH2 . ARG A 1 58  ? 4.961   0.081   -12.178 1.00 13.77 ? 279 ARG A NH2 1 
ATOM   475  N  N   . GLU A 1 59  ? 8.064   -0.394  -5.155  1.00 14.21 ? 280 GLU A N   1 
ATOM   476  C  CA  . GLU A 1 59  ? 9.328   -0.629  -4.458  1.00 14.52 ? 280 GLU A CA  1 
ATOM   477  C  C   . GLU A 1 59  ? 9.084   -0.581  -2.947  1.00 14.11 ? 280 GLU A C   1 
ATOM   478  O  O   . GLU A 1 59  ? 9.575   -1.425  -2.191  1.00 13.43 ? 280 GLU A O   1 
ATOM   479  C  CB  . GLU A 1 59  ? 10.334  0.459   -4.832  1.00 16.42 ? 280 GLU A CB  1 
ATOM   480  C  CG  . GLU A 1 59  ? 11.635  0.345   -4.087  1.00 19.32 ? 280 GLU A CG  1 
ATOM   481  C  CD  . GLU A 1 59  ? 12.430  1.614   -4.168  1.00 21.26 ? 280 GLU A CD  1 
ATOM   482  O  OE1 . GLU A 1 59  ? 12.743  2.034   -5.299  1.00 21.80 ? 280 GLU A OE1 1 
ATOM   483  O  OE2 . GLU A 1 59  ? 12.733  2.190   -3.099  1.00 23.97 ? 280 GLU A OE2 1 
ATOM   484  N  N   . LEU A 1 60  ? 8.312   0.410   -2.508  1.00 12.77 ? 281 LEU A N   1 
ATOM   485  C  CA  . LEU A 1 60  ? 8.011   0.552   -1.091  1.00 11.92 ? 281 LEU A CA  1 
ATOM   486  C  C   . LEU A 1 60  ? 7.155   -0.595  -0.574  1.00 10.91 ? 281 LEU A C   1 
ATOM   487  O  O   . LEU A 1 60  ? 7.373   -1.087  0.544   1.00 10.94 ? 281 LEU A O   1 
ATOM   488  C  CB  . LEU A 1 60  ? 7.332   1.903   -0.842  1.00 11.11 ? 281 LEU A CB  1 
ATOM   489  C  CG  . LEU A 1 60  ? 8.300   3.074   -0.949  1.00 13.53 ? 281 LEU A CG  1 
ATOM   490  C  CD1 . LEU A 1 60  ? 7.550   4.404   -0.943  1.00 14.65 ? 281 LEU A CD1 1 
ATOM   491  C  CD2 . LEU A 1 60  ? 9.271   2.997   0.239   1.00 14.77 ? 281 LEU A CD2 1 
ATOM   492  N  N   . CYS A 1 61  ? 6.182   -1.025  -1.373  1.00 10.18 ? 282 CYS A N   1 
ATOM   493  C  CA  . CYS A 1 61  ? 5.346   -2.154  -0.972  1.00 10.22 ? 282 CYS A CA  1 
ATOM   494  C  C   . CYS A 1 61  ? 6.213   -3.400  -0.783  1.00 11.35 ? 282 CYS A C   1 
ATOM   495  O  O   . CYS A 1 61  ? 6.042   -4.130  0.189   1.00 11.23 ? 282 CYS A O   1 
ATOM   496  C  CB  . CYS A 1 61  ? 4.253   -2.422  -2.011  1.00 10.82 ? 282 CYS A CB  1 
ATOM   497  S  SG  . CYS A 1 61  ? 2.907   -1.181  -1.980  1.00 11.26 ? 282 CYS A SG  1 
ATOM   498  N  N   . GLU A 1 62  ? 7.130   -3.656  -1.715  1.00 11.92 ? 283 GLU A N   1 
ATOM   499  C  CA  . GLU A 1 62  ? 8.033   -4.811  -1.576  1.00 13.27 ? 283 GLU A CA  1 
ATOM   500  C  C   . GLU A 1 62  ? 8.827   -4.682  -0.261  1.00 13.55 ? 283 GLU A C   1 
ATOM   501  O  O   . GLU A 1 62  ? 8.996   -5.648  0.490   1.00 15.06 ? 283 GLU A O   1 
ATOM   502  C  CB  . GLU A 1 62  ? 9.011   -4.860  -2.755  1.00 13.55 ? 283 GLU A CB  1 
ATOM   503  C  CG  . GLU A 1 62  ? 8.326   -5.022  -4.113  1.00 15.58 ? 283 GLU A CG  1 
ATOM   504  C  CD  . GLU A 1 62  ? 9.290   -4.854  -5.287  1.00 17.59 ? 283 GLU A CD  1 
ATOM   505  O  OE1 . GLU A 1 62  ? 10.440  -4.416  -5.072  1.00 18.91 ? 283 GLU A OE1 1 
ATOM   506  O  OE2 . GLU A 1 62  ? 8.888   -5.142  -6.432  1.00 18.06 ? 283 GLU A OE2 1 
ATOM   507  N  N   . LYS A 1 63  ? 9.332   -3.486  0.003   1.00 14.48 ? 284 LYS A N   1 
ATOM   508  C  CA  . LYS A 1 63  ? 10.090  -3.228  1.227   1.00 14.83 ? 284 LYS A CA  1 
ATOM   509  C  C   . LYS A 1 63  ? 9.227   -3.513  2.468   1.00 14.80 ? 284 LYS A C   1 
ATOM   510  O  O   . LYS A 1 63  ? 9.665   -4.168  3.422   1.00 14.05 ? 284 LYS A O   1 
ATOM   511  C  CB  . LYS A 1 63  ? 10.544  -1.762  1.251   1.00 19.32 ? 284 LYS A CB  1 
ATOM   512  C  CG  . LYS A 1 63  ? 11.493  -1.377  0.117   1.00 24.26 ? 284 LYS A CG  1 
ATOM   513  C  CD  . LYS A 1 63  ? 11.948  0.080   0.212   1.00 28.81 ? 284 LYS A CD  1 
ATOM   514  C  CE  . LYS A 1 63  ? 13.054  0.378   -0.792  1.00 31.79 ? 284 LYS A CE  1 
ATOM   515  N  NZ  . LYS A 1 63  ? 13.510  1.794   -0.701  1.00 35.72 ? 284 LYS A NZ  1 
ATOM   516  N  N   . ALA A 1 64  ? 7.993   -3.019  2.448   1.00 13.24 ? 285 ALA A N   1 
ATOM   517  C  CA  . ALA A 1 64  ? 7.075   -3.207  3.568   1.00 13.36 ? 285 ALA A CA  1 
ATOM   518  C  C   . ALA A 1 64  ? 6.825   -4.677  3.843   1.00 13.81 ? 285 ALA A C   1 
ATOM   519  O  O   . ALA A 1 64  ? 6.780   -5.100  5.000   1.00 13.73 ? 285 ALA A O   1 
ATOM   520  C  CB  . ALA A 1 64  ? 5.741   -2.503  3.286   1.00 12.05 ? 285 ALA A CB  1 
ATOM   521  N  N   . ILE A 1 65  ? 6.640   -5.453  2.779   1.00 14.39 ? 286 ILE A N   1 
ATOM   522  C  CA  . ILE A 1 65  ? 6.386   -6.882  2.930   1.00 15.84 ? 286 ILE A CA  1 
ATOM   523  C  C   . ILE A 1 65  ? 7.612   -7.578  3.534   1.00 17.47 ? 286 ILE A C   1 
ATOM   524  O  O   . ILE A 1 65  ? 7.480   -8.468  4.377   1.00 17.58 ? 286 ILE A O   1 
ATOM   525  C  CB  . ILE A 1 65  ? 6.007   -7.512  1.572   1.00 15.80 ? 286 ILE A CB  1 
ATOM   526  C  CG1 . ILE A 1 65  ? 4.579   -7.067  1.187   1.00 15.22 ? 286 ILE A CG1 1 
ATOM   527  C  CG2 . ILE A 1 65  ? 6.104   -9.024  1.645   1.00 16.23 ? 286 ILE A CG2 1 
ATOM   528  C  CD1 . ILE A 1 65  ? 4.211   -7.359  -0.268  1.00 15.18 ? 286 ILE A CD1 1 
ATOM   529  N  N   . GLU A 1 66  ? 8.795   -7.164  3.105   1.00 18.94 ? 287 GLU A N   1 
ATOM   530  C  CA  . GLU A 1 66  ? 10.023  -7.732  3.649   1.00 22.08 ? 287 GLU A CA  1 
ATOM   531  C  C   . GLU A 1 66  ? 9.997   -7.545  5.168   1.00 22.36 ? 287 GLU A C   1 
ATOM   532  O  O   . GLU A 1 66  ? 10.156  -8.514  5.921   1.00 21.82 ? 287 GLU A O   1 
ATOM   533  C  CB  . GLU A 1 66  ? 11.237  -7.009  3.074   1.00 24.23 ? 287 GLU A CB  1 
ATOM   534  C  CG  . GLU A 1 66  ? 12.018  -7.786  2.045   1.00 29.64 ? 287 GLU A CG  1 
ATOM   535  C  CD  . GLU A 1 66  ? 13.203  -6.988  1.528   1.00 32.36 ? 287 GLU A CD  1 
ATOM   536  O  OE1 . GLU A 1 66  ? 13.812  -6.249  2.332   1.00 33.92 ? 287 GLU A OE1 1 
ATOM   537  O  OE2 . GLU A 1 66  ? 13.533  -7.099  0.326   1.00 35.47 ? 287 GLU A OE2 1 
ATOM   538  N  N   . VAL A 1 67  ? 9.792   -6.297  5.603   1.00 22.22 ? 288 VAL A N   1 
ATOM   539  C  CA  . VAL A 1 67  ? 9.736   -5.960  7.023   1.00 23.03 ? 288 VAL A CA  1 
ATOM   540  C  C   . VAL A 1 67  ? 8.641   -6.746  7.731   1.00 23.20 ? 288 VAL A C   1 
ATOM   541  O  O   . VAL A 1 67  ? 8.838   -7.251  8.835   1.00 24.45 ? 288 VAL A O   1 
ATOM   542  C  CB  . VAL A 1 67  ? 9.455   -4.446  7.254   1.00 22.87 ? 288 VAL A CB  1 
ATOM   543  C  CG1 . VAL A 1 67  ? 9.225   -4.183  8.736   1.00 23.02 ? 288 VAL A CG1 1 
ATOM   544  C  CG2 . VAL A 1 67  ? 10.607  -3.603  6.738   1.00 21.88 ? 288 VAL A CG2 1 
ATOM   545  N  N   . GLY A 1 68  ? 7.482   -6.840  7.088   1.00 24.37 ? 289 GLY A N   1 
ATOM   546  C  CA  . GLY A 1 68  ? 6.356   -7.550  7.667   1.00 25.12 ? 289 GLY A CA  1 
ATOM   547  C  C   . GLY A 1 68  ? 6.558   -9.044  7.850   1.00 26.61 ? 289 GLY A C   1 
ATOM   548  O  O   . GLY A 1 68  ? 6.083   -9.608  8.832   1.00 27.06 ? 289 GLY A O   1 
ATOM   549  N  N   . ARG A 1 69  ? 7.243   -9.696  6.916   1.00 28.01 ? 290 ARG A N   1 
ATOM   550  C  CA  . ARG A 1 69  ? 7.473   -11.135 7.036   1.00 30.89 ? 290 ARG A CA  1 
ATOM   551  C  C   . ARG A 1 69  ? 8.320   -11.427 8.284   1.00 33.25 ? 290 ARG A C   1 
ATOM   552  O  O   . ARG A 1 69  ? 8.244   -12.517 8.858   1.00 32.98 ? 290 ARG A O   1 
ATOM   553  C  CB  . ARG A 1 69  ? 8.180   -11.677 5.788   1.00 31.51 ? 290 ARG A CB  1 
ATOM   554  C  CG  . ARG A 1 69  ? 7.368   -11.602 4.490   1.00 31.71 ? 290 ARG A CG  1 
ATOM   555  C  CD  . ARG A 1 69  ? 6.186   -12.558 4.512   1.00 32.21 ? 290 ARG A CD  1 
ATOM   556  N  NE  . ARG A 1 69  ? 5.459   -12.567 3.244   1.00 31.74 ? 290 ARG A NE  1 
ATOM   557  C  CZ  . ARG A 1 69  ? 4.318   -13.217 3.040   1.00 32.10 ? 290 ARG A CZ  1 
ATOM   558  N  NH1 . ARG A 1 69  ? 3.769   -13.918 4.022   1.00 32.30 ? 290 ARG A NH1 1 
ATOM   559  N  NH2 . ARG A 1 69  ? 3.720   -13.168 1.857   1.00 30.91 ? 290 ARG A NH2 1 
ATOM   560  N  N   . GLU A 1 70  ? 9.127   -10.449 8.698   1.00 34.95 ? 291 GLU A N   1 
ATOM   561  C  CA  . GLU A 1 70  ? 9.970   -10.604 9.878   1.00 37.47 ? 291 GLU A CA  1 
ATOM   562  C  C   . GLU A 1 70  ? 9.068   -10.806 11.091  1.00 39.02 ? 291 GLU A C   1 
ATOM   563  O  O   . GLU A 1 70  ? 9.293   -11.703 11.905  1.00 40.27 ? 291 GLU A O   1 
ATOM   564  C  CB  . GLU A 1 70  ? 10.849  -9.378  10.064  1.00 36.88 ? 291 GLU A CB  1 
ATOM   565  N  N   . ASN A 1 71  ? 8.046   -9.965  11.213  1.00 40.07 ? 292 ASN A N   1 
ATOM   566  C  CA  . ASN A 1 71  ? 7.087   -10.081 12.304  1.00 41.59 ? 292 ASN A CA  1 
ATOM   567  C  C   . ASN A 1 71  ? 5.908   -10.870 11.729  1.00 42.72 ? 292 ASN A C   1 
ATOM   568  O  O   . ASN A 1 71  ? 5.018   -10.307 11.085  1.00 44.19 ? 292 ASN A O   1 
ATOM   569  C  CB  . ASN A 1 71  ? 6.636   -8.698  12.759  1.00 41.95 ? 292 ASN A CB  1 
ATOM   570  N  N   . ARG A 1 72  ? 5.912   -12.177 11.967  1.00 42.83 ? 293 ARG A N   1 
ATOM   571  C  CA  . ARG A 1 72  ? 4.883   -13.078 11.450  1.00 42.16 ? 293 ARG A CA  1 
ATOM   572  C  C   . ARG A 1 72  ? 3.432   -12.884 11.910  1.00 41.39 ? 293 ARG A C   1 
ATOM   573  O  O   . ARG A 1 72  ? 2.673   -13.856 11.961  1.00 42.55 ? 293 ARG A O   1 
ATOM   574  C  CB  . ARG A 1 72  ? 5.313   -14.527 11.714  1.00 42.99 ? 293 ARG A CB  1 
ATOM   575  N  N   . GLU A 1 73  ? 3.026   -11.658 12.227  1.00 39.28 ? 294 GLU A N   1 
ATOM   576  C  CA  . GLU A 1 73  ? 1.645   -11.426 12.660  1.00 36.23 ? 294 GLU A CA  1 
ATOM   577  C  C   . GLU A 1 73  ? 0.928   -10.373 11.806  1.00 34.12 ? 294 GLU A C   1 
ATOM   578  O  O   . GLU A 1 73  ? -0.249  -10.066 12.036  1.00 33.56 ? 294 GLU A O   1 
ATOM   579  C  CB  . GLU A 1 73  ? 1.624   -11.007 14.124  1.00 36.27 ? 294 GLU A CB  1 
ATOM   580  N  N   . ASP A 1 74  ? 1.634   -9.833  10.815  1.00 30.85 ? 295 ASP A N   1 
ATOM   581  C  CA  . ASP A 1 74  ? 1.078   -8.792  9.948   1.00 28.20 ? 295 ASP A CA  1 
ATOM   582  C  C   . ASP A 1 74  ? 0.392   -9.294  8.681   1.00 24.72 ? 295 ASP A C   1 
ATOM   583  O  O   . ASP A 1 74  ? 0.400   -8.584  7.674   1.00 23.02 ? 295 ASP A O   1 
ATOM   584  C  CB  . ASP A 1 74  ? 2.177   -7.814  9.509   1.00 30.05 ? 295 ASP A CB  1 
ATOM   585  C  CG  . ASP A 1 74  ? 2.834   -7.099  10.669  1.00 31.58 ? 295 ASP A CG  1 
ATOM   586  O  OD1 . ASP A 1 74  ? 2.110   -6.661  11.587  1.00 32.11 ? 295 ASP A OD1 1 
ATOM   587  O  OD2 . ASP A 1 74  ? 4.081   -6.959  10.639  1.00 32.10 ? 295 ASP A OD2 1 
ATOM   588  N  N   . TYR A 1 75  ? -0.211  -10.480 8.714   1.00 20.53 ? 296 TYR A N   1 
ATOM   589  C  CA  . TYR A 1 75  ? -0.841  -10.989 7.499   1.00 17.81 ? 296 TYR A CA  1 
ATOM   590  C  C   . TYR A 1 75  ? -1.848  -10.033 6.862   1.00 15.19 ? 296 TYR A C   1 
ATOM   591  O  O   . TYR A 1 75  ? -1.936  -9.958  5.645   1.00 14.24 ? 296 TYR A O   1 
ATOM   592  C  CB  . TYR A 1 75  ? -1.481  -12.373 7.745   1.00 16.84 ? 296 TYR A CB  1 
ATOM   593  C  CG  . TYR A 1 75  ? -2.728  -12.378 8.607   1.00 15.84 ? 296 TYR A CG  1 
ATOM   594  C  CD1 . TYR A 1 75  ? -4.005  -12.338 8.029   1.00 15.49 ? 296 TYR A CD1 1 
ATOM   595  C  CD2 . TYR A 1 75  ? -2.635  -12.432 9.991   1.00 16.25 ? 296 TYR A CD2 1 
ATOM   596  C  CE1 . TYR A 1 75  ? -5.157  -12.346 8.824   1.00 15.42 ? 296 TYR A CE1 1 
ATOM   597  C  CE2 . TYR A 1 75  ? -3.779  -12.443 10.794  1.00 15.31 ? 296 TYR A CE2 1 
ATOM   598  C  CZ  . TYR A 1 75  ? -5.030  -12.398 10.208  1.00 15.06 ? 296 TYR A CZ  1 
ATOM   599  O  OH  . TYR A 1 75  ? -6.146  -12.398 11.007  1.00 13.91 ? 296 TYR A OH  1 
ATOM   600  N  N   . ARG A 1 76  ? -2.617  -9.306  7.662   1.00 14.95 ? 297 ARG A N   1 
ATOM   601  C  CA  . ARG A 1 76  ? -3.585  -8.377  7.082   1.00 14.90 ? 297 ARG A CA  1 
ATOM   602  C  C   . ARG A 1 76  ? -2.894  -7.197  6.394   1.00 15.40 ? 297 ARG A C   1 
ATOM   603  O  O   . ARG A 1 76  ? -3.360  -6.733  5.357   1.00 14.55 ? 297 ARG A O   1 
ATOM   604  C  CB  . ARG A 1 76  ? -4.539  -7.829  8.149   1.00 17.07 ? 297 ARG A CB  1 
ATOM   605  C  CG  . ARG A 1 76  ? -5.627  -8.791  8.613   1.00 16.31 ? 297 ARG A CG  1 
ATOM   606  C  CD  . ARG A 1 76  ? -6.413  -8.151  9.756   1.00 18.68 ? 297 ARG A CD  1 
ATOM   607  N  NE  . ARG A 1 76  ? -7.563  -8.943  10.202  1.00 18.15 ? 297 ARG A NE  1 
ATOM   608  C  CZ  . ARG A 1 76  ? -8.395  -8.553  11.164  1.00 17.81 ? 297 ARG A CZ  1 
ATOM   609  N  NH1 . ARG A 1 76  ? -8.206  -7.392  11.779  1.00 18.31 ? 297 ARG A NH1 1 
ATOM   610  N  NH2 . ARG A 1 76  ? -9.423  -9.311  11.507  1.00 17.88 ? 297 ARG A NH2 1 
ATOM   611  N  N   . GLN A 1 77  ? -1.794  -6.706  6.964   1.00 14.55 ? 298 GLN A N   1 
ATOM   612  C  CA  . GLN A 1 77  ? -1.109  -5.566  6.353   1.00 15.28 ? 298 GLN A CA  1 
ATOM   613  C  C   . GLN A 1 77  ? -0.333  -5.987  5.120   1.00 13.55 ? 298 GLN A C   1 
ATOM   614  O  O   . GLN A 1 77  ? -0.133  -5.192  4.206   1.00 11.43 ? 298 GLN A O   1 
ATOM   615  C  CB  . GLN A 1 77  ? -0.169  -4.881  7.343   1.00 17.34 ? 298 GLN A CB  1 
ATOM   616  C  CG  . GLN A 1 77  ? 0.165   -3.426  6.944   1.00 19.46 ? 298 GLN A CG  1 
ATOM   617  C  CD  . GLN A 1 77  ? -1.072  -2.500  6.951   1.00 21.07 ? 298 GLN A CD  1 
ATOM   618  O  OE1 . GLN A 1 77  ? -2.023  -2.718  7.711   1.00 20.97 ? 298 GLN A OE1 1 
ATOM   619  N  NE2 . GLN A 1 77  ? -1.043  -1.453  6.122   1.00 19.68 ? 298 GLN A NE2 1 
ATOM   620  N  N   . ILE A 1 78  ? 0.112   -7.240  5.108   1.00 12.40 ? 299 ILE A N   1 
ATOM   621  C  CA  . ILE A 1 78  ? 0.822   -7.786  3.961   1.00 12.02 ? 299 ILE A CA  1 
ATOM   622  C  C   . ILE A 1 78  ? -0.182  -7.898  2.813   1.00 11.49 ? 299 ILE A C   1 
ATOM   623  O  O   . ILE A 1 78  ? 0.148   -7.654  1.651   1.00 10.07 ? 299 ILE A O   1 
ATOM   624  C  CB  . ILE A 1 78  ? 1.396   -9.181  4.286   1.00 13.45 ? 299 ILE A CB  1 
ATOM   625  C  CG1 . ILE A 1 78  ? 2.563   -9.029  5.263   1.00 15.50 ? 299 ILE A CG1 1 
ATOM   626  C  CG2 . ILE A 1 78  ? 1.859   -9.889  3.011   1.00 13.19 ? 299 ILE A CG2 1 
ATOM   627  C  CD1 . ILE A 1 78  ? 3.137   -10.329 5.715   1.00 18.57 ? 299 ILE A CD1 1 
ATOM   628  N  N   . ALA A 1 79  ? -1.404  -8.310  3.142   1.00 9.35  ? 300 ALA A N   1 
ATOM   629  C  CA  . ALA A 1 79  ? -2.457  -8.417  2.133   1.00 9.44  ? 300 ALA A CA  1 
ATOM   630  C  C   . ALA A 1 79  ? -2.684  -7.030  1.531   1.00 9.42  ? 300 ALA A C   1 
ATOM   631  O  O   . ALA A 1 79  ? -2.895  -6.883  0.332   1.00 9.90  ? 300 ALA A O   1 
ATOM   632  C  CB  . ALA A 1 79  ? -3.739  -8.913  2.779   1.00 9.83  ? 300 ALA A CB  1 
ATOM   633  N  N   . LYS A 1 80  ? -2.680  -6.013  2.388   1.00 9.52  ? 301 LYS A N   1 
ATOM   634  C  CA  . LYS A 1 80  ? -2.865  -4.639  1.930   1.00 10.34 ? 301 LYS A CA  1 
ATOM   635  C  C   . LYS A 1 80  ? -1.729  -4.206  1.007   1.00 10.42 ? 301 LYS A C   1 
ATOM   636  O  O   . LYS A 1 80  ? -1.976  -3.517  0.005   1.00 9.83  ? 301 LYS A O   1 
ATOM   637  C  CB  . LYS A 1 80  ? -2.935  -3.681  3.126   1.00 11.18 ? 301 LYS A CB  1 
ATOM   638  C  CG  . LYS A 1 80  ? -4.252  -3.751  3.912   1.00 11.21 ? 301 LYS A CG  1 
ATOM   639  C  CD  . LYS A 1 80  ? -4.239  -2.779  5.087   1.00 15.17 ? 301 LYS A CD  1 
ATOM   640  C  CE  . LYS A 1 80  ? -5.552  -2.801  5.849   1.00 17.10 ? 301 LYS A CE  1 
ATOM   641  N  NZ  . LYS A 1 80  ? -5.497  -1.873  7.009   1.00 18.96 ? 301 LYS A NZ  1 
ATOM   642  N  N   . ALA A 1 81  ? -0.495  -4.601  1.349   1.00 9.48  ? 302 ALA A N   1 
ATOM   643  C  CA  . ALA A 1 81  ? 0.672   -4.230  0.553   1.00 9.56  ? 302 ALA A CA  1 
ATOM   644  C  C   . ALA A 1 81  ? 0.567   -4.856  -0.826  1.00 10.73 ? 302 ALA A C   1 
ATOM   645  O  O   . ALA A 1 81  ? 0.827   -4.197  -1.830  1.00 11.34 ? 302 ALA A O   1 
ATOM   646  C  CB  . ALA A 1 81  ? 1.965   -4.676  1.234   1.00 10.76 ? 302 ALA A CB  1 
ATOM   647  N  N   . TYR A 1 82  ? 0.215   -6.135  -0.873  1.00 10.47 ? 303 TYR A N   1 
ATOM   648  C  CA  . TYR A 1 82  ? 0.031   -6.821  -2.159  1.00 10.31 ? 303 TYR A CA  1 
ATOM   649  C  C   . TYR A 1 82  ? -1.091  -6.145  -2.955  1.00 10.97 ? 303 TYR A C   1 
ATOM   650  O  O   . TYR A 1 82  ? -0.985  -5.984  -4.170  1.00 10.42 ? 303 TYR A O   1 
ATOM   651  C  CB  . TYR A 1 82  ? -0.354  -8.286  -1.938  1.00 10.56 ? 303 TYR A CB  1 
ATOM   652  C  CG  . TYR A 1 82  ? 0.788   -9.225  -1.628  1.00 11.70 ? 303 TYR A CG  1 
ATOM   653  C  CD1 . TYR A 1 82  ? 0.652   -10.196 -0.643  1.00 12.99 ? 303 TYR A CD1 1 
ATOM   654  C  CD2 . TYR A 1 82  ? 1.984   -9.189  -2.358  1.00 12.77 ? 303 TYR A CD2 1 
ATOM   655  C  CE1 . TYR A 1 82  ? 1.668   -11.118 -0.383  1.00 14.69 ? 303 TYR A CE1 1 
ATOM   656  C  CE2 . TYR A 1 82  ? 3.015   -10.112 -2.105  1.00 13.64 ? 303 TYR A CE2 1 
ATOM   657  C  CZ  . TYR A 1 82  ? 2.842   -11.076 -1.115  1.00 14.41 ? 303 TYR A CZ  1 
ATOM   658  O  OH  . TYR A 1 82  ? 3.813   -12.018 -0.867  1.00 14.48 ? 303 TYR A OH  1 
ATOM   659  N  N   . ALA A 1 83  ? -2.178  -5.764  -2.280  1.00 9.30  ? 304 ALA A N   1 
ATOM   660  C  CA  . ALA A 1 83  ? -3.287  -5.139  -2.997  1.00 9.75  ? 304 ALA A CA  1 
ATOM   661  C  C   . ALA A 1 83  ? -2.874  -3.805  -3.614  1.00 9.52  ? 304 ALA A C   1 
ATOM   662  O  O   . ALA A 1 83  ? -3.285  -3.477  -4.727  1.00 9.58  ? 304 ALA A O   1 
ATOM   663  C  CB  . ALA A 1 83  ? -4.499  -4.960  -2.059  1.00 11.24 ? 304 ALA A CB  1 
ATOM   664  N  N   . ARG A 1 84  ? -2.043  -3.047  -2.902  1.00 8.32  ? 305 ARG A N   1 
ATOM   665  C  CA  . ARG A 1 84  ? -1.565  -1.758  -3.403  1.00 9.54  ? 305 ARG A CA  1 
ATOM   666  C  C   . ARG A 1 84  ? -0.696  -1.965  -4.646  1.00 8.60  ? 305 ARG A C   1 
ATOM   667  O  O   . ARG A 1 84  ? -0.771  -1.188  -5.592  1.00 10.72 ? 305 ARG A O   1 
ATOM   668  C  CB  . ARG A 1 84  ? -0.756  -1.028  -2.312  1.00 8.94  ? 305 ARG A CB  1 
ATOM   669  C  CG  . ARG A 1 84  ? -0.269  0.363   -2.727  1.00 9.91  ? 305 ARG A CG  1 
ATOM   670  C  CD  . ARG A 1 84  ? -0.281  1.341   -1.534  1.00 9.83  ? 305 ARG A CD  1 
ATOM   671  N  NE  . ARG A 1 84  ? -1.659  1.554   -1.099  1.00 10.12 ? 305 ARG A NE  1 
ATOM   672  C  CZ  . ARG A 1 84  ? -2.025  1.783   0.155   1.00 11.28 ? 305 ARG A CZ  1 
ATOM   673  N  NH1 . ARG A 1 84  ? -1.108  1.856   1.129   1.00 9.73  ? 305 ARG A NH1 1 
ATOM   674  N  NH2 . ARG A 1 84  ? -3.314  1.839   0.455   1.00 10.32 ? 305 ARG A NH2 1 
ATOM   675  N  N   . ILE A 1 85  ? 0.133   -3.005  -4.645  1.00 8.55  ? 306 ILE A N   1 
ATOM   676  C  CA  . ILE A 1 85  ? 0.961   -3.283  -5.822  1.00 9.67  ? 306 ILE A CA  1 
ATOM   677  C  C   . ILE A 1 85  ? -0.026  -3.562  -6.959  1.00 10.72 ? 306 ILE A C   1 
ATOM   678  O  O   . ILE A 1 85  ? 0.118   -3.055  -8.074  1.00 11.03 ? 306 ILE A O   1 
ATOM   679  C  CB  . ILE A 1 85  ? 1.860   -4.545  -5.628  1.00 9.64  ? 306 ILE A CB  1 
ATOM   680  C  CG1 . ILE A 1 85  ? 2.914   -4.283  -4.548  1.00 9.52  ? 306 ILE A CG1 1 
ATOM   681  C  CG2 . ILE A 1 85  ? 2.514   -4.939  -6.986  1.00 10.05 ? 306 ILE A CG2 1 
ATOM   682  C  CD1 . ILE A 1 85  ? 3.796   -5.516  -4.172  1.00 9.39  ? 306 ILE A CD1 1 
ATOM   683  N  N   . GLY A 1 86  ? -1.031  -4.378  -6.659  1.00 11.57 ? 307 GLY A N   1 
ATOM   684  C  CA  . GLY A 1 86  ? -2.036  -4.714  -7.652  1.00 9.94  ? 307 GLY A CA  1 
ATOM   685  C  C   . GLY A 1 86  ? -2.678  -3.465  -8.216  1.00 11.89 ? 307 GLY A C   1 
ATOM   686  O  O   . GLY A 1 86  ? -2.819  -3.329  -9.428  1.00 11.75 ? 307 GLY A O   1 
ATOM   687  N  N   . ASN A 1 87  ? -3.070  -2.546  -7.337  1.00 11.22 ? 308 ASN A N   1 
ATOM   688  C  CA  . ASN A 1 87  ? -3.698  -1.311  -7.780  1.00 13.08 ? 308 ASN A CA  1 
ATOM   689  C  C   . ASN A 1 87  ? -2.802  -0.469  -8.692  1.00 12.12 ? 308 ASN A C   1 
ATOM   690  O  O   . ASN A 1 87  ? -3.284  0.128   -9.663  1.00 12.62 ? 308 ASN A O   1 
ATOM   691  C  CB  . ASN A 1 87  ? -4.130  -0.477  -6.579  1.00 16.09 ? 308 ASN A CB  1 
ATOM   692  C  CG  . ASN A 1 87  ? -5.405  -0.992  -5.939  1.00 20.57 ? 308 ASN A CG  1 
ATOM   693  O  OD1 . ASN A 1 87  ? -6.064  -1.898  -6.459  1.00 20.95 ? 308 ASN A OD1 1 
ATOM   694  N  ND2 . ASN A 1 87  ? -5.777  -0.391  -4.814  1.00 24.66 ? 308 ASN A ND2 1 
ATOM   695  N  N   . SER A 1 88  ? -1.509  -0.415  -8.388  1.00 11.41 ? 309 SER A N   1 
ATOM   696  C  CA  . SER A 1 88  ? -0.569  0.358   -9.203  1.00 10.73 ? 309 SER A CA  1 
ATOM   697  C  C   . SER A 1 88  ? -0.466  -0.231  -10.622 1.00 11.70 ? 309 SER A C   1 
ATOM   698  O  O   . SER A 1 88  ? -0.312  0.506   -11.609 1.00 11.35 ? 309 SER A O   1 
ATOM   699  C  CB  . SER A 1 88  ? 0.814   0.398   -8.528  1.00 11.81 ? 309 SER A CB  1 
ATOM   700  O  OG  . SER A 1 88  ? 1.445   -0.873  -8.550  1.00 12.59 ? 309 SER A OG  1 
ATOM   701  N  N   . TYR A 1 89  ? -0.548  -1.555  -10.739 1.00 11.88 ? 310 TYR A N   1 
ATOM   702  C  CA  . TYR A 1 89  ? -0.516  -2.164  -12.067 1.00 12.41 ? 310 TYR A CA  1 
ATOM   703  C  C   . TYR A 1 89  ? -1.851  -1.865  -12.763 1.00 14.36 ? 310 TYR A C   1 
ATOM   704  O  O   . TYR A 1 89  ? -1.893  -1.607  -13.970 1.00 15.59 ? 310 TYR A O   1 
ATOM   705  C  CB  . TYR A 1 89  ? -0.300  -3.677  -11.973 1.00 12.41 ? 310 TYR A CB  1 
ATOM   706  C  CG  . TYR A 1 89  ? 1.167   -4.054  -11.826 1.00 12.87 ? 310 TYR A CG  1 
ATOM   707  C  CD1 . TYR A 1 89  ? 1.626   -4.752  -10.706 1.00 11.49 ? 310 TYR A CD1 1 
ATOM   708  C  CD2 . TYR A 1 89  ? 2.095   -3.693  -12.806 1.00 12.03 ? 310 TYR A CD2 1 
ATOM   709  C  CE1 . TYR A 1 89  ? 2.976   -5.086  -10.566 1.00 10.10 ? 310 TYR A CE1 1 
ATOM   710  C  CE2 . TYR A 1 89  ? 3.451   -4.016  -12.674 1.00 12.48 ? 310 TYR A CE2 1 
ATOM   711  C  CZ  . TYR A 1 89  ? 3.882   -4.715  -11.553 1.00 11.38 ? 310 TYR A CZ  1 
ATOM   712  O  OH  . TYR A 1 89  ? 5.223   -5.026  -11.422 1.00 13.14 ? 310 TYR A OH  1 
ATOM   713  N  N   . PHE A 1 90  ? -2.937  -1.884  -11.993 1.00 13.60 ? 311 PHE A N   1 
ATOM   714  C  CA  . PHE A 1 90  ? -4.262  -1.610  -12.551 1.00 15.77 ? 311 PHE A CA  1 
ATOM   715  C  C   . PHE A 1 90  ? -4.298  -0.206  -13.148 1.00 15.66 ? 311 PHE A C   1 
ATOM   716  O  O   . PHE A 1 90  ? -4.811  -0.012  -14.250 1.00 16.03 ? 311 PHE A O   1 
ATOM   717  C  CB  . PHE A 1 90  ? -5.341  -1.739  -11.469 1.00 14.85 ? 311 PHE A CB  1 
ATOM   718  C  CG  . PHE A 1 90  ? -6.762  -1.679  -11.998 1.00 17.18 ? 311 PHE A CG  1 
ATOM   719  C  CD1 . PHE A 1 90  ? -7.547  -2.829  -12.052 1.00 18.43 ? 311 PHE A CD1 1 
ATOM   720  C  CD2 . PHE A 1 90  ? -7.310  -0.475  -12.431 1.00 18.44 ? 311 PHE A CD2 1 
ATOM   721  C  CE1 . PHE A 1 90  ? -8.859  -2.782  -12.528 1.00 21.56 ? 311 PHE A CE1 1 
ATOM   722  C  CE2 . PHE A 1 90  ? -8.629  -0.410  -12.912 1.00 20.93 ? 311 PHE A CE2 1 
ATOM   723  C  CZ  . PHE A 1 90  ? -9.401  -1.557  -12.962 1.00 21.37 ? 311 PHE A CZ  1 
ATOM   724  N  N   . LYS A 1 91  ? -3.763  0.771   -12.423 1.00 17.07 ? 312 LYS A N   1 
ATOM   725  C  CA  . LYS A 1 91  ? -3.739  2.159   -12.909 1.00 18.12 ? 312 LYS A CA  1 
ATOM   726  C  C   . LYS A 1 91  ? -3.057  2.262   -14.255 1.00 18.25 ? 312 LYS A C   1 
ATOM   727  O  O   . LYS A 1 91  ? -3.457  3.059   -15.112 1.00 19.17 ? 312 LYS A O   1 
ATOM   728  C  CB  . LYS A 1 91  ? -2.991  3.074   -11.936 1.00 19.67 ? 312 LYS A CB  1 
ATOM   729  C  CG  . LYS A 1 91  ? -3.720  3.378   -10.662 1.00 20.65 ? 312 LYS A CG  1 
ATOM   730  C  CD  . LYS A 1 91  ? -5.038  4.093   -10.936 1.00 24.02 ? 312 LYS A CD  1 
ATOM   731  C  CE  . LYS A 1 91  ? -4.824  5.466   -11.530 1.00 24.05 ? 312 LYS A CE  1 
ATOM   732  N  NZ  . LYS A 1 91  ? -6.149  6.139   -11.781 1.00 26.62 ? 312 LYS A NZ  1 
ATOM   733  N  N   . GLU A 1 92  ? -2.005  1.470   -14.435 1.00 17.07 ? 313 GLU A N   1 
ATOM   734  C  CA  . GLU A 1 92  ? -1.250  1.481   -15.674 1.00 17.54 ? 313 GLU A CA  1 
ATOM   735  C  C   . GLU A 1 92  ? -1.819  0.536   -16.736 1.00 17.28 ? 313 GLU A C   1 
ATOM   736  O  O   . GLU A 1 92  ? -1.186  0.317   -17.755 1.00 18.13 ? 313 GLU A O   1 
ATOM   737  C  CB  . GLU A 1 92  ? 0.218   1.115   -15.395 1.00 16.66 ? 313 GLU A CB  1 
ATOM   738  C  CG  . GLU A 1 92  ? 0.931   2.091   -14.455 1.00 14.84 ? 313 GLU A CG  1 
ATOM   739  C  CD  . GLU A 1 92  ? 2.413   1.789   -14.353 1.00 14.97 ? 313 GLU A CD  1 
ATOM   740  O  OE1 . GLU A 1 92  ? 2.755   0.664   -13.947 1.00 16.46 ? 313 GLU A OE1 1 
ATOM   741  O  OE2 . GLU A 1 92  ? 3.230   2.672   -14.683 1.00 14.63 ? 313 GLU A OE2 1 
ATOM   742  N  N   . GLU A 1 93  ? -2.992  -0.035  -16.492 1.00 18.86 ? 314 GLU A N   1 
ATOM   743  C  CA  . GLU A 1 93  ? -3.616  -0.940  -17.470 1.00 19.16 ? 314 GLU A CA  1 
ATOM   744  C  C   . GLU A 1 93  ? -2.827  -2.226  -17.702 1.00 18.30 ? 314 GLU A C   1 
ATOM   745  O  O   . GLU A 1 93  ? -2.945  -2.840  -18.767 1.00 17.65 ? 314 GLU A O   1 
ATOM   746  C  CB  . GLU A 1 93  ? -3.809  -0.222  -18.823 1.00 21.26 ? 314 GLU A CB  1 
ATOM   747  C  CG  . GLU A 1 93  ? -4.898  0.846   -18.827 1.00 25.79 ? 314 GLU A CG  1 
ATOM   748  C  CD  . GLU A 1 93  ? -4.909  1.690   -20.105 1.00 27.80 ? 314 GLU A CD  1 
ATOM   749  O  OE1 . GLU A 1 93  ? -4.373  1.243   -21.146 1.00 30.48 ? 314 GLU A OE1 1 
ATOM   750  O  OE2 . GLU A 1 93  ? -5.465  2.806   -20.067 1.00 27.68 ? 314 GLU A OE2 1 
ATOM   751  N  N   . LYS A 1 94  ? -2.018  -2.627  -16.717 1.00 16.30 ? 315 LYS A N   1 
ATOM   752  C  CA  . LYS A 1 94  ? -1.205  -3.850  -16.807 1.00 14.80 ? 315 LYS A CA  1 
ATOM   753  C  C   . LYS A 1 94  ? -2.004  -4.871  -15.993 1.00 14.84 ? 315 LYS A C   1 
ATOM   754  O  O   . LYS A 1 94  ? -1.599  -5.308  -14.925 1.00 13.36 ? 315 LYS A O   1 
ATOM   755  C  CB  . LYS A 1 94  ? 0.188   -3.589  -16.199 1.00 14.13 ? 315 LYS A CB  1 
ATOM   756  C  CG  . LYS A 1 94  ? 0.989   -2.519  -16.972 1.00 13.81 ? 315 LYS A CG  1 
ATOM   757  C  CD  . LYS A 1 94  ? 2.236   -2.037  -16.218 1.00 12.48 ? 315 LYS A CD  1 
ATOM   758  C  CE  . LYS A 1 94  ? 2.986   -0.966  -16.995 1.00 13.79 ? 315 LYS A CE  1 
ATOM   759  N  NZ  . LYS A 1 94  ? 4.210   -0.511  -16.255 1.00 13.20 ? 315 LYS A NZ  1 
ATOM   760  N  N   . TYR A 1 95  ? -3.158  -5.245  -16.537 1.00 14.31 ? 316 TYR A N   1 
ATOM   761  C  CA  . TYR A 1 95  ? -4.090  -6.126  -15.856 1.00 13.83 ? 316 TYR A CA  1 
ATOM   762  C  C   . TYR A 1 95  ? -3.688  -7.531  -15.395 1.00 12.49 ? 316 TYR A C   1 
ATOM   763  O  O   . TYR A 1 95  ? -4.157  -7.963  -14.346 1.00 12.45 ? 316 TYR A O   1 
ATOM   764  C  CB  . TYR A 1 95  ? -5.384  -6.186  -16.684 1.00 15.43 ? 316 TYR A CB  1 
ATOM   765  C  CG  . TYR A 1 95  ? -6.022  -4.821  -16.872 1.00 16.83 ? 316 TYR A CG  1 
ATOM   766  C  CD1 . TYR A 1 95  ? -6.150  -4.257  -18.145 1.00 17.77 ? 316 TYR A CD1 1 
ATOM   767  C  CD2 . TYR A 1 95  ? -6.494  -4.091  -15.778 1.00 17.73 ? 316 TYR A CD2 1 
ATOM   768  C  CE1 . TYR A 1 95  ? -6.737  -2.990  -18.329 1.00 18.95 ? 316 TYR A CE1 1 
ATOM   769  C  CE2 . TYR A 1 95  ? -7.087  -2.821  -15.951 1.00 19.23 ? 316 TYR A CE2 1 
ATOM   770  C  CZ  . TYR A 1 95  ? -7.202  -2.283  -17.235 1.00 19.34 ? 316 TYR A CZ  1 
ATOM   771  O  OH  . TYR A 1 95  ? -7.780  -1.038  -17.428 1.00 21.89 ? 316 TYR A OH  1 
ATOM   772  N  N   . LYS A 1 96  ? -2.860  -8.255  -16.153 1.00 12.49 ? 317 LYS A N   1 
ATOM   773  C  CA  . LYS A 1 96  ? -2.451  -9.593  -15.726 1.00 13.19 ? 317 LYS A CA  1 
ATOM   774  C  C   . LYS A 1 96  ? -1.710  -9.494  -14.396 1.00 12.53 ? 317 LYS A C   1 
ATOM   775  O  O   . LYS A 1 96  ? -1.900  -10.321 -13.498 1.00 12.15 ? 317 LYS A O   1 
ATOM   776  C  CB  . LYS A 1 96  ? -1.539  -10.265 -16.766 1.00 15.14 ? 317 LYS A CB  1 
ATOM   777  C  CG  . LYS A 1 96  ? -2.306  -10.945 -17.898 1.00 17.03 ? 317 LYS A CG  1 
ATOM   778  C  CD  . LYS A 1 96  ? -1.386  -11.462 -18.996 1.00 19.15 ? 317 LYS A CD  1 
ATOM   779  C  CE  . LYS A 1 96  ? -2.200  -12.090 -20.141 1.00 19.95 ? 317 LYS A CE  1 
ATOM   780  N  NZ  . LYS A 1 96  ? -1.291  -12.724 -21.157 1.00 22.94 ? 317 LYS A NZ  1 
ATOM   781  N  N   . ASP A 1 97  ? -0.844  -8.494  -14.292 1.00 12.70 ? 318 ASP A N   1 
ATOM   782  C  CA  . ASP A 1 97  ? -0.074  -8.280  -13.073 1.00 12.75 ? 318 ASP A CA  1 
ATOM   783  C  C   . ASP A 1 97  ? -0.967  -7.771  -11.948 1.00 10.78 ? 318 ASP A C   1 
ATOM   784  O  O   . ASP A 1 97  ? -0.762  -8.103  -10.783 1.00 11.01 ? 318 ASP A O   1 
ATOM   785  C  CB  . ASP A 1 97  ? 1.074   -7.309  -13.343 1.00 11.77 ? 318 ASP A CB  1 
ATOM   786  C  CG  . ASP A 1 97  ? 2.229   -7.976  -14.094 1.00 15.86 ? 318 ASP A CG  1 
ATOM   787  O  OD1 . ASP A 1 97  ? 2.884   -8.860  -13.514 1.00 16.07 ? 318 ASP A OD1 1 
ATOM   788  O  OD2 . ASP A 1 97  ? 2.472   -7.633  -15.264 1.00 14.53 ? 318 ASP A OD2 1 
ATOM   789  N  N   . ALA A 1 98  ? -1.971  -6.971  -12.286 1.00 11.60 ? 319 ALA A N   1 
ATOM   790  C  CA  . ALA A 1 98  ? -2.867  -6.481  -11.246 1.00 9.55  ? 319 ALA A CA  1 
ATOM   791  C  C   . ALA A 1 98  ? -3.571  -7.690  -10.607 1.00 10.62 ? 319 ALA A C   1 
ATOM   792  O  O   . ALA A 1 98  ? -3.545  -7.863  -9.392  1.00 9.16  ? 319 ALA A O   1 
ATOM   793  C  CB  . ALA A 1 98  ? -3.905  -5.507  -11.850 1.00 11.10 ? 319 ALA A CB  1 
ATOM   794  N  N   . ILE A 1 99  ? -4.173  -8.532  -11.447 1.00 10.25 ? 320 ILE A N   1 
ATOM   795  C  CA  . ILE A 1 99  ? -4.893  -9.739  -11.008 1.00 10.80 ? 320 ILE A CA  1 
ATOM   796  C  C   . ILE A 1 99  ? -3.995  -10.661 -10.197 1.00 9.83  ? 320 ILE A C   1 
ATOM   797  O  O   . ILE A 1 99  ? -4.394  -11.201 -9.152  1.00 9.29  ? 320 ILE A O   1 
ATOM   798  C  CB  . ILE A 1 99  ? -5.419  -10.542 -12.232 1.00 11.07 ? 320 ILE A CB  1 
ATOM   799  C  CG1 . ILE A 1 99  ? -6.531  -9.751  -12.919 1.00 12.87 ? 320 ILE A CG1 1 
ATOM   800  C  CG2 . ILE A 1 99  ? -5.902  -11.920 -11.797 1.00 13.80 ? 320 ILE A CG2 1 
ATOM   801  C  CD1 . ILE A 1 99  ? -6.879  -10.257 -14.311 1.00 14.33 ? 320 ILE A CD1 1 
ATOM   802  N  N   . HIS A 1 100 ? -2.778  -10.848 -10.680 1.00 9.91  ? 321 HIS A N   1 
ATOM   803  C  CA  . HIS A 1 100 ? -1.849  -11.723 -9.980  1.00 8.97  ? 321 HIS A CA  1 
ATOM   804  C  C   . HIS A 1 100 ? -1.587  -11.246 -8.538  1.00 9.01  ? 321 HIS A C   1 
ATOM   805  O  O   . HIS A 1 100 ? -1.634  -12.037 -7.587  1.00 9.05  ? 321 HIS A O   1 
ATOM   806  C  CB  . HIS A 1 100 ? -0.542  -11.819 -10.779 1.00 7.77  ? 321 HIS A CB  1 
ATOM   807  C  CG  . HIS A 1 100 ? 0.438   -12.778 -10.188 1.00 6.76  ? 321 HIS A CG  1 
ATOM   808  N  ND1 . HIS A 1 100 ? 0.073   -14.032 -9.743  1.00 9.86  ? 321 HIS A ND1 1 
ATOM   809  C  CD2 . HIS A 1 100 ? 1.760   -12.654 -9.931  1.00 7.99  ? 321 HIS A CD2 1 
ATOM   810  C  CE1 . HIS A 1 100 ? 1.127   -14.639 -9.234  1.00 10.06 ? 321 HIS A CE1 1 
ATOM   811  N  NE2 . HIS A 1 100 ? 2.161   -13.821 -9.339  1.00 5.82  ? 321 HIS A NE2 1 
ATOM   812  N  N   . PHE A 1 101 ? -1.328  -9.957  -8.359  1.00 8.19  ? 322 PHE A N   1 
ATOM   813  C  CA  . PHE A 1 101 ? -1.097  -9.466  -7.019  1.00 9.08  ? 322 PHE A CA  1 
ATOM   814  C  C   . PHE A 1 101 ? -2.374  -9.425  -6.168  1.00 8.38  ? 322 PHE A C   1 
ATOM   815  O  O   . PHE A 1 101 ? -2.303  -9.493  -4.943  1.00 7.73  ? 322 PHE A O   1 
ATOM   816  C  CB  . PHE A 1 101 ? -0.396  -8.107  -7.059  1.00 9.16  ? 322 PHE A CB  1 
ATOM   817  C  CG  . PHE A 1 101 ? 1.086   -8.224  -7.255  1.00 9.38  ? 322 PHE A CG  1 
ATOM   818  C  CD1 . PHE A 1 101 ? 1.631   -8.243  -8.532  1.00 9.25  ? 322 PHE A CD1 1 
ATOM   819  C  CD2 . PHE A 1 101 ? 1.930   -8.417  -6.155  1.00 7.85  ? 322 PHE A CD2 1 
ATOM   820  C  CE1 . PHE A 1 101 ? 3.002   -8.459  -8.722  1.00 9.54  ? 322 PHE A CE1 1 
ATOM   821  C  CE2 . PHE A 1 101 ? 3.301   -8.632  -6.332  1.00 8.80  ? 322 PHE A CE2 1 
ATOM   822  C  CZ  . PHE A 1 101 ? 3.835   -8.654  -7.614  1.00 8.01  ? 322 PHE A CZ  1 
ATOM   823  N  N   . TYR A 1 102 ? -3.541  -9.305  -6.794  1.00 8.46  ? 323 TYR A N   1 
ATOM   824  C  CA  . TYR A 1 102 ? -4.772  -9.324  -5.991  1.00 8.41  ? 323 TYR A CA  1 
ATOM   825  C  C   . TYR A 1 102 ? -4.898  -10.743 -5.446  1.00 8.46  ? 323 TYR A C   1 
ATOM   826  O  O   . TYR A 1 102 ? -5.332  -10.951 -4.319  1.00 9.50  ? 323 TYR A O   1 
ATOM   827  C  CB  . TYR A 1 102 ? -6.001  -8.971  -6.837  1.00 10.24 ? 323 TYR A CB  1 
ATOM   828  C  CG  . TYR A 1 102 ? -6.048  -7.528  -7.291  1.00 10.31 ? 323 TYR A CG  1 
ATOM   829  C  CD1 . TYR A 1 102 ? -6.566  -7.186  -8.537  1.00 12.33 ? 323 TYR A CD1 1 
ATOM   830  C  CD2 . TYR A 1 102 ? -5.601  -6.496  -6.460  1.00 12.57 ? 323 TYR A CD2 1 
ATOM   831  C  CE1 . TYR A 1 102 ? -6.637  -5.845  -8.952  1.00 12.62 ? 323 TYR A CE1 1 
ATOM   832  C  CE2 . TYR A 1 102 ? -5.675  -5.155  -6.862  1.00 13.90 ? 323 TYR A CE2 1 
ATOM   833  C  CZ  . TYR A 1 102 ? -6.193  -4.841  -8.106  1.00 15.14 ? 323 TYR A CZ  1 
ATOM   834  O  OH  . TYR A 1 102 ? -6.285  -3.515  -8.492  1.00 16.99 ? 323 TYR A OH  1 
ATOM   835  N  N   . ASN A 1 103 ? -4.502  -11.733 -6.233  1.00 8.66  ? 324 ASN A N   1 
ATOM   836  C  CA  . ASN A 1 103 ? -4.572  -13.106 -5.739  1.00 11.90 ? 324 ASN A CA  1 
ATOM   837  C  C   . ASN A 1 103 ? -3.613  -13.329 -4.564  1.00 11.35 ? 324 ASN A C   1 
ATOM   838  O  O   . ASN A 1 103 ? -3.963  -13.996 -3.586  1.00 11.23 ? 324 ASN A O   1 
ATOM   839  C  CB  . ASN A 1 103 ? -4.314  -14.097 -6.881  1.00 14.69 ? 324 ASN A CB  1 
ATOM   840  C  CG  . ASN A 1 103 ? -5.523  -14.226 -7.788  1.00 18.39 ? 324 ASN A CG  1 
ATOM   841  O  OD1 . ASN A 1 103 ? -6.650  -14.219 -7.306  1.00 22.49 ? 324 ASN A OD1 1 
ATOM   842  N  ND2 . ASN A 1 103 ? -5.301  -14.342 -9.091  1.00 23.13 ? 324 ASN A ND2 1 
ATOM   843  N  N   . LYS A 1 104 ? -2.414  -12.772 -4.642  1.00 11.04 ? 325 LYS A N   1 
ATOM   844  C  CA  . LYS A 1 104 ? -1.477  -12.902 -3.528  1.00 11.19 ? 325 LYS A CA  1 
ATOM   845  C  C   . LYS A 1 104 ? -2.110  -12.271 -2.282  1.00 11.99 ? 325 LYS A C   1 
ATOM   846  O  O   . LYS A 1 104 ? -2.038  -12.820 -1.170  1.00 11.79 ? 325 LYS A O   1 
ATOM   847  C  CB  . LYS A 1 104 ? -0.156  -12.193 -3.845  1.00 12.81 ? 325 LYS A CB  1 
ATOM   848  C  CG  . LYS A 1 104 ? 0.772   -12.940 -4.830  1.00 13.65 ? 325 LYS A CG  1 
ATOM   849  C  CD  . LYS A 1 104 ? 2.094   -12.179 -4.943  1.00 15.43 ? 325 LYS A CD  1 
ATOM   850  C  CE  . LYS A 1 104 ? 2.806   -12.406 -6.271  1.00 17.76 ? 325 LYS A CE  1 
ATOM   851  N  NZ  . LYS A 1 104 ? 3.327   -13.786 -6.289  1.00 16.81 ? 325 LYS A NZ  1 
ATOM   852  N  N   . SER A 1 105 ? -2.738  -11.113 -2.481  1.00 11.08 ? 326 SER A N   1 
ATOM   853  C  CA  . SER A 1 105 ? -3.403  -10.396 -1.398  1.00 10.61 ? 326 SER A CA  1 
ATOM   854  C  C   . SER A 1 105 ? -4.535  -11.229 -0.789  1.00 11.63 ? 326 SER A C   1 
ATOM   855  O  O   . SER A 1 105 ? -4.576  -11.458 0.425   1.00 11.42 ? 326 SER A O   1 
ATOM   856  C  CB  . SER A 1 105 ? -3.967  -9.075  -1.927  1.00 9.73  ? 326 SER A CB  1 
ATOM   857  O  OG  . SER A 1 105 ? -4.759  -8.408  -0.943  1.00 9.05  ? 326 SER A OG  1 
ATOM   858  N  N   . LEU A 1 106 ? -5.454  -11.686 -1.631  1.00 11.28 ? 327 LEU A N   1 
ATOM   859  C  CA  . LEU A 1 106 ? -6.586  -12.473 -1.149  1.00 12.01 ? 327 LEU A CA  1 
ATOM   860  C  C   . LEU A 1 106 ? -6.177  -13.724 -0.373  1.00 12.40 ? 327 LEU A C   1 
ATOM   861  O  O   . LEU A 1 106 ? -6.822  -14.072 0.631   1.00 12.26 ? 327 LEU A O   1 
ATOM   862  C  CB  . LEU A 1 106 ? -7.495  -12.844 -2.315  1.00 14.29 ? 327 LEU A CB  1 
ATOM   863  C  CG  . LEU A 1 106 ? -8.191  -11.638 -2.962  1.00 14.59 ? 327 LEU A CG  1 
ATOM   864  C  CD1 . LEU A 1 106 ? -8.834  -12.052 -4.274  1.00 16.37 ? 327 LEU A CD1 1 
ATOM   865  C  CD2 . LEU A 1 106 ? -9.239  -11.076 -1.992  1.00 15.57 ? 327 LEU A CD2 1 
ATOM   866  N  N   . ALA A 1 107 ? -5.114  -14.395 -0.817  1.00 11.72 ? 328 ALA A N   1 
ATOM   867  C  CA  . ALA A 1 107 ? -4.644  -15.605 -0.131  1.00 13.20 ? 328 ALA A CA  1 
ATOM   868  C  C   . ALA A 1 107 ? -4.230  -15.301 1.315   1.00 14.70 ? 328 ALA A C   1 
ATOM   869  O  O   . ALA A 1 107 ? -4.437  -16.124 2.225   1.00 14.84 ? 328 ALA A O   1 
ATOM   870  C  CB  . ALA A 1 107 ? -3.459  -16.235 -0.904  1.00 14.87 ? 328 ALA A CB  1 
ATOM   871  N  N   . GLU A 1 108 ? -3.626  -14.131 1.530   1.00 13.75 ? 329 GLU A N   1 
ATOM   872  C  CA  . GLU A 1 108 ? -3.232  -13.737 2.875   1.00 14.76 ? 329 GLU A CA  1 
ATOM   873  C  C   . GLU A 1 108 ? -4.483  -13.357 3.665   1.00 13.74 ? 329 GLU A C   1 
ATOM   874  O  O   . GLU A 1 108 ? -4.687  -13.829 4.779   1.00 12.31 ? 329 GLU A O   1 
ATOM   875  C  CB  . GLU A 1 108 ? -2.274  -12.534 2.848   1.00 16.40 ? 329 GLU A CB  1 
ATOM   876  C  CG  . GLU A 1 108 ? -1.014  -12.753 2.050   1.00 19.75 ? 329 GLU A CG  1 
ATOM   877  C  CD  . GLU A 1 108 ? -0.020  -13.715 2.701   1.00 23.27 ? 329 GLU A CD  1 
ATOM   878  O  OE1 . GLU A 1 108 ? 0.829   -14.244 1.957   1.00 25.32 ? 329 GLU A OE1 1 
ATOM   879  O  OE2 . GLU A 1 108 ? -0.078  -13.931 3.936   1.00 23.95 ? 329 GLU A OE2 1 
ATOM   880  N  N   . HIS A 1 109 ? -5.341  -12.522 3.076   1.00 13.27 ? 330 HIS A N   1 
ATOM   881  C  CA  . HIS A 1 109 ? -6.555  -12.081 3.769   1.00 12.68 ? 330 HIS A CA  1 
ATOM   882  C  C   . HIS A 1 109 ? -7.597  -11.680 2.743   1.00 14.14 ? 330 HIS A C   1 
ATOM   883  O  O   . HIS A 1 109 ? -7.347  -10.791 1.928   1.00 11.74 ? 330 HIS A O   1 
ATOM   884  C  CB  . HIS A 1 109 ? -6.231  -10.873 4.656   1.00 12.84 ? 330 HIS A CB  1 
ATOM   885  C  CG  . HIS A 1 109 ? -7.382  -10.389 5.484   1.00 13.55 ? 330 HIS A CG  1 
ATOM   886  N  ND1 . HIS A 1 109 ? -7.621  -9.049  5.713   1.00 14.08 ? 330 HIS A ND1 1 
ATOM   887  C  CD2 . HIS A 1 109 ? -8.314  -11.066 6.202   1.00 12.46 ? 330 HIS A CD2 1 
ATOM   888  C  CE1 . HIS A 1 109 ? -8.644  -8.923  6.540   1.00 15.70 ? 330 HIS A CE1 1 
ATOM   889  N  NE2 . HIS A 1 109 ? -9.080  -10.131 6.852   1.00 13.85 ? 330 HIS A NE2 1 
ATOM   890  N  N   . ARG A 1 110 ? -8.757  -12.332 2.761   1.00 13.54 ? 331 ARG A N   1 
ATOM   891  C  CA  . ARG A 1 110 ? -9.785  -11.969 1.791   1.00 14.91 ? 331 ARG A CA  1 
ATOM   892  C  C   . ARG A 1 110 ? -10.550 -10.753 2.237   1.00 14.87 ? 331 ARG A C   1 
ATOM   893  O  O   . ARG A 1 110 ? -10.978 -10.669 3.385   1.00 14.75 ? 331 ARG A O   1 
ATOM   894  C  CB  . ARG A 1 110 ? -10.754 -13.121 1.556   1.00 15.79 ? 331 ARG A CB  1 
ATOM   895  C  CG  . ARG A 1 110 ? -10.118 -14.243 0.774   1.00 18.89 ? 331 ARG A CG  1 
ATOM   896  C  CD  . ARG A 1 110 ? -11.110 -15.294 0.441   1.00 19.34 ? 331 ARG A CD  1 
ATOM   897  N  NE  . ARG A 1 110 ? -11.953 -14.953 -0.697  1.00 18.40 ? 331 ARG A NE  1 
ATOM   898  C  CZ  . ARG A 1 110 ? -11.623 -15.133 -1.973  1.00 19.04 ? 331 ARG A CZ  1 
ATOM   899  N  NH1 . ARG A 1 110 ? -10.447 -15.643 -2.307  1.00 17.29 ? 331 ARG A NH1 1 
ATOM   900  N  NH2 . ARG A 1 110 ? -12.504 -14.850 -2.914  1.00 19.21 ? 331 ARG A NH2 1 
ATOM   901  N  N   . THR A 1 111 ? -10.715 -9.808  1.318   1.00 14.69 ? 332 THR A N   1 
ATOM   902  C  CA  . THR A 1 111 ? -11.439 -8.576  1.594   1.00 14.52 ? 332 THR A CA  1 
ATOM   903  C  C   . THR A 1 111 ? -12.356 -8.335  0.410   1.00 15.86 ? 332 THR A C   1 
ATOM   904  O  O   . THR A 1 111 ? -11.992 -8.610  -0.741  1.00 14.33 ? 332 THR A O   1 
ATOM   905  C  CB  . THR A 1 111 ? -10.472 -7.364  1.746   1.00 16.51 ? 332 THR A CB  1 
ATOM   906  O  OG1 . THR A 1 111 ? -9.742  -7.178  0.525   1.00 14.00 ? 332 THR A OG1 1 
ATOM   907  C  CG2 . THR A 1 111 ? -9.487  -7.614  2.878   1.00 14.44 ? 332 THR A CG2 1 
ATOM   908  N  N   . PRO A 1 112 ? -13.572 -7.836  0.677   1.00 15.96 ? 333 PRO A N   1 
ATOM   909  C  CA  . PRO A 1 112 ? -14.520 -7.572  -0.403  1.00 16.56 ? 333 PRO A CA  1 
ATOM   910  C  C   . PRO A 1 112 ? -14.046 -6.541  -1.421  1.00 16.70 ? 333 PRO A C   1 
ATOM   911  O  O   . PRO A 1 112 ? -14.310 -6.692  -2.614  1.00 18.14 ? 333 PRO A O   1 
ATOM   912  C  CB  . PRO A 1 112 ? -15.791 -7.147  0.344   1.00 17.32 ? 333 PRO A CB  1 
ATOM   913  C  CG  . PRO A 1 112 ? -15.264 -6.589  1.645   1.00 19.44 ? 333 PRO A CG  1 
ATOM   914  C  CD  . PRO A 1 112 ? -14.154 -7.537  1.995   1.00 17.50 ? 333 PRO A CD  1 
ATOM   915  N  N   . ASP A 1 113 ? -13.336 -5.507  -0.980  1.00 15.55 ? 334 ASP A N   1 
ATOM   916  C  CA  . ASP A 1 113 ? -12.884 -4.498  -1.932  1.00 17.49 ? 334 ASP A CA  1 
ATOM   917  C  C   . ASP A 1 113 ? -11.856 -5.061  -2.905  1.00 16.12 ? 334 ASP A C   1 
ATOM   918  O  O   . ASP A 1 113 ? -11.921 -4.800  -4.099  1.00 16.42 ? 334 ASP A O   1 
ATOM   919  C  CB  . ASP A 1 113 ? -12.309 -3.269  -1.217  1.00 20.62 ? 334 ASP A CB  1 
ATOM   920  C  CG  . ASP A 1 113 ? -13.377 -2.455  -0.500  1.00 23.95 ? 334 ASP A CG  1 
ATOM   921  O  OD1 . ASP A 1 113 ? -14.559 -2.529  -0.895  1.00 25.57 ? 334 ASP A OD1 1 
ATOM   922  O  OD2 . ASP A 1 113 ? -13.028 -1.724  0.449   1.00 26.30 ? 334 ASP A OD2 1 
ATOM   923  N  N   . VAL A 1 114 ? -10.907 -5.846  -2.410  1.00 15.06 ? 335 VAL A N   1 
ATOM   924  C  CA  . VAL A 1 114 ? -9.914  -6.403  -3.315  1.00 12.77 ? 335 VAL A CA  1 
ATOM   925  C  C   . VAL A 1 114 ? -10.557 -7.419  -4.257  1.00 13.55 ? 335 VAL A C   1 
ATOM   926  O  O   . VAL A 1 114 ? -10.203 -7.492  -5.434  1.00 12.02 ? 335 VAL A O   1 
ATOM   927  C  CB  . VAL A 1 114 ? -8.754  -7.071  -2.543  1.00 13.58 ? 335 VAL A CB  1 
ATOM   928  C  CG1 . VAL A 1 114 ? -7.809  -7.730  -3.512  1.00 11.71 ? 335 VAL A CG1 1 
ATOM   929  C  CG2 . VAL A 1 114 ? -8.015  -6.026  -1.728  1.00 12.98 ? 335 VAL A CG2 1 
ATOM   930  N  N   . LEU A 1 115 ? -11.510 -8.201  -3.753  1.00 12.82 ? 336 LEU A N   1 
ATOM   931  C  CA  . LEU A 1 115 ? -12.162 -9.181  -4.603  1.00 14.09 ? 336 LEU A CA  1 
ATOM   932  C  C   . LEU A 1 115 ? -12.886 -8.457  -5.734  1.00 15.24 ? 336 LEU A C   1 
ATOM   933  O  O   . LEU A 1 115 ? -12.860 -8.893  -6.878  1.00 14.91 ? 336 LEU A O   1 
ATOM   934  C  CB  . LEU A 1 115 ? -13.173 -10.012 -3.811  1.00 16.32 ? 336 LEU A CB  1 
ATOM   935  C  CG  . LEU A 1 115 ? -13.971 -10.996 -4.680  1.00 17.71 ? 336 LEU A CG  1 
ATOM   936  C  CD1 . LEU A 1 115 ? -13.022 -12.054 -5.241  1.00 18.09 ? 336 LEU A CD1 1 
ATOM   937  C  CD2 . LEU A 1 115 ? -15.085 -11.661 -3.871  1.00 19.49 ? 336 LEU A CD2 1 
ATOM   938  N  N   . LYS A 1 116 ? -13.539 -7.346  -5.399  1.00 16.61 ? 337 LYS A N   1 
ATOM   939  C  CA  . LYS A 1 116 ? -14.283 -6.581  -6.388  1.00 19.26 ? 337 LYS A CA  1 
ATOM   940  C  C   . LYS A 1 116 ? -13.332 -6.020  -7.453  1.00 18.57 ? 337 LYS A C   1 
ATOM   941  O  O   . LYS A 1 116 ? -13.606 -6.101  -8.658  1.00 19.25 ? 337 LYS A O   1 
ATOM   942  C  CB  . LYS A 1 116 ? -15.052 -5.444  -5.697  1.00 21.97 ? 337 LYS A CB  1 
ATOM   943  C  CG  . LYS A 1 116 ? -16.108 -4.776  -6.577  1.00 25.50 ? 337 LYS A CG  1 
ATOM   944  C  CD  . LYS A 1 116 ? -16.394 -3.338  -6.132  1.00 28.29 ? 337 LYS A CD  1 
ATOM   945  C  CE  . LYS A 1 116 ? -17.446 -3.244  -5.022  1.00 31.01 ? 337 LYS A CE  1 
ATOM   946  N  NZ  . LYS A 1 116 ? -18.835 -3.503  -5.532  1.00 32.80 ? 337 LYS A NZ  1 
ATOM   947  N  N   . LYS A 1 117 ? -12.213 -5.463  -7.010  1.00 17.80 ? 338 LYS A N   1 
ATOM   948  C  CA  . LYS A 1 117 ? -11.232 -4.902  -7.928  1.00 17.09 ? 338 LYS A CA  1 
ATOM   949  C  C   . LYS A 1 117 ? -10.713 -6.017  -8.847  1.00 16.82 ? 338 LYS A C   1 
ATOM   950  O  O   . LYS A 1 117 ? -10.566 -5.826  -10.054 1.00 17.68 ? 338 LYS A O   1 
ATOM   951  C  CB  . LYS A 1 117 ? -10.081 -4.286  -7.130  1.00 18.31 ? 338 LYS A CB  1 
ATOM   952  C  CG  . LYS A 1 117 ? -9.147  -3.399  -7.928  1.00 21.04 ? 338 LYS A CG  1 
ATOM   953  C  CD  . LYS A 1 117 ? -9.840  -2.120  -8.396  1.00 24.64 ? 338 LYS A CD  1 
ATOM   954  C  CE  . LYS A 1 117 ? -8.823  -1.061  -8.808  1.00 25.32 ? 338 LYS A CE  1 
ATOM   955  N  NZ  . LYS A 1 117 ? -9.495  0.142   -9.362  1.00 29.60 ? 338 LYS A NZ  1 
ATOM   956  N  N   . CYS A 1 118 ? -10.441 -7.185  -8.270  1.00 16.52 ? 339 CYS A N   1 
ATOM   957  C  CA  . CYS A 1 118 ? -9.954  -8.313  -9.050  1.00 15.95 ? 339 CYS A CA  1 
ATOM   958  C  C   . CYS A 1 118 ? -10.989 -8.731  -10.094 1.00 16.50 ? 339 CYS A C   1 
ATOM   959  O  O   . CYS A 1 118 ? -10.652 -8.980  -11.250 1.00 14.41 ? 339 CYS A O   1 
ATOM   960  C  CB  . CYS A 1 118 ? -9.636  -9.494  -8.125  1.00 15.13 ? 339 CYS A CB  1 
ATOM   961  S  SG  . CYS A 1 118 ? -8.574  -10.765 -8.903  1.00 17.53 ? 339 CYS A SG  1 
ATOM   962  N  N   . GLN A 1 119 ? -12.258 -8.796  -9.699  1.00 16.71 ? 340 GLN A N   1 
ATOM   963  C  CA  . GLN A 1 119 ? -13.289 -9.205  -10.659 1.00 17.73 ? 340 GLN A CA  1 
ATOM   964  C  C   . GLN A 1 119 ? -13.354 -8.198  -11.802 1.00 17.84 ? 340 GLN A C   1 
ATOM   965  O  O   . GLN A 1 119 ? -13.484 -8.574  -12.966 1.00 18.93 ? 340 GLN A O   1 
ATOM   966  C  CB  . GLN A 1 119 ? -14.639 -9.352  -9.952  1.00 17.75 ? 340 GLN A CB  1 
ATOM   967  C  CG  . GLN A 1 119 ? -14.647 -10.549 -8.996  1.00 21.58 ? 340 GLN A CG  1 
ATOM   968  C  CD  . GLN A 1 119 ? -15.846 -10.573 -8.075  1.00 23.58 ? 340 GLN A CD  1 
ATOM   969  O  OE1 . GLN A 1 119 ? -16.350 -9.523  -7.670  1.00 24.44 ? 340 GLN A OE1 1 
ATOM   970  N  NE2 . GLN A 1 119 ? -16.297 -11.769 -7.718  1.00 24.20 ? 340 GLN A NE2 1 
ATOM   971  N  N   . GLN A 1 120 ? -13.223 -6.920  -11.471 1.00 17.18 ? 341 GLN A N   1 
ATOM   972  C  CA  . GLN A 1 120 ? -13.246 -5.872  -12.477 1.00 18.25 ? 341 GLN A CA  1 
ATOM   973  C  C   . GLN A 1 120 ? -12.090 -6.069  -13.474 1.00 17.85 ? 341 GLN A C   1 
ATOM   974  O  O   . GLN A 1 120 ? -12.282 -6.006  -14.696 1.00 16.51 ? 341 GLN A O   1 
ATOM   975  C  CB  . GLN A 1 120 ? -13.118 -4.512  -11.793 1.00 20.82 ? 341 GLN A CB  1 
ATOM   976  C  CG  . GLN A 1 120 ? -13.157 -3.353  -12.749 1.00 25.77 ? 341 GLN A CG  1 
ATOM   977  C  CD  . GLN A 1 120 ? -13.096 -2.014  -12.040 1.00 29.14 ? 341 GLN A CD  1 
ATOM   978  O  OE1 . GLN A 1 120 ? -13.088 -0.960  -12.684 1.00 29.87 ? 341 GLN A OE1 1 
ATOM   979  N  NE2 . GLN A 1 120 ? -13.053 -2.047  -10.705 1.00 28.76 ? 341 GLN A NE2 1 
ATOM   980  N  N   . ALA A 1 121 ? -10.886 -6.296  -12.947 1.00 16.24 ? 342 ALA A N   1 
ATOM   981  C  CA  . ALA A 1 121 ? -9.708  -6.506  -13.791 1.00 17.40 ? 342 ALA A CA  1 
ATOM   982  C  C   . ALA A 1 121 ? -9.865  -7.768  -14.626 1.00 16.92 ? 342 ALA A C   1 
ATOM   983  O  O   . ALA A 1 121 ? -9.424  -7.825  -15.775 1.00 17.29 ? 342 ALA A O   1 
ATOM   984  C  CB  . ALA A 1 121 ? -8.440  -6.608  -12.924 1.00 14.88 ? 342 ALA A CB  1 
ATOM   985  N  N   . GLU A 1 122 ? -10.494 -8.781  -14.049 1.00 18.17 ? 343 GLU A N   1 
ATOM   986  C  CA  . GLU A 1 122 ? -10.686 -10.032 -14.772 1.00 20.21 ? 343 GLU A CA  1 
ATOM   987  C  C   . GLU A 1 122 ? -11.625 -9.808  -15.949 1.00 21.32 ? 343 GLU A C   1 
ATOM   988  O  O   . GLU A 1 122 ? -11.397 -10.327 -17.044 1.00 21.37 ? 343 GLU A O   1 
ATOM   989  C  CB  . GLU A 1 122 ? -11.257 -11.107 -13.843 1.00 20.93 ? 343 GLU A CB  1 
ATOM   990  C  CG  . GLU A 1 122 ? -10.238 -11.718 -12.891 1.00 25.06 ? 343 GLU A CG  1 
ATOM   991  C  CD  . GLU A 1 122 ? -10.874 -12.686 -11.909 1.00 27.73 ? 343 GLU A CD  1 
ATOM   992  O  OE1 . GLU A 1 122 ? -11.966 -13.212 -12.213 1.00 29.88 ? 343 GLU A OE1 1 
ATOM   993  O  OE2 . GLU A 1 122 ? -10.278 -12.934 -10.841 1.00 30.09 ? 343 GLU A OE2 1 
ATOM   994  N  N   . LYS A 1 123 ? -12.679 -9.028  -15.724 1.00 21.94 ? 344 LYS A N   1 
ATOM   995  C  CA  . LYS A 1 123 ? -13.644 -8.758  -16.779 1.00 23.45 ? 344 LYS A CA  1 
ATOM   996  C  C   . LYS A 1 123 ? -12.991 -7.997  -17.927 1.00 22.09 ? 344 LYS A C   1 
ATOM   997  O  O   . LYS A 1 123 ? -13.218 -8.305  -19.098 1.00 22.79 ? 344 LYS A O   1 
ATOM   998  C  CB  . LYS A 1 123 ? -14.833 -7.974  -16.211 1.00 25.23 ? 344 LYS A CB  1 
ATOM   999  C  CG  . LYS A 1 123 ? -16.130 -8.194  -16.968 1.00 30.45 ? 344 LYS A CG  1 
ATOM   1000 C  CD  . LYS A 1 123 ? -17.342 -7.918  -16.087 1.00 33.16 ? 344 LYS A CD  1 
ATOM   1001 C  CE  . LYS A 1 123 ? -18.630 -8.393  -16.766 1.00 35.50 ? 344 LYS A CE  1 
ATOM   1002 N  NZ  . LYS A 1 123 ? -19.811 -8.366  -15.848 1.00 36.06 ? 344 LYS A NZ  1 
ATOM   1003 N  N   . ILE A 1 124 ? -12.167 -7.013  -17.596 1.00 21.64 ? 345 ILE A N   1 
ATOM   1004 C  CA  . ILE A 1 124 ? -11.484 -6.217  -18.610 1.00 22.11 ? 345 ILE A CA  1 
ATOM   1005 C  C   . ILE A 1 124 ? -10.500 -7.051  -19.439 1.00 23.98 ? 345 ILE A C   1 
ATOM   1006 O  O   . ILE A 1 124 ? -10.445 -6.927  -20.671 1.00 23.36 ? 345 ILE A O   1 
ATOM   1007 C  CB  . ILE A 1 124 ? -10.721 -5.038  -17.967 1.00 21.80 ? 345 ILE A CB  1 
ATOM   1008 C  CG1 . ILE A 1 124 ? -11.716 -4.079  -17.308 1.00 22.47 ? 345 ILE A CG1 1 
ATOM   1009 C  CG2 . ILE A 1 124 ? -9.907  -4.303  -19.017 1.00 22.30 ? 345 ILE A CG2 1 
ATOM   1010 C  CD1 . ILE A 1 124 ? -11.068 -2.891  -16.617 1.00 21.75 ? 345 ILE A CD1 1 
ATOM   1011 N  N   . LEU A 1 125 ? -9.735  -7.901  -18.761 1.00 24.45 ? 346 LEU A N   1 
ATOM   1012 C  CA  . LEU A 1 125 ? -8.744  -8.751  -19.421 1.00 26.53 ? 346 LEU A CA  1 
ATOM   1013 C  C   . LEU A 1 125 ? -9.407  -9.803  -20.302 1.00 28.73 ? 346 LEU A C   1 
ATOM   1014 O  O   . LEU A 1 125 ? -9.013  -9.997  -21.457 1.00 29.67 ? 346 LEU A O   1 
ATOM   1015 C  CB  . LEU A 1 125 ? -7.863  -9.449  -18.372 1.00 25.21 ? 346 LEU A CB  1 
ATOM   1016 C  CG  . LEU A 1 125 ? -6.735  -10.364 -18.867 1.00 25.02 ? 346 LEU A CG  1 
ATOM   1017 C  CD1 . LEU A 1 125 ? -5.669  -9.541  -19.563 1.00 24.05 ? 346 LEU A CD1 1 
ATOM   1018 C  CD2 . LEU A 1 125 ? -6.123  -11.115 -17.681 1.00 24.33 ? 346 LEU A CD2 1 
ATOM   1019 N  N   . LYS A 1 126 ? -10.405 -10.488 -19.752 1.00 31.00 ? 347 LYS A N   1 
ATOM   1020 C  CA  . LYS A 1 126 ? -11.106 -11.534 -20.491 1.00 34.43 ? 347 LYS A CA  1 
ATOM   1021 C  C   . LYS A 1 126 ? -11.647 -11.007 -21.813 1.00 35.65 ? 347 LYS A C   1 
ATOM   1022 O  O   . LYS A 1 126 ? -11.526 -11.665 -22.842 1.00 35.98 ? 347 LYS A O   1 
ATOM   1023 C  CB  . LYS A 1 126 ? -12.252 -12.113 -19.649 1.00 35.69 ? 347 LYS A CB  1 
ATOM   1024 C  CG  . LYS A 1 126 ? -12.969 -13.299 -20.298 1.00 37.87 ? 347 LYS A CG  1 
ATOM   1025 C  CD  . LYS A 1 126 ? -14.027 -13.894 -19.376 1.00 39.62 ? 347 LYS A CD  1 
ATOM   1026 C  CE  . LYS A 1 126 ? -14.781 -15.033 -20.053 1.00 41.39 ? 347 LYS A CE  1 
ATOM   1027 N  NZ  . LYS A 1 126 ? -15.806 -15.652 -19.155 1.00 42.61 ? 347 LYS A NZ  1 
ATOM   1028 N  N   . GLU A 1 127 ? -12.233 -9.815  -21.780 1.00 37.15 ? 348 GLU A N   1 
ATOM   1029 C  CA  . GLU A 1 127 ? -12.789 -9.200  -22.977 1.00 39.03 ? 348 GLU A CA  1 
ATOM   1030 C  C   . GLU A 1 127 ? -11.688 -8.916  -23.989 1.00 40.35 ? 348 GLU A C   1 
ATOM   1031 O  O   . GLU A 1 127 ? -11.904 -9.027  -25.199 1.00 39.97 ? 348 GLU A O   1 
ATOM   1032 C  CB  . GLU A 1 127 ? -13.515 -7.914  -22.619 1.00 39.16 ? 348 GLU A CB  1 
ATOM   1033 N  N   . GLN A 1 128 ? -10.514 -8.541  -23.491 1.00 41.34 ? 349 GLN A N   1 
ATOM   1034 C  CA  . GLN A 1 128 ? -9.367  -8.259  -24.349 1.00 42.23 ? 349 GLN A CA  1 
ATOM   1035 C  C   . GLN A 1 128 ? -8.847  -9.577  -24.941 1.00 42.94 ? 349 GLN A C   1 
ATOM   1036 O  O   . GLN A 1 128 ? -7.727  -9.992  -24.584 1.00 45.01 ? 349 GLN A O   1 
ATOM   1037 C  CB  . GLN A 1 128 ? -8.250  -7.575  -23.546 1.00 42.16 ? 349 GLN A CB  1 
ATOM   1038 C  CG  . GLN A 1 128 ? -8.601  -6.195  -22.997 1.00 43.45 ? 349 GLN A CG  1 
ATOM   1039 C  CD  . GLN A 1 128 ? -7.458  -5.561  -22.202 1.00 44.81 ? 349 GLN A CD  1 
ATOM   1040 O  OE1 . GLN A 1 128 ? -6.923  -6.163  -21.267 1.00 45.39 ? 349 GLN A OE1 1 
ATOM   1041 N  NE2 . GLN A 1 128 ? -7.088  -4.337  -22.565 1.00 44.41 ? 349 GLN A NE2 1 
HETATM 1042 C  C   . ACE B 2 1   ? -9.484  7.309   -4.162  1.00 26.43 ? 0   ACE B C   1 
HETATM 1043 O  O   . ACE B 2 1   ? -8.924  6.444   -4.835  1.00 27.07 ? 0   ACE B O   1 
HETATM 1044 C  CH3 . ACE B 2 1   ? -10.950 7.605   -4.345  1.00 28.67 ? 0   ACE B CH3 1 
ATOM   1045 N  N   . MET B 2 2   ? -8.857  8.025   -3.237  1.00 16.60 ? 1   MET B N   1 
ATOM   1046 C  CA  . MET B 2 2   ? -7.432  7.859   -2.965  1.00 16.08 ? 1   MET B CA  1 
ATOM   1047 C  C   . MET B 2 2   ? -7.129  6.548   -2.230  1.00 15.57 ? 1   MET B C   1 
ATOM   1048 O  O   . MET B 2 2   ? -7.991  5.988   -1.544  1.00 13.81 ? 1   MET B O   1 
ATOM   1049 C  CB  . MET B 2 2   ? -6.930  9.018   -2.086  1.00 17.95 ? 1   MET B CB  1 
ATOM   1050 C  CG  . MET B 2 2   ? -7.162  10.407  -2.627  1.00 19.71 ? 1   MET B CG  1 
ATOM   1051 S  SD  . MET B 2 2   ? -6.671  11.640  -1.399  1.00 23.85 ? 1   MET B SD  1 
ATOM   1052 C  CE  . MET B 2 2   ? -4.896  11.553  -1.544  1.00 19.76 ? 1   MET B CE  1 
ATOM   1053 N  N   . GLU B 2 3   ? -5.894  6.070   -2.369  1.00 15.61 ? 2   GLU B N   1 
ATOM   1054 C  CA  . GLU B 2 3   ? -5.463  4.862   -1.673  1.00 14.92 ? 2   GLU B CA  1 
ATOM   1055 C  C   . GLU B 2 3   ? -5.680  5.123   -0.181  1.00 15.20 ? 2   GLU B C   1 
ATOM   1056 O  O   . GLU B 2 3   ? -5.549  6.258   0.273   1.00 15.89 ? 2   GLU B O   1 
ATOM   1057 C  CB  . GLU B 2 3   ? -3.973  4.595   -1.944  1.00 14.50 ? 2   GLU B CB  1 
ATOM   1058 C  CG  . GLU B 2 3   ? -3.682  4.033   -3.327  1.00 15.26 ? 2   GLU B CG  1 
ATOM   1059 C  CD  . GLU B 2 3   ? -4.288  2.657   -3.501  1.00 15.63 ? 2   GLU B CD  1 
ATOM   1060 O  OE1 . GLU B 2 3   ? -3.784  1.699   -2.880  1.00 15.54 ? 2   GLU B OE1 1 
ATOM   1061 O  OE2 . GLU B 2 3   ? -5.281  2.531   -4.240  1.00 15.63 ? 2   GLU B OE2 1 
ATOM   1062 N  N   . GLU B 2 4   ? -6.003  4.081   0.577   1.00 15.41 ? 3   GLU B N   1 
ATOM   1063 C  CA  . GLU B 2 4   ? -6.244  4.214   2.017   1.00 16.51 ? 3   GLU B CA  1 
ATOM   1064 C  C   . GLU B 2 4   ? -4.971  4.145   2.852   1.00 15.77 ? 3   GLU B C   1 
ATOM   1065 O  O   . GLU B 2 4   ? -4.141  3.273   2.631   1.00 14.97 ? 3   GLU B O   1 
ATOM   1066 C  CB  . GLU B 2 4   ? -7.178  3.094   2.500   1.00 19.71 ? 3   GLU B CB  1 
ATOM   1067 C  CG  . GLU B 2 4   ? -8.621  3.217   2.037   1.00 25.47 ? 3   GLU B CG  1 
ATOM   1068 C  CD  . GLU B 2 4   ? -9.459  1.991   2.401   1.00 29.25 ? 3   GLU B CD  1 
ATOM   1069 O  OE1 . GLU B 2 4   ? -9.366  1.512   3.559   1.00 30.05 ? 3   GLU B OE1 1 
ATOM   1070 O  OE2 . GLU B 2 4   ? -10.217 1.514   1.525   1.00 32.05 ? 3   GLU B OE2 1 
ATOM   1071 N  N   . VAL B 2 5   ? -4.815  5.055   3.813   1.00 15.94 ? 4   VAL B N   1 
ATOM   1072 C  CA  . VAL B 2 5   ? -3.651  5.000   4.697   1.00 14.46 ? 4   VAL B CA  1 
ATOM   1073 C  C   . VAL B 2 5   ? -4.115  4.501   6.059   1.00 16.25 ? 4   VAL B C   1 
ATOM   1074 O  O   . VAL B 2 5   ? -5.269  4.718   6.452   1.00 16.95 ? 4   VAL B O   1 
ATOM   1075 C  CB  . VAL B 2 5   ? -2.930  6.358   4.864   1.00 12.41 ? 4   VAL B CB  1 
ATOM   1076 C  CG1 . VAL B 2 5   ? -2.155  6.696   3.586   1.00 11.08 ? 4   VAL B CG1 1 
ATOM   1077 C  CG2 . VAL B 2 5   ? -3.919  7.454   5.210   1.00 12.26 ? 4   VAL B CG2 1 
ATOM   1078 N  N   . ASP B 2 6   ? -3.213  3.836   6.774   1.00 16.26 ? 5   ASP B N   1 
ATOM   1079 C  CA  . ASP B 2 6   ? -3.515  3.262   8.077   1.00 17.99 ? 5   ASP B CA  1 
ATOM   1080 C  C   . ASP B 2 6   ? -2.876  4.038   9.234   1.00 17.70 ? 5   ASP B C   1 
ATOM   1081 O  O   . ASP B 2 6   ? -2.023  4.899   8.964   1.00 17.62 ? 5   ASP B O   1 
ATOM   1082 C  CB  . ASP B 2 6   ? -3.028  1.813   8.097   1.00 19.95 ? 5   ASP B CB  1 
ATOM   1083 C  CG  . ASP B 2 6   ? -3.672  0.975   7.012   1.00 23.79 ? 5   ASP B CG  1 
ATOM   1084 O  OD1 . ASP B 2 6   ? -4.873  0.675   7.148   1.00 23.66 ? 5   ASP B OD1 1 
ATOM   1085 O  OD2 . ASP B 2 6   ? -2.988  0.628   6.015   1.00 26.04 ? 5   ASP B OD2 1 
ATOM   1086 O  OXT . ASP B 2 6   ? -3.233  3.753   10.397  1.00 18.22 ? 5   ASP B OXT 1 
HETATM 1087 NI NI  . NI  C 3 .   ? 5.252   18.979  10.213  1.00 15.14 ? 200 NI  A NI  1 
HETATM 1088 O  O   . HOH D 4 .   ? -2.225  -13.031 -13.752 1.00 14.69 ? 1   HOH A O   1 
HETATM 1089 O  O   . HOH D 4 .   ? -6.270  -6.808  4.626   1.00 11.62 ? 2   HOH A O   1 
HETATM 1090 O  O   . HOH D 4 .   ? -1.031  1.824   4.041   1.00 14.37 ? 3   HOH A O   1 
HETATM 1091 O  O   . HOH D 4 .   ? 7.512   -0.751  -11.443 1.00 15.48 ? 4   HOH A O   1 
HETATM 1092 O  O   . HOH D 4 .   ? 0.013   -14.734 -0.868  1.00 13.42 ? 5   HOH A O   1 
HETATM 1093 O  O   . HOH D 4 .   ? -2.032  -15.723 -9.606  1.00 13.86 ? 6   HOH A O   1 
HETATM 1094 O  O   . HOH D 4 .   ? 8.145   15.592  12.737  1.00 19.90 ? 7   HOH A O   1 
HETATM 1095 O  O   . HOH D 4 .   ? 8.696   1.610   9.657   1.00 18.80 ? 8   HOH A O   1 
HETATM 1096 O  O   . HOH D 4 .   ? -6.159  -6.418  1.868   1.00 13.51 ? 9   HOH A O   1 
HETATM 1097 O  O   . HOH D 4 .   ? -0.700  13.566  15.790  1.00 20.34 ? 10  HOH A O   1 
HETATM 1098 O  O   . HOH D 4 .   ? -2.221  -7.568  -18.869 1.00 20.67 ? 11  HOH A O   1 
HETATM 1099 O  O   . HOH D 4 .   ? 6.119   4.517   -12.415 1.00 17.94 ? 12  HOH A O   1 
HETATM 1100 O  O   . HOH D 4 .   ? 6.543   -8.492  -4.963  1.00 19.20 ? 13  HOH A O   1 
HETATM 1101 O  O   . HOH D 4 .   ? 7.479   18.655  10.930  1.00 13.40 ? 14  HOH A O   1 
HETATM 1102 O  O   . HOH D 4 .   ? 6.179   -11.584 -1.754  1.00 19.23 ? 15  HOH A O   1 
HETATM 1103 O  O   . HOH D 4 .   ? -3.372  -14.507 -11.720 1.00 12.90 ? 16  HOH A O   1 
HETATM 1104 O  O   . HOH D 4 .   ? -9.890  -12.760 -16.962 1.00 17.54 ? 18  HOH A O   1 
HETATM 1105 O  O   . HOH D 4 .   ? 6.667   -11.031 -6.773  1.00 18.51 ? 19  HOH A O   1 
HETATM 1106 O  O   . HOH D 4 .   ? 2.671   18.367  -1.706  1.00 21.30 ? 20  HOH A O   1 
HETATM 1107 O  O   . HOH D 4 .   ? 9.123   -8.056  -0.797  1.00 15.06 ? 21  HOH A O   1 
HETATM 1108 O  O   . HOH D 4 .   ? -13.104 -2.483  -4.782  1.00 25.33 ? 22  HOH A O   1 
HETATM 1109 O  O   . HOH D 4 .   ? 5.853   2.723   -14.293 1.00 17.88 ? 23  HOH A O   1 
HETATM 1110 O  O   . HOH D 4 .   ? -4.130  -1.795  -0.046  1.00 18.75 ? 24  HOH A O   1 
HETATM 1111 O  O   . HOH D 4 .   ? 11.864  -3.055  -3.245  1.00 25.97 ? 26  HOH A O   1 
HETATM 1112 O  O   . HOH D 4 .   ? -5.966  1.036   -9.147  1.00 19.68 ? 27  HOH A O   1 
HETATM 1113 O  O   . HOH D 4 .   ? -16.709 -8.365  -3.025  1.00 22.74 ? 28  HOH A O   1 
HETATM 1114 O  O   . HOH D 4 .   ? 7.935   10.711  -7.315  1.00 22.55 ? 29  HOH A O   1 
HETATM 1115 O  O   . HOH D 4 .   ? 4.168   -3.941  11.040  1.00 19.54 ? 30  HOH A O   1 
HETATM 1116 O  O   . HOH D 4 .   ? 6.310   -5.984  -6.936  1.00 25.88 ? 31  HOH A O   1 
HETATM 1117 O  O   . HOH D 4 .   ? -16.797 -10.754 -0.774  1.00 37.01 ? 32  HOH A O   1 
HETATM 1118 O  O   . HOH D 4 .   ? 10.244  5.594   -9.723  1.00 24.77 ? 33  HOH A O   1 
HETATM 1119 O  O   . HOH D 4 .   ? 7.421   -9.106  -2.644  1.00 20.90 ? 35  HOH A O   1 
HETATM 1120 O  O   . HOH D 4 .   ? 5.761   -6.493  -9.462  1.00 18.47 ? 36  HOH A O   1 
HETATM 1121 O  O   . HOH D 4 .   ? -1.182  -16.617 4.354   1.00 23.87 ? 37  HOH A O   1 
HETATM 1122 O  O   . HOH D 4 .   ? 8.640   6.138   -12.481 1.00 26.34 ? 39  HOH A O   1 
HETATM 1123 O  O   . HOH D 4 .   ? 7.156   -12.219 0.646   1.00 26.07 ? 40  HOH A O   1 
HETATM 1124 O  O   . HOH D 4 .   ? 6.296   14.851  -2.423  1.00 22.95 ? 41  HOH A O   1 
HETATM 1125 O  O   . HOH D 4 .   ? -7.110  19.386  -0.429  1.00 22.10 ? 42  HOH A O   1 
HETATM 1126 O  O   . HOH D 4 .   ? 5.697   20.346  6.330   1.00 20.89 ? 43  HOH A O   1 
HETATM 1127 O  O   . HOH D 4 .   ? -4.543  12.278  -5.184  1.00 34.39 ? 44  HOH A O   1 
HETATM 1128 O  O   . HOH D 4 .   ? 4.453   -10.398 -11.504 1.00 19.73 ? 45  HOH A O   1 
HETATM 1129 O  O   . HOH D 4 .   ? 8.924   15.342  -0.885  1.00 39.08 ? 46  HOH A O   1 
HETATM 1130 O  O   . HOH D 4 .   ? 11.416  13.742  8.056   1.00 23.49 ? 47  HOH A O   1 
HETATM 1131 O  O   . HOH D 4 .   ? 13.104  2.602   8.747   1.00 41.50 ? 48  HOH A O   1 
HETATM 1132 O  O   . HOH D 4 .   ? 8.995   7.736   21.054  1.00 33.66 ? 49  HOH A O   1 
HETATM 1133 O  O   . HOH D 4 .   ? -14.262 -12.218 -16.039 1.00 35.56 ? 50  HOH A O   1 
HETATM 1134 O  O   . HOH D 4 .   ? -12.452 -4.493  1.636   1.00 29.66 ? 51  HOH A O   1 
HETATM 1135 O  O   . HOH D 4 .   ? -2.552  -8.920  10.568  1.00 23.65 ? 52  HOH A O   1 
HETATM 1136 O  O   . HOH D 4 .   ? -15.016 -1.588  -14.485 1.00 18.24 ? 53  HOH A O   1 
HETATM 1137 O  O   . HOH D 4 .   ? -17.674 -4.021  1.933   1.00 39.82 ? 54  HOH A O   1 
HETATM 1138 O  O   . HOH D 4 .   ? -7.959  -5.065  5.534   1.00 25.04 ? 55  HOH A O   1 
HETATM 1139 O  O   . HOH D 4 .   ? -18.790 -6.327  2.734   1.00 42.56 ? 56  HOH A O   1 
HETATM 1140 O  O   . HOH D 4 .   ? 9.587   -10.371 0.945   1.00 26.13 ? 57  HOH A O   1 
HETATM 1141 O  O   . HOH D 4 .   ? 10.204  9.159   0.454   1.00 29.84 ? 58  HOH A O   1 
HETATM 1142 O  O   . HOH D 4 .   ? 6.281   18.495  8.075   1.00 17.30 ? 59  HOH A O   1 
HETATM 1143 O  O   . HOH D 4 .   ? 5.799   21.298  9.816   1.00 18.95 ? 60  HOH A O   1 
HETATM 1144 O  O   . HOH D 4 .   ? -4.795  -0.742  -2.511  1.00 24.90 ? 61  HOH A O   1 
HETATM 1145 O  O   . HOH D 4 .   ? 11.062  1.008   8.446   1.00 29.11 ? 62  HOH A O   1 
HETATM 1146 O  O   . HOH D 4 .   ? 15.763  4.357   13.220  1.00 23.25 ? 63  HOH A O   1 
HETATM 1147 O  O   . HOH D 4 .   ? 4.330   -15.126 -4.046  1.00 27.78 ? 64  HOH A O   1 
HETATM 1148 O  O   . HOH D 4 .   ? 9.913   -0.827  15.500  1.00 34.30 ? 65  HOH A O   1 
HETATM 1149 O  O   . HOH D 4 .   ? 9.683   -7.581  -7.706  1.00 34.00 ? 66  HOH A O   1 
HETATM 1150 O  O   . HOH D 4 .   ? -6.999  9.484   -6.025  1.00 26.37 ? 67  HOH A O   1 
HETATM 1151 O  O   . HOH D 4 .   ? -5.984  20.009  -2.557  1.00 44.81 ? 68  HOH A O   1 
HETATM 1152 O  O   . HOH D 4 .   ? 12.922  7.538   8.063   1.00 21.27 ? 69  HOH A O   1 
HETATM 1153 O  O   . HOH D 4 .   ? 11.907  -10.379 5.158   1.00 36.57 ? 70  HOH A O   1 
HETATM 1154 O  O   . HOH D 4 .   ? -5.583  -16.114 -4.060  1.00 26.33 ? 71  HOH A O   1 
HETATM 1155 O  O   . HOH D 4 .   ? 12.079  13.121  5.413   1.00 29.23 ? 72  HOH A O   1 
HETATM 1156 O  O   . HOH D 4 .   ? -20.913 -6.798  -18.477 1.00 33.72 ? 73  HOH A O   1 
HETATM 1157 O  O   . HOH D 4 .   ? 2.661   -14.479 -1.728  1.00 24.16 ? 74  HOH A O   1 
HETATM 1158 O  O   . HOH D 4 .   ? 10.789  11.435  19.614  1.00 39.91 ? 75  HOH A O   1 
HETATM 1159 O  O   . HOH D 4 .   ? 11.245  -6.543  12.509  1.00 48.55 ? 76  HOH A O   1 
HETATM 1160 O  O   . HOH D 4 .   ? -15.017 -11.266 -13.285 1.00 31.36 ? 77  HOH A O   1 
HETATM 1161 O  O   . HOH D 4 .   ? -12.064 -6.480  5.401   1.00 32.09 ? 79  HOH A O   1 
HETATM 1162 O  O   . HOH D 4 .   ? 13.065  -2.966  10.218  1.00 25.84 ? 81  HOH A O   1 
HETATM 1163 O  O   . HOH D 4 .   ? 0.867   15.479  17.235  1.00 32.35 ? 82  HOH A O   1 
HETATM 1164 O  O   . HOH D 4 .   ? -7.797  -3.181  -4.603  1.00 28.40 ? 83  HOH A O   1 
HETATM 1165 O  O   . HOH D 4 .   ? -1.567  -6.567  9.931   1.00 26.31 ? 84  HOH A O   1 
HETATM 1166 O  O   . HOH D 4 .   ? -16.807 -5.225  -13.820 1.00 40.81 ? 85  HOH A O   1 
HETATM 1167 O  O   . HOH D 4 .   ? 12.641  2.421   1.725   1.00 31.93 ? 86  HOH A O   1 
HETATM 1168 O  O   . HOH D 4 .   ? 9.760   12.318  -3.222  1.00 31.03 ? 87  HOH A O   1 
HETATM 1169 O  O   . HOH D 4 .   ? -19.218 -10.678 1.170   1.00 45.99 ? 88  HOH A O   1 
HETATM 1170 O  O   . HOH D 4 .   ? -8.712  -0.264  -20.058 0.50 35.72 ? 90  HOH A O   1 
HETATM 1171 O  O   . HOH D 4 .   ? 2.585   4.867   -15.729 1.00 27.71 ? 91  HOH A O   1 
HETATM 1172 O  O   . HOH D 4 .   ? -0.138  17.823  -4.487  1.00 33.66 ? 92  HOH A O   1 
HETATM 1173 O  O   . HOH D 4 .   ? 12.904  -5.539  10.018  1.00 39.25 ? 93  HOH A O   1 
HETATM 1174 O  O   . HOH D 4 .   ? -1.717  10.377  -10.524 1.00 34.30 ? 94  HOH A O   1 
HETATM 1175 O  O   . HOH D 4 .   ? -17.685 -9.527  -5.159  1.00 25.92 ? 95  HOH A O   1 
HETATM 1176 O  O   . HOH D 4 .   ? 10.753  13.575  1.608   1.00 48.00 ? 96  HOH A O   1 
HETATM 1177 O  O   . HOH D 4 .   ? 11.632  8.940   -4.418  1.00 32.71 ? 97  HOH A O   1 
HETATM 1178 O  O   . HOH D 4 .   ? -7.457  5.815   -9.173  1.00 25.01 ? 98  HOH A O   1 
HETATM 1179 O  O   . HOH D 4 .   ? -12.105 -9.169  5.164   1.00 26.82 ? 99  HOH A O   1 
HETATM 1180 O  O   . HOH D 4 .   ? -7.509  0.994   -15.682 1.00 46.21 ? 100 HOH A O   1 
HETATM 1181 O  O   . HOH D 4 .   ? 7.565   6.398   18.866  1.00 28.98 ? 101 HOH A O   1 
HETATM 1182 O  O   . HOH D 4 .   ? -6.617  -3.690  0.986   1.00 25.94 ? 102 HOH A O   1 
HETATM 1183 O  O   . HOH D 4 .   ? -16.718 -12.777 -15.863 1.00 36.13 ? 103 HOH A O   1 
HETATM 1184 O  O   . HOH D 4 .   ? -16.814 -7.109  -11.938 1.00 29.93 ? 104 HOH A O   1 
HETATM 1185 O  O   . HOH D 4 .   ? 14.351  -1.810  -3.673  1.00 38.38 ? 106 HOH A O   1 
HETATM 1186 O  O   . HOH D 4 .   ? -5.671  -5.683  11.675  1.00 25.13 ? 107 HOH A O   1 
HETATM 1187 O  O   . HOH D 4 .   ? 12.435  15.186  3.297   1.00 34.76 ? 108 HOH A O   1 
HETATM 1188 O  O   . HOH D 4 .   ? 12.516  -3.491  3.541   1.00 35.09 ? 109 HOH A O   1 
HETATM 1189 O  O   . HOH D 4 .   ? 4.018   13.870  -8.885  1.00 39.44 ? 110 HOH A O   1 
HETATM 1190 O  O   . HOH D 4 .   ? 8.694   16.627  9.944   1.00 40.14 ? 111 HOH A O   1 
HETATM 1191 O  O   . HOH D 4 .   ? -2.008  7.345   16.551  1.00 40.32 ? 112 HOH A O   1 
HETATM 1192 O  O   . HOH D 4 .   ? 0.053   2.087   12.812  1.00 28.23 ? 114 HOH A O   1 
HETATM 1193 O  O   . HOH D 4 .   ? 14.697  5.261   8.392   1.00 29.24 ? 115 HOH A O   1 
HETATM 1194 O  O   . HOH D 4 .   ? 14.418  14.088  9.926   1.00 38.49 ? 116 HOH A O   1 
HETATM 1195 O  O   . HOH D 4 .   ? 17.313  -1.183  -4.357  1.00 28.76 ? 117 HOH A O   1 
HETATM 1196 O  O   . HOH D 4 .   ? -10.925 17.288  7.134   1.00 40.82 ? 118 HOH A O   1 
HETATM 1197 O  O   . HOH D 4 .   ? -8.894  -0.355  -5.252  1.00 35.80 ? 119 HOH A O   1 
HETATM 1198 O  O   . HOH D 4 .   ? 14.424  4.163   -5.409  1.00 40.66 ? 120 HOH A O   1 
HETATM 1199 O  O   . HOH D 4 .   ? -5.643  4.523   -15.623 1.00 34.94 ? 121 HOH A O   1 
HETATM 1200 O  O   . HOH D 4 .   ? -4.490  4.651   -22.090 1.00 41.17 ? 122 HOH A O   1 
HETATM 1201 O  O   . HOH D 4 .   ? 5.541   2.098   18.571  1.00 44.36 ? 123 HOH A O   1 
HETATM 1202 O  O   . HOH D 4 .   ? -18.040 -8.524  -9.452  1.00 34.55 ? 125 HOH A O   1 
HETATM 1203 O  O   . HOH D 4 .   ? 15.144  -2.414  11.582  1.00 25.81 ? 128 HOH A O   1 
HETATM 1204 O  O   . HOH D 4 .   ? -10.034 -15.484 -20.048 1.00 33.89 ? 129 HOH A O   1 
HETATM 1205 O  O   . HOH D 4 .   ? -2.046  7.885   -9.327  1.00 27.68 ? 130 HOH A O   1 
HETATM 1206 O  O   . HOH D 4 .   ? 1.323   -14.496 5.977   1.00 40.90 ? 131 HOH A O   1 
HETATM 1207 O  O   . HOH D 4 .   ? -19.440 -5.725  -14.903 1.00 40.71 ? 132 HOH A O   1 
HETATM 1208 O  O   . HOH D 4 .   ? -9.914  -14.190 -7.625  1.00 32.54 ? 133 HOH A O   1 
HETATM 1209 O  O   . HOH D 4 .   ? -8.814  12.761  1.363   1.00 38.51 ? 134 HOH A O   1 
HETATM 1210 O  O   . HOH D 4 .   ? -4.274  -3.254  -21.117 1.00 34.92 ? 135 HOH A O   1 
HETATM 1211 O  O   . HOH D 4 .   ? -9.728  13.630  -2.569  1.00 51.14 ? 136 HOH A O   1 
HETATM 1212 O  O   . HOH D 4 .   ? -2.513  -5.464  -19.845 1.00 41.59 ? 137 HOH A O   1 
HETATM 1213 O  O   . HOH D 4 .   ? -16.186 -5.988  -9.760  1.00 29.13 ? 138 HOH A O   1 
HETATM 1214 O  O   . HOH D 4 .   ? -2.763  3.811   14.629  1.00 32.90 ? 139 HOH A O   1 
HETATM 1215 O  O   . HOH D 4 .   ? 2.130   8.155   -13.790 1.00 32.85 ? 140 HOH A O   1 
HETATM 1216 O  O   . HOH D 4 .   ? 10.980  11.118  2.173   1.00 36.73 ? 142 HOH A O   1 
HETATM 1217 O  O   . HOH D 4 .   ? -5.002  -9.738  12.454  1.00 28.82 ? 143 HOH A O   1 
HETATM 1218 O  O   . HOH D 4 .   ? -8.194  -14.444 -10.551 1.00 22.82 ? 144 HOH A O   1 
HETATM 1219 O  O   . HOH D 4 .   ? 3.409   15.506  18.092  1.00 45.77 ? 145 HOH A O   1 
HETATM 1220 O  O   . HOH D 4 .   ? -3.435  14.172  14.457  1.00 47.99 ? 146 HOH A O   1 
HETATM 1221 O  O   . HOH D 4 .   ? 7.627   20.429  4.246   1.00 36.22 ? 148 HOH A O   1 
HETATM 1222 O  O   . HOH D 4 .   ? -5.954  -0.815  -21.851 1.00 37.54 ? 149 HOH A O   1 
HETATM 1223 O  O   . HOH D 4 .   ? -6.299  -3.677  9.242   1.00 53.54 ? 150 HOH A O   1 
HETATM 1224 O  O   . HOH D 4 .   ? 13.376  0.823   -7.989  1.00 44.75 ? 151 HOH A O   1 
HETATM 1225 O  O   . HOH D 4 .   ? 9.383   13.261  16.599  1.00 33.70 ? 152 HOH A O   1 
HETATM 1226 O  O   . HOH E 4 .   ? -7.411  6.581   4.080   1.00 20.85 ? 17  HOH B O   1 
HETATM 1227 O  O   . HOH E 4 .   ? -6.249  1.660   -0.619  1.00 18.22 ? 25  HOH B O   1 
HETATM 1228 O  O   . HOH E 4 .   ? -6.883  4.119   -5.697  1.00 30.88 ? 34  HOH B O   1 
HETATM 1229 O  O   . HOH E 4 .   ? -5.453  -0.765  2.072   1.00 23.28 ? 38  HOH B O   1 
HETATM 1230 O  O   . HOH E 4 .   ? -10.090 3.754   -2.354  1.00 33.91 ? 78  HOH B O   1 
HETATM 1231 O  O   . HOH E 4 .   ? -7.466  1.470   -3.091  1.00 38.86 ? 80  HOH B O   1 
HETATM 1232 O  O   . HOH E 4 .   ? -4.579  0.766   3.870   1.00 31.70 ? 89  HOH B O   1 
HETATM 1233 O  O   . HOH E 4 .   ? -10.738 9.534   -0.928  1.00 46.26 ? 105 HOH B O   1 
HETATM 1234 O  O   . HOH E 4 .   ? -7.412  3.168   6.699   1.00 48.50 ? 124 HOH B O   1 
HETATM 1235 O  O   . HOH E 4 .   ? -7.509  7.975   1.626   1.00 35.84 ? 126 HOH B O   1 
HETATM 1236 O  O   . HOH E 4 .   ? -6.778  7.375   -7.347  1.00 36.62 ? 127 HOH B O   1 
HETATM 1237 O  O   . HOH E 4 .   ? -6.628  6.413   8.532   1.00 36.82 ? 141 HOH B O   1 
HETATM 1238 O  O   . HOH E 4 .   ? -7.184  3.305   -8.091  1.00 28.86 ? 147 HOH B O   1 
# 
